data_9GSP
#
_entry.id   9GSP
#
_cell.length_a   1.00
_cell.length_b   1.00
_cell.length_c   1.00
_cell.angle_alpha   90.00
_cell.angle_beta   90.00
_cell.angle_gamma   90.00
#
_symmetry.space_group_name_H-M   'P 1'
#
loop_
_entity.id
_entity.type
_entity.pdbx_description
1 polymer Hemagglutinin
2 branched 2-acetamido-2-deoxy-beta-D-glucopyranose-(1-4)-2-acetamido-2-deoxy-beta-D-glucopyranose
3 branched beta-D-mannopyranose-(1-4)-2-acetamido-2-deoxy-beta-D-glucopyranose-(1-4)-2-acetamido-2-deoxy-beta-D-glucopyranose
4 non-polymer 2-acetamido-2-deoxy-beta-D-glucopyranose
#
_entity_poly.entity_id   1
_entity_poly.type   'polypeptide(L)'
_entity_poly.pdbx_seq_one_letter_code
;MKAILVVMLYTFTTANADTLCIGYHANNSTDTVDTVLEKNVTVTHSVNLLEDKHNGKLCKLRGVAPLHLGKCNIAGWILG
NPECESLSTARSWSYIVETSNSDNGTCYPGDFINYEELREQLSSVSSFERFEIFPKTSSWPNHDSDNGVTAACPHAGAKS
FYKNLIWLVKKGKSYPKINQTYINDKGKEVLVLWGIHHPPTIADQQSLYQNADAYVFVGTSRYSKKFKPEIATRPKVRDR
EGRMNYYWTLVEPGDKITFEATGNLVAPRYAFTMERDAGSGIIISDTPVHDCNTTCQTPEGAINTSLPFQNVHPITIGKC
PKYVKSTKLRLATGLRNVPSIQSRGLFGAIAGFIEGGWTGMVDGWYGYHHQNEQGSGYAADLKSTQNAIDKITNKVNSVI
EKMNTQFTAVGKEFNHLEKRIENLNKKVDDGFLDIWTYNAELLVLLENERTLDYHDSNVKNLYEKVRNQLKNNAKEIGNG
CFEFYHKCDNTCMESVKNGTYDYPKYSEEAKLNREKIDGVKLDSTRIYQILAIYSTVASSLVLVVSLGAISFWMCSNGSL
QCRICI
;
_entity_poly.pdbx_strand_id   A,B,C
#
# COMPACT_ATOMS: atom_id res chain seq x y z
N ASP A 18 35.57 22.93 48.61
CA ASP A 18 34.10 22.85 48.33
C ASP A 18 33.82 21.81 47.24
N THR A 19 32.68 21.94 46.57
CA THR A 19 32.18 20.89 45.69
C THR A 19 32.07 21.41 44.27
N LEU A 20 32.20 20.47 43.34
CA LEU A 20 31.78 20.63 41.95
C LEU A 20 30.72 19.58 41.67
N CYS A 21 29.59 20.02 41.16
CA CYS A 21 28.42 19.17 40.98
C CYS A 21 27.97 19.25 39.53
N ILE A 22 27.48 18.14 39.00
CA ILE A 22 27.23 18.00 37.58
C ILE A 22 25.85 17.41 37.38
N GLY A 23 25.12 17.95 36.42
CA GLY A 23 23.76 17.50 36.17
C GLY A 23 23.15 18.38 35.11
N TYR A 24 21.84 18.56 35.20
CA TYR A 24 21.16 19.18 34.07
C TYR A 24 19.99 20.05 34.50
N HIS A 25 19.72 21.03 33.64
CA HIS A 25 18.58 21.93 33.78
C HIS A 25 17.27 21.16 33.89
N ALA A 26 16.52 21.45 34.95
CA ALA A 26 15.17 20.95 35.12
C ALA A 26 14.19 22.11 35.20
N ASN A 27 12.99 21.92 34.66
CA ASN A 27 12.16 22.99 34.15
C ASN A 27 10.74 22.85 34.67
N ASN A 28 10.00 23.95 34.72
CA ASN A 28 8.70 23.93 35.39
C ASN A 28 7.62 23.23 34.58
N SER A 29 7.85 22.91 33.29
CA SER A 29 6.75 22.46 32.45
C SER A 29 6.37 21.01 32.73
N THR A 30 5.13 20.68 32.34
CA THR A 30 4.61 19.30 32.40
C THR A 30 4.37 18.70 31.02
N ASP A 31 5.30 18.89 30.09
CA ASP A 31 5.22 18.24 28.79
C ASP A 31 5.65 16.78 28.93
N THR A 32 4.87 15.87 28.33
CA THR A 32 5.07 14.44 28.55
C THR A 32 5.28 13.72 27.23
N VAL A 33 6.11 12.67 27.29
CA VAL A 33 6.42 11.80 26.18
C VAL A 33 6.28 10.37 26.66
N ASP A 34 5.76 9.49 25.80
CA ASP A 34 5.85 8.05 26.04
C ASP A 34 7.16 7.48 25.52
N THR A 35 7.69 6.53 26.27
CA THR A 35 8.86 5.76 25.87
C THR A 35 8.49 4.29 25.97
N VAL A 36 9.08 3.46 25.10
CA VAL A 36 8.71 2.05 25.08
C VAL A 36 8.98 1.39 26.44
N LEU A 37 10.01 1.85 27.15
CA LEU A 37 10.27 1.33 28.50
C LEU A 37 9.35 1.90 29.57
N GLU A 38 8.83 3.10 29.41
CA GLU A 38 8.18 3.79 30.53
C GLU A 38 7.16 4.74 29.97
N LYS A 39 5.90 4.54 30.34
CA LYS A 39 4.83 5.45 29.96
C LYS A 39 4.83 6.78 30.71
N ASN A 40 4.28 7.77 30.03
CA ASN A 40 3.71 8.97 30.64
C ASN A 40 4.74 9.83 31.35
N VAL A 41 6.02 9.68 31.00
CA VAL A 41 7.10 10.41 31.65
C VAL A 41 7.18 11.85 31.13
N THR A 42 7.64 12.75 31.99
CA THR A 42 7.82 14.17 31.67
C THR A 42 9.22 14.48 31.16
N VAL A 43 9.29 15.33 30.13
CA VAL A 43 10.56 15.81 29.59
C VAL A 43 10.52 17.33 29.50
N THR A 44 11.69 17.95 29.67
CA THR A 44 11.76 19.39 29.83
C THR A 44 11.34 20.15 28.58
N HIS A 45 11.58 19.60 27.40
CA HIS A 45 11.20 20.26 26.16
C HIS A 45 10.98 19.20 25.09
N SER A 46 10.03 19.46 24.20
CA SER A 46 9.69 18.45 23.21
C SER A 46 9.21 19.12 21.93
N VAL A 47 9.31 18.36 20.84
CA VAL A 47 8.83 18.81 19.53
C VAL A 47 7.64 17.94 19.16
N ASN A 48 6.48 18.55 19.08
CA ASN A 48 5.26 17.87 18.65
C ASN A 48 5.28 17.73 17.13
N LEU A 49 5.19 16.50 16.65
CA LEU A 49 5.12 16.19 15.23
C LEU A 49 3.71 16.03 14.69
N LEU A 50 2.67 16.07 15.51
CA LEU A 50 1.32 15.81 15.04
C LEU A 50 0.48 17.07 15.17
N GLU A 51 -0.04 17.55 14.03
CA GLU A 51 -0.92 18.72 13.99
C GLU A 51 -2.30 18.37 14.55
N ASP A 52 -2.57 18.80 15.77
CA ASP A 52 -3.93 18.69 16.28
C ASP A 52 -4.84 19.79 15.76
N LYS A 53 -4.30 20.88 15.23
CA LYS A 53 -5.04 22.11 15.01
C LYS A 53 -4.99 22.56 13.56
N HIS A 54 -6.08 23.13 13.08
CA HIS A 54 -6.15 23.64 11.73
C HIS A 54 -6.80 25.02 11.70
N ASN A 55 -6.56 25.74 10.61
CA ASN A 55 -6.87 27.16 10.50
C ASN A 55 -8.31 27.45 10.11
N GLY A 56 -9.15 26.43 9.99
CA GLY A 56 -10.59 26.66 9.91
C GLY A 56 -11.10 27.33 8.65
N LYS A 57 -10.33 27.38 7.57
CA LYS A 57 -10.69 28.13 6.39
C LYS A 57 -10.45 27.30 5.13
N LEU A 58 -11.13 27.67 4.05
CA LEU A 58 -10.78 27.19 2.72
C LEU A 58 -10.04 28.32 2.01
N CYS A 59 -8.91 27.99 1.41
CA CYS A 59 -7.85 28.98 1.27
C CYS A 59 -7.25 28.97 -0.13
N LYS A 60 -6.58 30.05 -0.47
CA LYS A 60 -5.78 30.10 -1.70
C LYS A 60 -4.63 29.11 -1.61
N LEU A 61 -4.47 28.31 -2.66
CA LEU A 61 -3.56 27.19 -2.67
C LEU A 61 -2.67 27.26 -3.90
N ARG A 62 -1.38 26.98 -3.72
CA ARG A 62 -0.47 26.80 -4.84
C ARG A 62 -0.48 28.02 -5.76
N GLY A 63 -0.70 29.21 -5.17
CA GLY A 63 -0.73 30.45 -5.89
C GLY A 63 -2.04 30.81 -6.59
N VAL A 64 -3.09 30.01 -6.43
CA VAL A 64 -4.34 30.27 -7.14
C VAL A 64 -5.52 29.96 -6.23
N ALA A 65 -6.64 30.57 -6.53
CA ALA A 65 -7.83 30.36 -5.73
C ALA A 65 -8.42 28.98 -6.00
N PRO A 66 -9.27 28.50 -5.10
CA PRO A 66 -10.20 27.42 -5.45
C PRO A 66 -11.39 27.94 -6.25
N LEU A 67 -12.04 27.01 -6.90
CA LEU A 67 -13.40 27.21 -7.41
C LEU A 67 -14.37 26.83 -6.31
N HIS A 68 -15.22 27.77 -5.91
CA HIS A 68 -16.23 27.53 -4.90
C HIS A 68 -17.61 27.59 -5.53
N LEU A 69 -18.34 26.49 -5.46
CA LEU A 69 -19.57 26.32 -6.21
C LEU A 69 -20.82 26.59 -5.40
N GLY A 70 -20.68 26.88 -4.11
CA GLY A 70 -21.83 27.25 -3.30
C GLY A 70 -22.98 26.28 -3.42
N LYS A 71 -24.18 26.83 -3.59
CA LYS A 71 -25.42 26.06 -3.62
C LYS A 71 -25.55 25.05 -4.75
N CYS A 72 -24.60 24.98 -5.68
CA CYS A 72 -24.76 24.16 -6.87
C CYS A 72 -23.55 23.27 -7.10
N ASN A 73 -23.81 22.03 -7.48
CA ASN A 73 -22.80 21.00 -7.69
C ASN A 73 -22.28 21.00 -9.13
N ILE A 74 -21.18 20.26 -9.37
CA ILE A 74 -20.57 20.21 -10.70
C ILE A 74 -21.55 19.81 -11.79
N ALA A 75 -22.46 18.88 -11.50
CA ALA A 75 -23.45 18.52 -12.50
C ALA A 75 -24.54 19.55 -12.68
N GLY A 76 -24.49 20.66 -11.96
CA GLY A 76 -25.26 21.84 -12.28
C GLY A 76 -24.44 23.02 -12.77
N TRP A 77 -23.22 23.17 -12.27
CA TRP A 77 -22.36 24.23 -12.76
C TRP A 77 -22.01 24.06 -14.22
N ILE A 78 -21.53 22.88 -14.62
CA ILE A 78 -21.13 22.73 -16.02
C ILE A 78 -22.34 22.86 -16.92
N LEU A 79 -23.51 22.42 -16.46
CA LEU A 79 -24.73 22.72 -17.21
C LEU A 79 -25.16 24.18 -17.06
N GLY A 80 -24.69 24.87 -16.03
CA GLY A 80 -25.16 26.21 -15.73
C GLY A 80 -26.62 26.17 -15.34
N ASN A 81 -26.93 25.53 -14.23
CA ASN A 81 -28.27 25.56 -13.68
C ASN A 81 -28.71 27.01 -13.48
N PRO A 82 -29.95 27.35 -13.77
CA PRO A 82 -30.47 28.69 -13.44
C PRO A 82 -30.16 29.20 -12.03
N GLU A 83 -30.19 28.34 -11.02
CA GLU A 83 -29.91 28.73 -9.64
C GLU A 83 -28.43 28.81 -9.33
N CYS A 84 -27.57 28.71 -10.33
CA CYS A 84 -26.13 28.80 -10.15
C CYS A 84 -25.58 29.79 -11.17
N GLU A 85 -25.02 30.90 -10.68
CA GLU A 85 -24.59 31.98 -11.55
C GLU A 85 -23.37 32.63 -10.92
N SER A 86 -22.23 32.47 -11.58
CA SER A 86 -20.99 33.14 -11.16
C SER A 86 -20.01 33.12 -12.31
N LEU A 87 -18.98 33.94 -12.19
CA LEU A 87 -17.76 33.70 -12.96
C LEU A 87 -17.10 32.43 -12.45
N SER A 88 -16.22 31.86 -13.25
CA SER A 88 -15.30 30.90 -12.68
C SER A 88 -14.51 31.59 -11.58
N THR A 89 -14.55 31.03 -10.37
CA THR A 89 -13.95 31.72 -9.23
C THR A 89 -12.52 32.17 -9.51
N ALA A 90 -11.81 31.44 -10.36
CA ALA A 90 -10.55 31.94 -10.91
C ALA A 90 -10.33 31.33 -12.28
N ARG A 91 -9.76 32.11 -13.18
CA ARG A 91 -9.40 31.56 -14.49
C ARG A 91 -8.35 30.47 -14.36
N SER A 92 -7.82 30.24 -13.17
CA SER A 92 -7.05 29.06 -12.83
C SER A 92 -7.39 28.70 -11.39
N TRP A 93 -7.62 27.42 -11.12
CA TRP A 93 -8.03 27.02 -9.79
C TRP A 93 -7.38 25.70 -9.42
N SER A 94 -7.13 25.51 -8.13
CA SER A 94 -6.42 24.35 -7.64
C SER A 94 -7.31 23.28 -7.00
N TYR A 95 -8.59 23.54 -6.79
CA TYR A 95 -9.52 22.49 -6.40
C TYR A 95 -10.95 22.97 -6.57
N ILE A 96 -11.89 22.03 -6.52
CA ILE A 96 -13.32 22.35 -6.52
C ILE A 96 -13.83 22.14 -5.11
N VAL A 97 -14.65 23.07 -4.65
CA VAL A 97 -15.32 23.00 -3.37
C VAL A 97 -16.82 23.06 -3.59
N GLU A 98 -17.54 22.09 -3.05
CA GLU A 98 -18.99 22.16 -2.98
C GLU A 98 -19.38 22.33 -1.53
N THR A 99 -20.39 23.15 -1.27
CA THR A 99 -20.86 23.28 0.08
C THR A 99 -21.59 22.01 0.50
N SER A 100 -21.65 21.80 1.81
CA SER A 100 -22.24 20.57 2.35
C SER A 100 -23.72 20.42 1.99
N ASN A 101 -24.45 21.53 1.89
CA ASN A 101 -25.62 21.59 1.03
C ASN A 101 -25.25 21.87 -0.42
N SER A 102 -25.58 20.94 -1.32
CA SER A 102 -25.39 21.09 -2.76
C SER A 102 -26.55 20.42 -3.48
N ASP A 103 -27.77 20.77 -3.08
CA ASP A 103 -28.94 20.04 -3.58
C ASP A 103 -29.25 20.35 -5.04
N ASN A 104 -28.88 21.52 -5.54
CA ASN A 104 -29.07 21.81 -6.95
C ASN A 104 -28.03 21.13 -7.83
N GLY A 105 -28.49 20.70 -9.00
CA GLY A 105 -27.75 19.80 -9.85
C GLY A 105 -28.48 19.55 -11.15
N THR A 106 -28.59 18.29 -11.54
CA THR A 106 -29.25 17.92 -12.78
C THR A 106 -30.76 17.97 -12.54
N CYS A 107 -31.26 19.20 -12.43
CA CYS A 107 -32.62 19.44 -12.00
C CYS A 107 -33.65 18.84 -12.94
N TYR A 108 -33.25 18.47 -14.15
CA TYR A 108 -34.02 17.56 -14.99
C TYR A 108 -33.43 16.17 -14.91
N PRO A 109 -34.15 15.16 -14.43
CA PRO A 109 -33.50 13.97 -13.87
C PRO A 109 -32.93 13.04 -14.92
N GLY A 110 -31.94 12.27 -14.51
CA GLY A 110 -31.31 11.27 -15.36
C GLY A 110 -29.81 11.23 -15.15
N ASP A 111 -29.22 10.09 -15.50
CA ASP A 111 -27.84 9.82 -15.10
C ASP A 111 -26.87 10.62 -15.95
N PHE A 112 -25.98 11.34 -15.28
CA PHE A 112 -24.86 12.01 -15.93
C PHE A 112 -23.76 10.97 -16.14
N ILE A 113 -23.50 10.61 -17.40
CA ILE A 113 -22.77 9.40 -17.75
C ILE A 113 -21.28 9.61 -17.60
N ASN A 114 -20.61 8.68 -16.91
CA ASN A 114 -19.22 8.88 -16.50
C ASN A 114 -19.05 10.12 -15.66
N TYR A 115 -20.10 10.50 -14.94
CA TYR A 115 -20.07 11.71 -14.14
C TYR A 115 -18.92 11.74 -13.13
N GLU A 116 -18.62 10.61 -12.50
CA GLU A 116 -17.48 10.56 -11.60
C GLU A 116 -16.14 10.69 -12.32
N GLU A 117 -16.11 10.48 -13.63
CA GLU A 117 -14.89 10.72 -14.40
C GLU A 117 -14.73 12.18 -14.80
N LEU A 118 -15.79 12.82 -15.27
CA LEU A 118 -15.76 14.26 -15.50
C LEU A 118 -15.36 15.01 -14.25
N ARG A 119 -15.89 14.61 -13.10
CA ARG A 119 -15.51 15.20 -11.82
C ARG A 119 -14.03 15.09 -11.51
N GLU A 120 -13.31 14.12 -12.09
CA GLU A 120 -11.86 14.09 -11.94
C GLU A 120 -11.14 15.06 -12.89
N GLN A 121 -11.46 15.02 -14.18
CA GLN A 121 -10.72 15.84 -15.14
C GLN A 121 -10.88 17.32 -14.85
N LEU A 122 -12.06 17.74 -14.40
CA LEU A 122 -12.30 19.12 -14.01
C LEU A 122 -11.62 19.56 -12.72
N SER A 123 -11.10 18.65 -11.90
CA SER A 123 -10.82 19.05 -10.54
C SER A 123 -9.81 20.18 -10.47
N SER A 124 -8.90 20.26 -11.45
CA SER A 124 -7.96 21.36 -11.55
C SER A 124 -7.79 21.71 -13.01
N VAL A 125 -7.77 23.00 -13.33
CA VAL A 125 -7.50 23.46 -14.68
C VAL A 125 -6.53 24.62 -14.63
N SER A 126 -5.57 24.62 -15.53
CA SER A 126 -4.61 25.70 -15.65
C SER A 126 -5.12 26.82 -16.54
N SER A 127 -6.26 26.63 -17.21
CA SER A 127 -7.04 27.70 -17.82
C SER A 127 -8.42 27.13 -18.07
N PHE A 128 -9.42 28.01 -18.10
CA PHE A 128 -10.73 27.58 -18.55
C PHE A 128 -11.51 28.80 -18.98
N GLU A 129 -12.16 28.73 -20.13
CA GLU A 129 -12.92 29.86 -20.67
C GLU A 129 -14.17 29.32 -21.32
N ARG A 130 -15.34 29.71 -20.82
CA ARG A 130 -16.57 29.35 -21.52
C ARG A 130 -16.69 30.17 -22.80
N PHE A 131 -16.85 29.47 -23.92
CA PHE A 131 -16.90 30.12 -25.21
C PHE A 131 -17.94 29.46 -26.12
N GLU A 132 -18.70 30.30 -26.81
CA GLU A 132 -19.99 29.96 -27.42
C GLU A 132 -19.81 29.33 -28.80
N ILE A 133 -19.10 28.21 -28.82
CA ILE A 133 -18.67 27.58 -30.07
C ILE A 133 -19.81 27.36 -31.05
N PHE A 134 -21.05 27.21 -30.58
CA PHE A 134 -22.22 27.11 -31.44
C PHE A 134 -23.22 28.19 -31.06
N PRO A 135 -22.97 29.43 -31.47
CA PRO A 135 -23.65 30.57 -30.83
C PRO A 135 -25.13 30.56 -31.11
N LYS A 136 -25.89 31.02 -30.12
CA LYS A 136 -27.34 30.96 -30.19
C LYS A 136 -27.88 31.76 -31.38
N THR A 137 -27.14 32.76 -31.85
CA THR A 137 -27.53 33.53 -33.04
C THR A 137 -27.38 32.74 -34.34
N SER A 138 -28.49 32.18 -34.80
CA SER A 138 -28.66 31.60 -36.14
C SER A 138 -27.69 30.48 -36.46
N SER A 139 -27.03 29.87 -35.48
CA SER A 139 -26.43 28.58 -35.76
C SER A 139 -27.48 27.50 -35.96
N TRP A 140 -28.74 27.79 -35.63
CA TRP A 140 -29.79 26.78 -35.62
C TRP A 140 -30.99 27.24 -36.47
N PRO A 141 -30.76 27.56 -37.74
CA PRO A 141 -31.90 27.82 -38.64
C PRO A 141 -32.88 26.65 -38.67
N ASN A 142 -34.12 26.97 -39.06
CA ASN A 142 -35.18 25.98 -39.27
C ASN A 142 -35.54 25.21 -38.00
N HIS A 143 -35.06 25.64 -36.83
CA HIS A 143 -35.27 24.91 -35.60
C HIS A 143 -35.60 25.89 -34.49
N ASP A 144 -36.18 25.36 -33.42
CA ASP A 144 -36.43 26.14 -32.22
C ASP A 144 -35.18 26.19 -31.35
N SER A 145 -34.99 27.34 -30.69
CA SER A 145 -34.07 27.42 -29.56
C SER A 145 -34.56 28.41 -28.51
N ASP A 146 -35.77 28.94 -28.64
CA ASP A 146 -36.38 29.82 -27.64
C ASP A 146 -37.16 29.06 -26.57
N ASN A 147 -37.95 28.07 -26.98
CA ASN A 147 -39.02 27.54 -26.15
C ASN A 147 -38.71 26.15 -25.58
N GLY A 148 -37.48 25.68 -25.74
CA GLY A 148 -37.04 24.49 -25.05
C GLY A 148 -36.83 24.78 -23.58
N VAL A 149 -37.92 24.84 -22.81
CA VAL A 149 -37.87 25.19 -21.40
C VAL A 149 -38.85 24.31 -20.63
N THR A 150 -38.62 24.21 -19.32
CA THR A 150 -39.34 23.27 -18.50
C THR A 150 -39.57 23.86 -17.12
N ALA A 151 -40.61 23.35 -16.45
CA ALA A 151 -40.91 23.66 -15.06
C ALA A 151 -39.96 22.99 -14.06
N ALA A 152 -39.15 22.03 -14.50
CA ALA A 152 -38.28 21.30 -13.58
C ALA A 152 -37.11 22.13 -13.08
N CYS A 153 -36.82 23.27 -13.70
CA CYS A 153 -35.67 24.11 -13.31
C CYS A 153 -36.08 25.57 -13.31
N PRO A 154 -37.08 25.92 -12.51
CA PRO A 154 -37.83 27.17 -12.75
C PRO A 154 -37.10 28.42 -12.28
N HIS A 155 -37.48 29.53 -12.89
CA HIS A 155 -37.12 30.87 -12.46
C HIS A 155 -38.30 31.80 -12.67
N ALA A 156 -38.45 32.76 -11.76
CA ALA A 156 -39.57 33.70 -11.75
C ALA A 156 -40.94 33.01 -11.77
N GLY A 157 -40.99 31.72 -11.47
CA GLY A 157 -42.20 30.95 -11.66
C GLY A 157 -42.51 30.60 -13.10
N ALA A 158 -41.70 31.05 -14.04
CA ALA A 158 -41.84 30.69 -15.45
C ALA A 158 -41.06 29.41 -15.75
N LYS A 159 -41.30 28.86 -16.92
CA LYS A 159 -40.44 27.83 -17.45
C LYS A 159 -39.04 28.41 -17.68
N SER A 160 -38.03 27.55 -17.56
CA SER A 160 -36.64 27.96 -17.75
C SER A 160 -35.84 26.73 -18.11
N PHE A 161 -34.54 26.90 -18.34
CA PHE A 161 -33.73 25.78 -18.78
C PHE A 161 -32.26 26.03 -18.51
N TYR A 162 -31.46 24.99 -18.69
CA TYR A 162 -30.01 25.12 -18.63
C TYR A 162 -29.52 26.21 -19.57
N LYS A 163 -28.42 26.84 -19.17
CA LYS A 163 -27.87 27.96 -19.92
C LYS A 163 -26.80 27.54 -20.91
N ASN A 164 -26.03 26.51 -20.58
CA ASN A 164 -24.91 26.04 -21.39
C ASN A 164 -25.33 25.07 -22.49
N LEU A 165 -26.55 24.55 -22.43
CA LEU A 165 -27.07 23.58 -23.38
C LEU A 165 -28.29 24.21 -24.03
N ILE A 166 -28.56 23.87 -25.28
CA ILE A 166 -29.80 24.26 -25.94
C ILE A 166 -30.62 23.02 -26.25
N TRP A 167 -31.82 22.96 -25.68
CA TRP A 167 -32.81 21.94 -26.01
C TRP A 167 -33.58 22.35 -27.26
N LEU A 168 -33.21 21.76 -28.39
CA LEU A 168 -33.88 21.98 -29.65
C LEU A 168 -35.21 21.22 -29.75
N VAL A 169 -36.12 21.79 -30.55
CA VAL A 169 -37.46 21.24 -30.76
C VAL A 169 -37.83 21.53 -32.20
N LYS A 170 -38.77 20.77 -32.75
CA LYS A 170 -39.23 21.03 -34.10
C LYS A 170 -39.67 22.48 -34.23
N LYS A 171 -39.48 23.04 -35.43
CA LYS A 171 -40.12 24.29 -35.83
C LYS A 171 -41.20 23.97 -36.84
N GLY A 172 -42.40 24.48 -36.61
CA GLY A 172 -43.53 24.15 -37.46
C GLY A 172 -43.94 22.70 -37.31
N LYS A 173 -43.77 21.92 -38.38
CA LYS A 173 -44.21 20.53 -38.41
C LYS A 173 -43.14 19.63 -39.03
N SER A 174 -41.88 19.97 -38.83
CA SER A 174 -40.77 19.21 -39.41
C SER A 174 -39.56 19.34 -38.51
N TYR A 175 -38.63 18.40 -38.66
CA TYR A 175 -37.37 18.44 -37.92
C TYR A 175 -36.23 18.09 -38.86
N PRO A 176 -35.61 19.09 -39.50
CA PRO A 176 -34.42 18.83 -40.31
C PRO A 176 -33.25 18.28 -39.50
N LYS A 177 -32.57 17.29 -40.06
CA LYS A 177 -31.45 16.66 -39.38
C LYS A 177 -30.32 17.64 -39.14
N ILE A 178 -29.86 17.72 -37.90
CA ILE A 178 -28.69 18.52 -37.59
C ILE A 178 -27.50 17.94 -38.33
N ASN A 179 -26.54 18.81 -38.65
CA ASN A 179 -25.29 18.37 -39.29
C ASN A 179 -24.11 19.17 -38.78
N GLN A 180 -24.20 19.64 -37.54
CA GLN A 180 -23.25 20.59 -36.99
C GLN A 180 -21.85 20.01 -36.97
N THR A 181 -20.87 20.89 -37.15
CA THR A 181 -19.47 20.50 -37.18
C THR A 181 -18.67 21.58 -36.49
N TYR A 182 -17.62 21.20 -35.77
CA TYR A 182 -16.64 22.17 -35.31
C TYR A 182 -15.24 21.59 -35.47
N ILE A 183 -14.30 22.45 -35.84
CA ILE A 183 -12.90 22.06 -35.98
C ILE A 183 -12.05 22.83 -34.98
N ASN A 184 -11.30 22.10 -34.17
CA ASN A 184 -10.59 22.66 -33.02
C ASN A 184 -9.39 23.48 -33.46
N ASP A 185 -9.66 24.73 -33.84
CA ASP A 185 -8.63 25.65 -34.29
C ASP A 185 -8.05 26.49 -33.16
N LYS A 186 -8.59 26.41 -31.94
CA LYS A 186 -8.15 27.22 -30.81
C LYS A 186 -6.92 26.68 -30.10
N GLY A 187 -6.30 25.61 -30.59
CA GLY A 187 -5.01 25.20 -30.05
C GLY A 187 -5.00 24.71 -28.62
N LYS A 188 -6.10 24.13 -28.17
CA LYS A 188 -6.30 23.74 -26.78
C LYS A 188 -7.06 22.43 -26.78
N GLU A 189 -7.05 21.72 -25.65
CA GLU A 189 -8.10 20.73 -25.44
C GLU A 189 -9.42 21.48 -25.40
N VAL A 190 -10.44 20.93 -26.05
CA VAL A 190 -11.77 21.54 -26.02
C VAL A 190 -12.74 20.52 -25.46
N LEU A 191 -13.28 20.83 -24.28
CA LEU A 191 -14.33 20.04 -23.67
C LEU A 191 -15.65 20.37 -24.34
N VAL A 192 -16.40 19.36 -24.71
CA VAL A 192 -17.72 19.52 -25.28
C VAL A 192 -18.69 18.63 -24.51
N LEU A 193 -19.94 19.06 -24.42
CA LEU A 193 -20.96 18.29 -23.75
C LEU A 193 -22.24 18.33 -24.57
N TRP A 194 -23.14 17.40 -24.30
CA TRP A 194 -24.46 17.45 -24.87
C TRP A 194 -25.40 16.65 -24.00
N GLY A 195 -26.70 16.82 -24.25
CA GLY A 195 -27.69 15.94 -23.65
C GLY A 195 -28.46 15.11 -24.65
N ILE A 196 -29.15 14.08 -24.18
CA ILE A 196 -30.10 13.30 -24.99
C ILE A 196 -31.39 13.15 -24.20
N HIS A 197 -32.53 13.29 -24.87
CA HIS A 197 -33.82 13.26 -24.19
C HIS A 197 -34.54 11.95 -24.46
N HIS A 198 -35.11 11.37 -23.41
CA HIS A 198 -35.92 10.14 -23.48
C HIS A 198 -37.35 10.50 -23.11
N PRO A 199 -38.19 10.89 -24.06
CA PRO A 199 -39.58 11.16 -23.74
C PRO A 199 -40.25 9.97 -23.07
N PRO A 200 -41.21 10.21 -22.19
CA PRO A 200 -41.83 9.10 -21.46
C PRO A 200 -42.81 8.30 -22.27
N THR A 201 -43.33 8.85 -23.37
CA THR A 201 -44.34 8.15 -24.14
C THR A 201 -44.13 8.47 -25.60
N ILE A 202 -44.65 7.60 -26.46
CA ILE A 202 -44.62 7.85 -27.90
C ILE A 202 -45.35 9.15 -28.24
N ALA A 203 -46.43 9.45 -27.52
CA ALA A 203 -47.16 10.68 -27.79
C ALA A 203 -46.28 11.91 -27.58
N ASP A 204 -45.53 11.96 -26.49
CA ASP A 204 -44.63 13.08 -26.24
C ASP A 204 -43.48 13.13 -27.24
N GLN A 205 -42.96 11.98 -27.66
CA GLN A 205 -41.94 11.92 -28.70
C GLN A 205 -42.46 12.50 -30.02
N GLN A 206 -43.58 11.97 -30.52
CA GLN A 206 -44.11 12.42 -31.80
C GLN A 206 -44.47 13.90 -31.79
N SER A 207 -45.06 14.39 -30.70
CA SER A 207 -45.42 15.79 -30.62
C SER A 207 -44.21 16.73 -30.66
N LEU A 208 -43.11 16.37 -29.98
CA LEU A 208 -41.96 17.27 -29.99
C LEU A 208 -41.02 17.09 -31.19
N TYR A 209 -40.82 15.85 -31.64
CA TYR A 209 -39.74 15.56 -32.58
C TYR A 209 -40.23 15.00 -33.90
N GLN A 210 -41.52 14.79 -34.08
CA GLN A 210 -42.13 14.40 -35.34
C GLN A 210 -41.61 13.09 -35.89
N ASN A 211 -40.79 12.35 -35.13
CA ASN A 211 -40.14 11.16 -35.65
C ASN A 211 -40.07 10.08 -34.58
N ALA A 212 -40.46 8.86 -34.94
CA ALA A 212 -40.29 7.71 -34.07
C ALA A 212 -38.88 7.14 -34.15
N ASP A 213 -38.23 7.24 -35.30
CA ASP A 213 -36.93 6.65 -35.56
C ASP A 213 -35.79 7.44 -34.95
N ALA A 214 -36.06 8.29 -33.97
CA ALA A 214 -35.08 9.26 -33.51
C ALA A 214 -33.79 8.58 -33.11
N TYR A 215 -32.67 9.17 -33.53
CA TYR A 215 -31.36 8.71 -33.09
C TYR A 215 -30.39 9.86 -33.13
N VAL A 216 -29.29 9.69 -32.43
CA VAL A 216 -28.19 10.61 -32.49
C VAL A 216 -26.94 9.84 -32.84
N PHE A 217 -26.04 10.49 -33.54
CA PHE A 217 -24.69 10.00 -33.74
C PHE A 217 -23.71 11.10 -33.37
N VAL A 218 -22.55 10.72 -32.89
CA VAL A 218 -21.48 11.65 -32.66
C VAL A 218 -20.20 11.06 -33.21
N GLY A 219 -19.42 11.88 -33.91
CA GLY A 219 -18.21 11.40 -34.56
C GLY A 219 -16.99 12.21 -34.18
N THR A 220 -15.86 11.52 -34.12
CA THR A 220 -14.57 12.09 -33.73
C THR A 220 -13.53 11.11 -34.25
N SER A 221 -12.25 11.48 -34.18
CA SER A 221 -11.19 10.51 -34.48
C SER A 221 -11.05 9.47 -33.37
N ARG A 222 -10.83 9.91 -32.15
CA ARG A 222 -10.62 9.03 -31.00
C ARG A 222 -11.89 8.40 -30.49
N TYR A 223 -13.04 8.71 -31.05
CA TYR A 223 -14.31 8.40 -30.40
C TYR A 223 -15.39 8.35 -31.46
N SER A 224 -16.32 7.43 -31.31
CA SER A 224 -17.61 7.58 -31.96
C SER A 224 -18.60 6.69 -31.26
N LYS A 225 -19.87 7.06 -31.32
CA LYS A 225 -20.87 6.31 -30.59
C LYS A 225 -22.24 6.66 -31.14
N LYS A 226 -23.22 5.80 -30.86
CA LYS A 226 -24.61 6.00 -31.27
C LYS A 226 -25.53 5.93 -30.06
N PHE A 227 -26.66 6.64 -30.14
CA PHE A 227 -27.61 6.72 -29.04
C PHE A 227 -29.03 6.66 -29.59
N LYS A 228 -29.96 6.17 -28.77
CA LYS A 228 -31.35 6.04 -29.19
C LYS A 228 -32.26 6.25 -27.98
N PRO A 229 -33.52 6.60 -28.22
CA PRO A 229 -34.45 6.82 -27.11
C PRO A 229 -34.96 5.52 -26.51
N GLU A 230 -35.34 5.60 -25.23
CA GLU A 230 -35.92 4.48 -24.50
C GLU A 230 -37.28 4.88 -23.96
N ILE A 231 -38.27 4.99 -24.84
CA ILE A 231 -39.58 5.54 -24.52
C ILE A 231 -40.36 4.60 -23.61
N ALA A 232 -40.41 4.90 -22.32
CA ALA A 232 -41.25 4.15 -21.39
C ALA A 232 -41.52 4.98 -20.14
N THR A 233 -42.70 4.77 -19.58
CA THR A 233 -43.11 5.46 -18.34
C THR A 233 -42.25 5.07 -17.15
N ARG A 234 -42.07 6.01 -16.25
CA ARG A 234 -41.11 5.89 -15.16
C ARG A 234 -41.70 6.55 -13.93
N PRO A 235 -41.20 6.22 -12.74
CA PRO A 235 -41.67 6.91 -11.53
C PRO A 235 -41.27 8.37 -11.51
N LYS A 236 -42.16 9.20 -10.97
CA LYS A 236 -41.96 10.64 -10.95
C LYS A 236 -40.74 11.02 -10.11
N VAL A 237 -39.89 11.88 -10.64
CA VAL A 237 -38.89 12.60 -9.85
C VAL A 237 -38.95 14.07 -10.28
N ARG A 238 -39.00 14.98 -9.30
CA ARG A 238 -39.26 16.39 -9.58
C ARG A 238 -40.47 16.56 -10.49
N ASP A 239 -41.39 15.61 -10.39
CA ASP A 239 -42.49 15.44 -11.33
C ASP A 239 -42.06 15.62 -12.78
N ARG A 240 -41.03 14.89 -13.18
CA ARG A 240 -40.72 14.67 -14.58
C ARG A 240 -40.70 13.18 -14.85
N GLU A 241 -41.30 12.78 -15.97
CA GLU A 241 -41.46 11.37 -16.28
C GLU A 241 -40.57 10.87 -17.41
N GLY A 242 -40.30 11.67 -18.44
CA GLY A 242 -39.15 11.43 -19.28
C GLY A 242 -37.84 11.86 -18.62
N ARG A 243 -36.72 11.41 -19.15
CA ARG A 243 -35.45 11.67 -18.48
C ARG A 243 -34.35 11.92 -19.49
N MET A 244 -33.27 12.54 -19.01
CA MET A 244 -32.24 13.14 -19.86
C MET A 244 -30.87 12.56 -19.52
N ASN A 245 -30.16 12.10 -20.54
CA ASN A 245 -28.81 11.55 -20.39
C ASN A 245 -27.77 12.58 -20.85
N TYR A 246 -26.77 12.83 -20.02
CA TYR A 246 -25.76 13.83 -20.28
C TYR A 246 -24.40 13.17 -20.53
N TYR A 247 -23.76 13.58 -21.61
CA TYR A 247 -22.57 12.95 -22.14
C TYR A 247 -21.55 14.03 -22.46
N TRP A 248 -20.30 13.65 -22.68
CA TRP A 248 -19.25 14.64 -22.84
C TRP A 248 -18.11 14.03 -23.65
N THR A 249 -17.20 14.90 -24.11
CA THR A 249 -16.10 14.51 -24.97
C THR A 249 -14.97 15.53 -24.85
N LEU A 250 -13.74 15.07 -25.02
CA LEU A 250 -12.59 15.94 -25.27
C LEU A 250 -12.15 15.78 -26.72
N VAL A 251 -12.14 16.87 -27.49
CA VAL A 251 -11.56 16.86 -28.83
C VAL A 251 -10.16 17.42 -28.75
N GLU A 252 -9.21 16.70 -29.33
CA GLU A 252 -7.82 17.12 -29.28
C GLU A 252 -7.53 18.19 -30.32
N PRO A 253 -6.46 18.95 -30.13
CA PRO A 253 -6.10 20.00 -31.09
C PRO A 253 -6.05 19.48 -32.52
N GLY A 254 -6.63 20.26 -33.44
CA GLY A 254 -6.71 19.88 -34.84
C GLY A 254 -7.72 18.82 -35.16
N ASP A 255 -8.28 18.17 -34.14
CA ASP A 255 -9.31 17.17 -34.33
C ASP A 255 -10.63 17.85 -34.67
N LYS A 256 -11.58 17.05 -35.14
CA LYS A 256 -12.90 17.51 -35.54
C LYS A 256 -13.95 16.76 -34.73
N ILE A 257 -15.04 17.45 -34.42
CA ILE A 257 -16.21 16.84 -33.80
C ILE A 257 -17.42 17.12 -34.69
N THR A 258 -18.27 16.12 -34.83
CA THR A 258 -19.44 16.21 -35.68
C THR A 258 -20.64 15.65 -34.93
N PHE A 259 -21.75 16.36 -35.01
CA PHE A 259 -23.02 15.89 -34.47
C PHE A 259 -23.94 15.61 -35.62
N GLU A 260 -24.78 14.60 -35.46
CA GLU A 260 -25.93 14.43 -36.31
C GLU A 260 -27.10 14.04 -35.45
N ALA A 261 -28.29 14.50 -35.81
CA ALA A 261 -29.47 13.96 -35.18
C ALA A 261 -30.63 14.00 -36.15
N THR A 262 -31.42 12.93 -36.15
CA THR A 262 -32.74 12.97 -36.75
C THR A 262 -33.80 13.04 -35.67
N GLY A 263 -33.41 13.52 -34.50
CA GLY A 263 -34.32 13.57 -33.39
C GLY A 263 -33.67 14.05 -32.12
N ASN A 264 -33.97 13.35 -31.04
CA ASN A 264 -33.70 13.83 -29.70
C ASN A 264 -32.30 14.37 -29.62
N LEU A 265 -32.17 15.65 -29.27
CA LEU A 265 -30.88 16.21 -28.96
C LEU A 265 -31.07 17.33 -27.94
N VAL A 266 -30.04 17.55 -27.15
CA VAL A 266 -29.91 18.77 -26.37
C VAL A 266 -28.53 19.29 -26.71
N ALA A 267 -28.44 20.01 -27.83
CA ALA A 267 -27.14 20.28 -28.42
C ALA A 267 -26.36 21.30 -27.60
N PRO A 268 -25.04 21.26 -27.67
CA PRO A 268 -24.24 22.30 -27.02
C PRO A 268 -24.45 23.65 -27.69
N ARG A 269 -24.32 24.69 -26.89
CA ARG A 269 -24.17 26.07 -27.35
C ARG A 269 -22.90 26.72 -26.85
N TYR A 270 -22.53 26.50 -25.60
CA TYR A 270 -21.20 26.78 -25.10
C TYR A 270 -20.40 25.48 -25.07
N ALA A 271 -19.23 25.49 -25.70
CA ALA A 271 -18.19 24.54 -25.37
C ALA A 271 -17.24 25.20 -24.38
N PHE A 272 -16.15 24.53 -24.02
CA PHE A 272 -15.24 25.09 -23.03
C PHE A 272 -13.80 24.83 -23.41
N THR A 273 -13.01 25.89 -23.53
CA THR A 273 -11.58 25.72 -23.71
C THR A 273 -10.96 25.26 -22.40
N MET A 274 -9.98 24.37 -22.49
CA MET A 274 -9.43 23.74 -21.30
C MET A 274 -7.95 23.43 -21.48
N GLU A 275 -7.24 23.40 -20.37
CA GLU A 275 -5.99 22.66 -20.25
C GLU A 275 -5.90 22.14 -18.83
N ARG A 276 -5.23 21.00 -18.65
CA ARG A 276 -5.23 20.30 -17.37
C ARG A 276 -3.81 19.98 -16.96
N ASP A 277 -3.49 20.28 -15.71
CA ASP A 277 -2.32 19.72 -15.05
C ASP A 277 -2.66 18.34 -14.50
N ALA A 278 -1.74 17.77 -13.70
CA ALA A 278 -2.01 16.49 -13.05
C ALA A 278 -3.26 16.54 -12.18
N GLY A 279 -3.45 17.64 -11.44
CA GLY A 279 -4.70 17.91 -10.77
C GLY A 279 -4.85 17.25 -9.41
N SER A 280 -5.95 17.60 -8.75
CA SER A 280 -6.26 17.18 -7.38
C SER A 280 -7.74 17.42 -7.14
N GLY A 281 -8.39 16.48 -6.47
CA GLY A 281 -9.84 16.36 -6.48
C GLY A 281 -10.68 17.36 -5.72
N ILE A 282 -11.92 16.94 -5.43
CA ILE A 282 -12.97 17.73 -4.80
C ILE A 282 -12.84 17.73 -3.27
N ILE A 283 -13.37 18.79 -2.63
CA ILE A 283 -13.66 18.84 -1.20
C ILE A 283 -15.12 19.27 -1.05
N ILE A 284 -15.82 18.75 -0.04
CA ILE A 284 -17.22 19.10 0.22
C ILE A 284 -17.42 19.54 1.67
N SER A 285 -17.55 20.87 1.88
CA SER A 285 -17.75 21.40 3.23
C SER A 285 -18.20 22.85 3.17
N ASP A 286 -18.71 23.35 4.32
CA ASP A 286 -19.27 24.69 4.47
C ASP A 286 -18.28 25.77 4.89
N THR A 287 -17.04 25.42 5.20
CA THR A 287 -16.08 26.41 5.67
C THR A 287 -15.94 27.56 4.67
N PRO A 288 -15.90 28.81 5.13
CA PRO A 288 -15.85 29.96 4.22
C PRO A 288 -14.48 30.17 3.60
N VAL A 289 -14.46 30.91 2.49
CA VAL A 289 -13.25 31.14 1.71
C VAL A 289 -12.56 32.42 2.16
N HIS A 290 -11.24 32.33 2.36
CA HIS A 290 -10.43 33.47 2.77
C HIS A 290 -9.12 33.47 2.00
N ASP A 291 -8.48 34.64 1.98
CA ASP A 291 -7.42 34.92 1.00
C ASP A 291 -6.11 34.19 1.25
N CYS A 292 -5.80 33.80 2.48
CA CYS A 292 -4.41 33.49 2.80
C CYS A 292 -3.93 32.27 2.01
N ASN A 293 -2.64 32.29 1.67
CA ASN A 293 -2.03 31.27 0.84
C ASN A 293 -1.81 29.97 1.61
N THR A 294 -1.74 28.86 0.87
CA THR A 294 -1.83 27.53 1.44
C THR A 294 -1.04 26.56 0.58
N THR A 295 -0.60 25.46 1.21
CA THR A 295 -0.03 24.32 0.50
C THR A 295 -0.72 22.99 0.81
N CYS A 296 -1.37 22.85 1.96
CA CYS A 296 -1.92 21.60 2.46
C CYS A 296 -3.36 21.88 2.84
N GLN A 297 -4.23 20.88 2.73
CA GLN A 297 -5.65 21.17 2.84
C GLN A 297 -6.33 20.01 3.53
N THR A 298 -7.48 20.28 4.15
CA THR A 298 -8.40 19.26 4.63
C THR A 298 -9.81 19.79 4.44
N PRO A 299 -10.82 18.92 4.48
CA PRO A 299 -12.21 19.42 4.40
C PRO A 299 -12.57 20.39 5.51
N GLU A 300 -12.04 20.20 6.72
CA GLU A 300 -12.38 21.08 7.83
C GLU A 300 -11.72 22.44 7.69
N GLY A 301 -10.42 22.46 7.42
CA GLY A 301 -9.73 23.73 7.33
C GLY A 301 -8.31 23.55 6.86
N ALA A 302 -7.77 24.62 6.31
CA ALA A 302 -6.42 24.58 5.78
C ALA A 302 -5.42 24.33 6.88
N ILE A 303 -4.20 24.03 6.47
CA ILE A 303 -3.08 23.79 7.35
C ILE A 303 -1.89 24.55 6.79
N ASN A 304 -1.06 25.11 7.67
CA ASN A 304 0.29 25.46 7.28
C ASN A 304 1.26 24.85 8.28
N THR A 305 2.28 24.18 7.76
CA THR A 305 2.98 23.18 8.55
C THR A 305 4.32 22.86 7.92
N SER A 306 5.17 22.23 8.73
CA SER A 306 6.31 21.47 8.26
C SER A 306 6.50 20.27 9.17
N LEU A 307 5.41 19.53 9.39
CA LEU A 307 5.41 18.34 10.22
C LEU A 307 5.02 17.14 9.39
N PRO A 308 5.51 15.94 9.74
CA PRO A 308 5.24 14.77 8.89
C PRO A 308 3.83 14.22 9.00
N PHE A 309 3.22 14.31 10.17
CA PHE A 309 2.01 13.56 10.45
C PHE A 309 0.91 14.52 10.87
N GLN A 310 -0.32 14.15 10.54
CA GLN A 310 -1.49 14.91 10.93
C GLN A 310 -2.62 13.95 11.20
N ASN A 311 -3.55 14.34 12.07
CA ASN A 311 -4.69 13.48 12.40
C ASN A 311 -6.03 14.19 12.30
N VAL A 312 -6.08 15.38 11.72
CA VAL A 312 -7.31 16.16 11.76
C VAL A 312 -8.33 15.64 10.76
N HIS A 313 -7.89 15.14 9.60
CA HIS A 313 -8.83 14.49 8.70
C HIS A 313 -8.07 13.66 7.70
N PRO A 314 -8.55 12.47 7.33
CA PRO A 314 -7.83 11.65 6.35
C PRO A 314 -7.93 12.13 4.91
N ILE A 315 -8.96 12.87 4.54
CA ILE A 315 -9.02 13.43 3.19
C ILE A 315 -8.12 14.65 3.12
N THR A 316 -7.46 14.84 1.99
CA THR A 316 -6.42 15.85 1.87
C THR A 316 -6.22 16.21 0.41
N ILE A 317 -5.60 17.37 0.19
CA ILE A 317 -5.17 17.84 -1.13
C ILE A 317 -3.80 18.46 -0.92
N GLY A 318 -3.02 18.52 -1.98
CA GLY A 318 -1.75 19.21 -1.90
C GLY A 318 -0.66 18.32 -1.33
N LYS A 319 0.38 18.94 -0.78
CA LYS A 319 1.48 18.21 -0.18
C LYS A 319 1.05 17.70 1.20
N CYS A 320 0.29 16.62 1.18
CA CYS A 320 -0.29 16.08 2.39
C CYS A 320 0.79 15.71 3.41
N PRO A 321 0.65 16.09 4.66
CA PRO A 321 1.25 15.28 5.73
C PRO A 321 0.45 13.98 5.84
N LYS A 322 1.13 12.89 6.23
CA LYS A 322 0.45 11.60 6.26
C LYS A 322 -0.41 11.45 7.50
N TYR A 323 -1.63 10.95 7.29
CA TYR A 323 -2.62 10.79 8.34
C TYR A 323 -2.27 9.65 9.30
N VAL A 324 -2.57 9.84 10.58
CA VAL A 324 -2.43 8.79 11.57
C VAL A 324 -3.59 8.88 12.54
N LYS A 325 -3.90 7.76 13.20
CA LYS A 325 -4.91 7.70 14.24
C LYS A 325 -4.36 8.04 15.62
N SER A 326 -3.07 8.30 15.75
CA SER A 326 -2.47 8.56 17.04
C SER A 326 -2.84 9.94 17.56
N THR A 327 -2.37 10.23 18.79
CA THR A 327 -2.72 11.46 19.48
C THR A 327 -1.56 12.19 20.14
N LYS A 328 -0.41 11.57 20.35
CA LYS A 328 0.65 12.20 21.13
C LYS A 328 2.02 11.81 20.59
N LEU A 329 2.23 11.98 19.30
CA LEU A 329 3.56 11.81 18.70
C LEU A 329 4.42 12.99 19.12
N ARG A 330 5.03 12.89 20.28
CA ARG A 330 5.99 13.89 20.72
C ARG A 330 7.38 13.28 20.79
N LEU A 331 8.31 13.87 20.05
CA LEU A 331 9.72 13.58 20.26
C LEU A 331 10.23 14.39 21.45
N ALA A 332 11.05 13.75 22.27
CA ALA A 332 11.88 14.51 23.19
C ALA A 332 12.93 15.35 22.46
N THR A 333 13.25 16.48 23.06
CA THR A 333 14.50 17.19 22.82
C THR A 333 15.25 17.46 24.11
N GLY A 334 14.55 17.98 25.11
CA GLY A 334 15.04 18.08 26.48
C GLY A 334 15.18 16.75 27.18
N LEU A 335 15.45 16.85 28.48
CA LEU A 335 15.85 15.74 29.32
C LEU A 335 14.67 15.25 30.17
N ARG A 336 14.90 14.15 30.88
CA ARG A 336 13.97 13.70 31.91
C ARG A 336 13.81 14.78 32.98
N ASN A 337 12.58 15.22 33.19
CA ASN A 337 12.30 16.36 34.06
C ASN A 337 12.04 15.89 35.48
N VAL A 338 12.98 16.13 36.39
CA VAL A 338 12.80 15.80 37.80
C VAL A 338 13.40 16.89 38.66
N PRO A 339 12.60 17.76 39.28
CA PRO A 339 13.16 18.71 40.24
C PRO A 339 13.40 18.10 41.62
N SER A 340 12.81 16.94 41.89
CA SER A 340 13.04 16.24 43.15
C SER A 340 12.97 17.16 44.35
N ALA A 351 23.32 18.68 45.05
CA ALA A 351 23.56 17.29 44.70
C ALA A 351 23.43 17.10 43.19
N GLY A 352 23.95 15.97 42.71
CA GLY A 352 24.16 15.76 41.29
C GLY A 352 22.99 15.08 40.60
N PHE A 353 23.22 14.79 39.31
CA PHE A 353 22.19 14.26 38.43
C PHE A 353 21.56 12.98 38.96
N ILE A 354 22.24 12.25 39.84
CA ILE A 354 21.69 11.01 40.36
C ILE A 354 20.59 11.29 41.38
N GLU A 355 20.61 12.46 42.01
CA GLU A 355 19.44 12.91 42.76
C GLU A 355 18.43 13.59 41.85
N GLY A 356 18.88 14.43 40.94
CA GLY A 356 17.96 15.13 40.06
C GLY A 356 18.64 16.32 39.41
N GLY A 357 17.82 17.09 38.68
CA GLY A 357 18.29 18.29 38.01
C GLY A 357 18.13 19.55 38.84
N TRP A 358 18.58 20.65 38.26
CA TRP A 358 18.56 21.96 38.91
C TRP A 358 17.61 22.89 38.15
N THR A 359 16.63 23.46 38.84
CA THR A 359 15.90 24.58 38.28
C THR A 359 16.62 25.90 38.52
N GLY A 360 17.66 25.90 39.34
CA GLY A 360 18.58 27.00 39.49
C GLY A 360 19.47 27.28 38.30
N MET A 361 19.30 26.55 37.19
CA MET A 361 20.09 26.78 35.99
C MET A 361 19.16 27.05 34.81
N VAL A 362 19.65 27.89 33.90
CA VAL A 362 18.85 28.42 32.80
C VAL A 362 19.67 28.55 31.53
N ASP A 363 18.95 28.62 30.41
CA ASP A 363 19.52 28.90 29.08
C ASP A 363 20.66 27.93 28.73
N GLY A 364 20.38 26.65 28.89
CA GLY A 364 21.34 25.62 28.56
C GLY A 364 20.81 24.26 28.96
N TRP A 365 21.67 23.25 28.86
CA TRP A 365 21.28 21.91 29.30
C TRP A 365 22.20 21.37 30.37
N TYR A 366 23.31 20.76 29.95
CA TYR A 366 24.24 20.18 30.91
C TYR A 366 25.09 21.29 31.49
N GLY A 367 25.50 21.14 32.75
CA GLY A 367 26.24 22.24 33.32
C GLY A 367 26.86 21.91 34.67
N TYR A 368 27.61 22.89 35.17
CA TYR A 368 28.39 22.79 36.39
C TYR A 368 27.86 23.73 37.46
N HIS A 369 27.72 23.23 38.68
CA HIS A 369 27.69 24.06 39.86
C HIS A 369 29.04 23.98 40.54
N HIS A 370 29.58 25.13 40.87
CA HIS A 370 30.90 25.20 41.48
C HIS A 370 30.91 26.23 42.59
N GLN A 371 31.94 26.12 43.41
CA GLN A 371 32.17 27.04 44.52
C GLN A 371 33.55 27.66 44.38
N ASN A 372 33.68 28.88 44.90
CA ASN A 372 34.97 29.55 45.02
C ASN A 372 34.79 30.65 46.07
N GLU A 373 35.79 31.51 46.22
CA GLU A 373 35.70 32.54 47.25
C GLU A 373 34.48 33.42 47.05
N GLN A 374 34.01 33.57 45.82
CA GLN A 374 32.76 34.23 45.53
C GLN A 374 31.65 33.25 45.18
N GLY A 375 31.92 32.26 44.32
CA GLY A 375 31.22 31.00 44.34
C GLY A 375 29.74 31.03 43.96
N SER A 376 29.06 29.97 44.37
CA SER A 376 27.63 29.74 44.11
C SER A 376 27.27 29.84 42.64
N GLY A 377 28.22 29.53 41.76
CA GLY A 377 27.97 29.62 40.34
C GLY A 377 27.15 28.44 39.86
N TYR A 378 26.05 28.72 39.16
CA TYR A 378 25.36 27.74 38.33
C TYR A 378 25.48 28.23 36.89
N ALA A 379 26.15 27.44 36.05
CA ALA A 379 26.40 27.86 34.68
C ALA A 379 26.33 26.66 33.74
N ALA A 380 25.65 26.85 32.61
CA ALA A 380 25.65 25.82 31.58
C ALA A 380 27.02 25.74 30.91
N ASP A 381 27.38 24.52 30.50
CA ASP A 381 28.57 24.28 29.67
C ASP A 381 28.16 24.50 28.21
N LEU A 382 28.51 25.65 27.66
CA LEU A 382 28.00 26.01 26.34
C LEU A 382 28.59 25.19 25.21
N LYS A 383 29.87 24.82 25.27
CA LYS A 383 30.43 24.01 24.19
C LYS A 383 29.81 22.62 24.12
N SER A 384 29.60 21.96 25.26
CA SER A 384 28.94 20.66 25.26
C SER A 384 27.46 20.77 24.93
N THR A 385 26.77 21.73 25.52
CA THR A 385 25.35 21.92 25.20
C THR A 385 25.17 22.22 23.72
N GLN A 386 26.03 23.09 23.16
CA GLN A 386 25.93 23.42 21.76
C GLN A 386 26.23 22.22 20.88
N ASN A 387 27.25 21.44 21.25
CA ASN A 387 27.52 20.18 20.57
C ASN A 387 26.32 19.24 20.60
N ALA A 388 25.65 19.13 21.74
CA ALA A 388 24.46 18.29 21.82
C ALA A 388 23.35 18.82 20.94
N ILE A 389 23.00 20.09 21.09
CA ILE A 389 21.87 20.63 20.34
C ILE A 389 22.13 20.66 18.85
N ASP A 390 23.39 20.68 18.43
CA ASP A 390 23.66 20.47 17.01
C ASP A 390 23.13 19.13 16.54
N LYS A 391 23.51 18.06 17.22
CA LYS A 391 23.09 16.72 16.83
C LYS A 391 21.61 16.45 17.08
N ILE A 392 21.07 16.95 18.20
CA ILE A 392 19.64 16.82 18.47
C ILE A 392 18.78 17.57 17.45
N THR A 393 19.21 18.75 17.04
CA THR A 393 18.47 19.44 15.98
C THR A 393 18.49 18.66 14.68
N ASN A 394 19.64 18.13 14.31
CA ASN A 394 19.72 17.27 13.13
C ASN A 394 18.87 16.01 13.29
N LYS A 395 18.75 15.47 14.50
CA LYS A 395 17.92 14.29 14.70
C LYS A 395 16.47 14.57 14.37
N VAL A 396 15.83 15.46 15.13
CA VAL A 396 14.40 15.71 14.91
C VAL A 396 14.16 16.26 13.52
N ASN A 397 15.13 16.98 12.95
CA ASN A 397 15.00 17.43 11.57
C ASN A 397 15.06 16.28 10.57
N SER A 398 15.93 15.28 10.80
CA SER A 398 15.99 14.15 9.87
C SER A 398 14.68 13.39 9.79
N VAL A 399 13.92 13.36 10.89
CA VAL A 399 12.60 12.74 10.89
C VAL A 399 11.61 13.48 9.99
N ILE A 400 11.83 14.76 9.69
CA ILE A 400 10.89 15.57 8.93
C ILE A 400 11.36 15.79 7.50
N GLU A 401 12.64 16.13 7.34
CA GLU A 401 13.22 16.47 6.05
C GLU A 401 13.18 15.32 5.06
N LYS A 402 13.29 14.09 5.53
CA LYS A 402 13.28 12.90 4.67
C LYS A 402 11.89 12.37 4.37
N MET A 403 10.82 13.08 4.73
CA MET A 403 9.49 12.51 4.56
C MET A 403 9.12 12.27 3.11
N ASN A 404 9.66 13.03 2.17
CA ASN A 404 9.30 12.89 0.75
C ASN A 404 7.80 13.06 0.47
N THR A 405 7.21 14.14 1.00
CA THR A 405 5.83 14.45 0.67
C THR A 405 5.71 14.89 -0.79
N GLN A 406 4.63 14.47 -1.46
CA GLN A 406 4.43 14.83 -2.85
C GLN A 406 2.95 14.89 -3.21
N PHE A 407 2.65 15.73 -4.20
CA PHE A 407 1.30 16.23 -4.47
C PHE A 407 0.31 15.13 -4.83
N THR A 408 -0.80 15.06 -4.09
CA THR A 408 -1.72 13.93 -4.11
C THR A 408 -3.12 14.46 -3.84
N ALA A 409 -4.12 13.62 -4.07
CA ALA A 409 -5.49 13.92 -3.66
C ALA A 409 -6.14 12.63 -3.18
N VAL A 410 -6.26 12.48 -1.86
CA VAL A 410 -6.42 11.17 -1.26
C VAL A 410 -7.84 10.64 -1.40
N GLY A 411 -8.85 11.50 -1.26
CA GLY A 411 -10.23 11.03 -1.42
C GLY A 411 -10.60 10.87 -2.87
N LYS A 412 -11.34 9.81 -3.15
CA LYS A 412 -11.73 9.48 -4.51
C LYS A 412 -13.17 8.97 -4.51
N GLU A 413 -13.77 9.00 -5.70
CA GLU A 413 -15.23 8.91 -5.83
C GLU A 413 -15.67 7.71 -6.65
N PHE A 414 -16.60 6.93 -6.11
CA PHE A 414 -17.07 5.70 -6.72
C PHE A 414 -18.59 5.65 -6.58
N ASN A 415 -19.26 5.13 -7.59
CA ASN A 415 -20.70 5.27 -7.70
C ASN A 415 -21.45 4.07 -7.11
N HIS A 416 -22.73 3.96 -7.43
CA HIS A 416 -23.62 2.89 -6.99
C HIS A 416 -23.06 1.48 -7.13
N LEU A 417 -22.52 1.15 -8.30
CA LEU A 417 -22.12 -0.22 -8.63
C LEU A 417 -20.62 -0.37 -8.91
N GLU A 418 -19.78 0.32 -8.13
CA GLU A 418 -18.34 0.13 -8.20
C GLU A 418 -17.77 -0.33 -6.87
N LYS A 419 -18.61 -0.92 -6.02
CA LYS A 419 -18.28 -1.21 -4.63
C LYS A 419 -17.06 -2.10 -4.44
N ARG A 420 -16.74 -2.97 -5.39
CA ARG A 420 -15.48 -3.71 -5.27
C ARG A 420 -14.28 -2.79 -5.34
N ILE A 421 -14.30 -1.78 -6.21
CA ILE A 421 -13.20 -0.85 -6.31
C ILE A 421 -13.21 0.15 -5.16
N GLU A 422 -14.41 0.60 -4.76
CA GLU A 422 -14.54 1.45 -3.59
C GLU A 422 -14.01 0.80 -2.33
N ASN A 423 -14.27 -0.49 -2.15
CA ASN A 423 -13.67 -1.20 -1.01
C ASN A 423 -12.19 -1.47 -1.20
N LEU A 424 -11.75 -1.70 -2.43
CA LEU A 424 -10.31 -1.83 -2.70
C LEU A 424 -9.57 -0.56 -2.32
N ASN A 425 -10.10 0.58 -2.74
CA ASN A 425 -9.58 1.85 -2.27
C ASN A 425 -9.52 1.90 -0.76
N LYS A 426 -10.61 1.54 -0.10
CA LYS A 426 -10.65 1.52 1.37
C LYS A 426 -9.60 0.60 1.98
N LYS A 427 -9.28 -0.52 1.32
CA LYS A 427 -8.19 -1.37 1.80
C LYS A 427 -6.84 -0.70 1.66
N VAL A 428 -6.64 0.06 0.59
CA VAL A 428 -5.40 0.82 0.45
C VAL A 428 -5.31 1.90 1.52
N ASP A 429 -6.40 2.62 1.73
CA ASP A 429 -6.40 3.76 2.62
C ASP A 429 -6.14 3.33 4.06
N ASP A 430 -6.80 2.29 4.54
CA ASP A 430 -6.54 1.79 5.88
C ASP A 430 -5.26 0.97 5.97
N GLY A 431 -4.73 0.48 4.85
CA GLY A 431 -3.41 -0.12 4.89
C GLY A 431 -2.32 0.88 5.21
N PHE A 432 -2.28 1.98 4.46
CA PHE A 432 -1.33 3.06 4.73
C PHE A 432 -1.59 3.69 6.10
N LEU A 433 -2.85 3.77 6.52
CA LEU A 433 -3.11 4.20 7.89
C LEU A 433 -2.49 3.25 8.90
N ASP A 434 -2.81 1.96 8.80
CA ASP A 434 -2.30 0.99 9.76
C ASP A 434 -0.78 0.94 9.78
N ILE A 435 -0.15 1.00 8.62
CA ILE A 435 1.30 1.05 8.53
C ILE A 435 1.84 2.29 9.21
N TRP A 436 1.25 3.45 8.94
CA TRP A 436 1.79 4.71 9.42
C TRP A 436 1.60 4.92 10.92
N THR A 437 0.48 4.49 11.50
CA THR A 437 0.41 4.56 12.96
C THR A 437 1.38 3.59 13.61
N TYR A 438 1.50 2.37 13.11
CA TYR A 438 2.45 1.43 13.69
C TYR A 438 3.88 1.88 13.50
N ASN A 439 4.23 2.35 12.29
CA ASN A 439 5.55 2.92 12.05
C ASN A 439 5.80 4.14 12.93
N ALA A 440 4.89 5.10 12.90
CA ALA A 440 5.10 6.35 13.62
C ALA A 440 5.17 6.13 15.13
N GLU A 441 4.24 5.36 15.70
CA GLU A 441 4.22 5.22 17.15
C GLU A 441 5.41 4.43 17.65
N LEU A 442 5.78 3.36 16.96
CA LEU A 442 7.03 2.67 17.30
C LEU A 442 8.25 3.51 16.96
N LEU A 443 8.16 4.35 15.93
CA LEU A 443 9.29 5.21 15.57
C LEU A 443 9.65 6.18 16.67
N VAL A 444 8.67 6.94 17.16
CA VAL A 444 8.92 7.90 18.23
C VAL A 444 9.29 7.19 19.51
N LEU A 445 8.72 6.01 19.75
CA LEU A 445 9.10 5.23 20.92
C LEU A 445 10.57 4.83 20.90
N LEU A 446 11.06 4.36 19.75
CA LEU A 446 12.46 3.99 19.66
C LEU A 446 13.38 5.20 19.78
N GLU A 447 13.07 6.30 19.09
CA GLU A 447 13.91 7.49 19.18
C GLU A 447 13.76 8.24 20.50
N ASN A 448 12.63 8.15 21.19
CA ASN A 448 12.57 8.64 22.57
C ASN A 448 13.38 7.76 23.51
N GLU A 449 13.31 6.46 23.34
CA GLU A 449 14.13 5.55 24.11
C GLU A 449 15.59 5.82 23.89
N ARG A 450 15.96 6.12 22.64
CA ARG A 450 17.32 6.51 22.31
C ARG A 450 17.71 7.82 22.99
N THR A 451 17.00 8.90 22.69
CA THR A 451 17.43 10.22 23.15
C THR A 451 17.44 10.34 24.67
N LEU A 452 16.46 9.77 25.35
CA LEU A 452 16.39 9.93 26.79
C LEU A 452 17.44 9.13 27.54
N ASP A 453 18.14 8.23 26.87
CA ASP A 453 19.40 7.69 27.37
C ASP A 453 20.60 8.32 26.70
N TYR A 454 20.40 8.90 25.51
CA TYR A 454 21.43 9.72 24.88
C TYR A 454 21.86 10.86 25.77
N HIS A 455 20.92 11.51 26.44
CA HIS A 455 21.25 12.52 27.42
C HIS A 455 22.07 11.94 28.56
N ASP A 456 21.60 10.86 29.17
CA ASP A 456 22.33 10.28 30.28
C ASP A 456 23.73 9.82 29.87
N SER A 457 23.89 9.32 28.66
CA SER A 457 25.23 8.96 28.19
C SER A 457 26.11 10.17 27.92
N ASN A 458 25.56 11.26 27.39
CA ASN A 458 26.34 12.48 27.24
C ASN A 458 26.73 13.10 28.57
N VAL A 459 25.82 13.12 29.54
CA VAL A 459 26.14 13.61 30.87
C VAL A 459 27.21 12.74 31.53
N LYS A 460 27.05 11.43 31.45
CA LYS A 460 28.04 10.50 31.97
C LYS A 460 29.40 10.73 31.33
N ASN A 461 29.42 10.82 30.01
CA ASN A 461 30.68 11.09 29.30
C ASN A 461 31.28 12.42 29.70
N LEU A 462 30.45 13.42 29.97
CA LEU A 462 30.96 14.68 30.52
C LEU A 462 31.51 14.51 31.94
N TYR A 463 30.90 13.65 32.74
CA TYR A 463 31.50 13.31 34.03
C TYR A 463 32.84 12.62 33.85
N GLU A 464 32.89 11.61 32.99
CA GLU A 464 34.16 10.93 32.69
C GLU A 464 35.20 11.92 32.19
N LYS A 465 34.80 12.86 31.35
CA LYS A 465 35.72 13.89 30.87
C LYS A 465 36.25 14.77 31.99
N VAL A 466 35.56 14.84 33.11
CA VAL A 466 36.14 15.45 34.30
C VAL A 466 37.03 14.46 35.04
N ARG A 467 36.68 13.18 35.06
CA ARG A 467 37.58 12.17 35.61
C ARG A 467 38.94 12.17 34.92
N ASN A 468 39.00 12.55 33.65
CA ASN A 468 40.27 12.62 32.94
C ASN A 468 41.22 13.68 33.49
N GLN A 469 40.73 14.60 34.31
CA GLN A 469 41.62 15.27 35.27
C GLN A 469 41.59 14.58 36.63
N LEU A 470 40.41 14.50 37.23
CA LEU A 470 40.21 14.00 38.59
C LEU A 470 40.22 12.47 38.62
N LYS A 471 41.39 11.92 38.30
CA LYS A 471 41.57 10.47 38.29
C LYS A 471 41.64 9.93 39.71
N ASN A 472 42.36 10.63 40.60
CA ASN A 472 42.46 10.24 42.00
C ASN A 472 42.23 11.38 42.97
N ASN A 473 42.21 12.63 42.51
CA ASN A 473 42.38 13.79 43.37
C ASN A 473 41.06 14.42 43.78
N ALA A 474 39.96 13.69 43.70
CA ALA A 474 38.71 14.13 44.29
C ALA A 474 37.91 12.93 44.78
N LYS A 475 37.15 13.16 45.85
CA LYS A 475 36.19 12.19 46.37
C LYS A 475 34.90 12.27 45.55
N GLU A 476 34.64 11.26 44.74
CA GLU A 476 33.30 11.09 44.19
C GLU A 476 32.33 10.68 45.27
N ILE A 477 31.10 11.17 45.16
CA ILE A 477 30.01 10.76 46.02
C ILE A 477 28.86 10.25 45.15
N GLY A 478 28.12 9.28 45.68
CA GLY A 478 27.06 8.64 44.92
C GLY A 478 25.92 9.51 44.45
N ASN A 479 25.91 10.79 44.83
CA ASN A 479 24.97 11.74 44.24
C ASN A 479 25.33 12.14 42.81
N GLY A 480 26.52 11.80 42.34
CA GLY A 480 26.95 12.30 41.05
C GLY A 480 27.63 13.65 41.20
N CYS A 481 28.60 13.75 42.10
CA CYS A 481 29.25 15.02 42.39
C CYS A 481 30.62 14.77 42.98
N PHE A 482 31.42 15.84 43.05
CA PHE A 482 32.76 15.82 43.61
C PHE A 482 32.87 16.66 44.87
N GLU A 483 33.67 16.17 45.81
CA GLU A 483 34.37 17.00 46.79
C GLU A 483 35.83 17.10 46.39
N PHE A 484 36.38 18.32 46.37
CA PHE A 484 37.76 18.52 45.96
C PHE A 484 38.65 18.59 47.19
N TYR A 485 39.78 17.87 47.16
CA TYR A 485 40.61 17.66 48.34
C TYR A 485 41.43 18.87 48.77
N HIS A 486 41.46 19.99 48.05
CA HIS A 486 42.09 21.17 48.62
C HIS A 486 41.39 22.44 48.16
N LYS A 487 41.57 23.50 48.94
CA LYS A 487 40.96 24.80 48.66
C LYS A 487 41.52 25.43 47.40
N CYS A 488 40.63 26.05 46.63
CA CYS A 488 41.02 26.70 45.40
C CYS A 488 40.05 27.83 45.08
N ASP A 489 40.55 28.81 44.32
CA ASP A 489 39.74 29.90 43.79
C ASP A 489 38.96 29.43 42.56
N ASN A 490 38.38 30.40 41.85
CA ASN A 490 37.79 30.14 40.54
C ASN A 490 38.77 29.52 39.54
N THR A 491 40.07 29.59 39.80
CA THR A 491 41.03 28.84 38.99
C THR A 491 40.80 27.33 39.00
N CYS A 492 40.05 26.81 39.97
CA CYS A 492 39.54 25.45 39.88
C CYS A 492 38.64 25.27 38.67
N MET A 493 37.61 26.11 38.53
CA MET A 493 36.75 26.00 37.36
C MET A 493 37.48 26.37 36.09
N GLU A 494 38.48 27.26 36.18
CA GLU A 494 39.33 27.46 35.01
C GLU A 494 40.04 26.17 34.60
N SER A 495 40.55 25.42 35.57
CA SER A 495 41.20 24.14 35.26
C SER A 495 40.24 23.12 34.63
N VAL A 496 38.99 23.12 35.06
CA VAL A 496 38.00 22.22 34.47
C VAL A 496 37.60 22.67 33.07
N LYS A 497 37.20 23.93 32.92
CA LYS A 497 36.68 24.35 31.64
C LYS A 497 37.72 24.23 30.54
N ASN A 498 39.00 24.42 30.88
CA ASN A 498 40.10 24.27 29.93
C ASN A 498 40.93 23.02 30.20
N GLY A 499 40.41 22.08 30.97
CA GLY A 499 40.99 20.75 31.03
C GLY A 499 42.44 20.68 31.45
N THR A 500 42.98 21.75 32.05
CA THR A 500 44.42 21.86 32.33
C THR A 500 44.57 21.89 33.85
N TYR A 501 45.29 20.92 34.39
CA TYR A 501 45.08 20.56 35.79
C TYR A 501 46.36 20.34 36.60
N ASP A 502 47.51 20.09 35.96
CA ASP A 502 48.80 20.11 36.65
C ASP A 502 48.79 19.24 37.90
N TYR A 503 48.13 18.09 37.80
CA TYR A 503 47.75 17.27 38.94
C TYR A 503 48.81 17.17 40.05
N PRO A 504 50.03 16.71 39.74
CA PRO A 504 50.97 16.40 40.83
C PRO A 504 51.43 17.61 41.63
N LYS A 505 51.51 18.79 41.01
CA LYS A 505 51.87 20.00 41.74
C LYS A 505 50.80 20.39 42.76
N TYR A 506 49.52 20.12 42.44
CA TYR A 506 48.43 20.42 43.36
C TYR A 506 48.24 19.37 44.45
N SER A 507 48.67 18.13 44.21
CA SER A 507 48.37 17.03 45.13
C SER A 507 48.85 17.30 46.56
N GLU A 508 49.89 18.11 46.73
CA GLU A 508 50.45 18.29 48.06
C GLU A 508 49.50 19.00 49.02
N GLU A 509 48.59 19.84 48.51
CA GLU A 509 47.55 20.37 49.38
C GLU A 509 46.46 19.35 49.66
N ALA A 510 46.14 18.51 48.68
CA ALA A 510 45.18 17.42 48.90
C ALA A 510 45.71 16.37 49.86
N LYS A 511 47.04 16.32 50.05
CA LYS A 511 47.68 15.22 50.76
C LYS A 511 46.98 14.82 52.06
N LEU A 512 46.89 15.75 53.02
CA LEU A 512 46.35 15.39 54.33
C LEU A 512 44.88 14.99 54.27
N ASN A 513 44.10 15.64 53.41
CA ASN A 513 42.68 15.33 53.29
C ASN A 513 42.43 14.02 52.57
N ARG A 514 43.36 13.56 51.74
CA ARG A 514 43.34 12.18 51.27
C ARG A 514 43.86 11.22 52.32
N GLU A 515 44.87 11.62 53.10
CA GLU A 515 45.26 10.89 54.30
C GLU A 515 44.21 11.10 55.40
N ASP B 18 33.87 -14.97 52.53
CA ASP B 18 33.41 -15.80 51.39
C ASP B 18 33.02 -14.95 50.19
N THR B 19 32.64 -15.61 49.11
CA THR B 19 32.29 -14.91 47.88
C THR B 19 30.86 -14.38 47.93
N LEU B 20 30.61 -13.38 47.09
CA LEU B 20 29.28 -13.00 46.65
C LEU B 20 29.32 -12.96 45.12
N CYS B 21 28.34 -13.60 44.50
CA CYS B 21 28.37 -13.83 43.07
C CYS B 21 27.07 -13.36 42.45
N ILE B 22 27.17 -12.83 41.24
CA ILE B 22 26.07 -12.14 40.59
C ILE B 22 25.94 -12.65 39.17
N GLY B 23 24.72 -12.88 38.74
CA GLY B 23 24.46 -13.45 37.43
C GLY B 23 22.99 -13.68 37.26
N TYR B 24 22.59 -14.69 36.49
CA TYR B 24 21.18 -14.77 36.15
C TYR B 24 20.72 -16.21 36.02
N HIS B 25 19.42 -16.39 36.26
CA HIS B 25 18.73 -17.65 36.09
C HIS B 25 18.92 -18.20 34.68
N ALA B 26 19.45 -19.41 34.59
CA ALA B 26 19.54 -20.16 33.35
C ALA B 26 18.68 -21.42 33.43
N ASN B 27 18.00 -21.75 32.32
CA ASN B 27 16.80 -22.56 32.34
C ASN B 27 16.95 -23.71 31.35
N ASN B 28 16.24 -24.82 31.61
CA ASN B 28 16.45 -26.03 30.83
C ASN B 28 15.94 -25.95 29.40
N SER B 29 15.17 -24.94 29.03
CA SER B 29 14.49 -24.96 27.75
C SER B 29 15.44 -24.67 26.59
N THR B 30 15.01 -25.08 25.40
CA THR B 30 15.72 -24.80 24.14
C THR B 30 14.93 -23.87 23.22
N ASP B 31 14.30 -22.84 23.77
CA ASP B 31 13.62 -21.84 22.96
C ASP B 31 14.66 -20.92 22.32
N THR B 32 14.54 -20.67 21.02
CA THR B 32 15.56 -19.94 20.28
C THR B 32 14.96 -18.70 19.62
N VAL B 33 15.80 -17.66 19.55
CA VAL B 33 15.48 -16.39 18.91
C VAL B 33 16.64 -16.02 18.02
N ASP B 34 16.33 -15.49 16.83
CA ASP B 34 17.35 -14.85 16.00
C ASP B 34 17.60 -13.41 16.42
N THR B 35 18.86 -13.00 16.37
CA THR B 35 19.26 -11.61 16.59
C THR B 35 20.10 -11.18 15.40
N VAL B 36 20.01 -9.90 15.04
CA VAL B 36 20.73 -9.44 13.85
C VAL B 36 22.22 -9.69 13.97
N LEU B 37 22.78 -9.62 15.17
CA LEU B 37 24.19 -9.91 15.37
C LEU B 37 24.50 -11.41 15.35
N GLU B 38 23.56 -12.27 15.74
CA GLU B 38 23.89 -13.67 16.00
C GLU B 38 22.66 -14.51 15.76
N LYS B 39 22.75 -15.43 14.82
CA LYS B 39 21.67 -16.37 14.55
C LYS B 39 21.51 -17.46 15.61
N ASN B 40 20.29 -17.95 15.72
CA ASN B 40 19.96 -19.26 16.27
C ASN B 40 20.31 -19.39 17.74
N VAL B 41 20.42 -18.27 18.46
CA VAL B 41 20.78 -18.29 19.87
C VAL B 41 19.57 -18.65 20.73
N THR B 42 19.85 -19.27 21.88
CA THR B 42 18.84 -19.68 22.85
C THR B 42 18.59 -18.63 23.92
N VAL B 43 17.32 -18.44 24.29
CA VAL B 43 16.93 -17.54 25.37
C VAL B 43 15.98 -18.26 26.31
N THR B 44 16.06 -17.90 27.59
CA THR B 44 15.38 -18.65 28.64
C THR B 44 13.87 -18.54 28.58
N HIS B 45 13.33 -17.48 27.99
CA HIS B 45 11.90 -17.37 27.84
C HIS B 45 11.62 -16.43 26.68
N SER B 46 10.53 -16.69 25.95
CA SER B 46 10.23 -15.87 24.79
C SER B 46 8.73 -15.80 24.57
N VAL B 47 8.32 -14.74 23.88
CA VAL B 47 6.92 -14.51 23.53
C VAL B 47 6.81 -14.65 22.03
N ASN B 48 6.08 -15.66 21.60
CA ASN B 48 5.83 -15.88 20.17
C ASN B 48 4.72 -14.96 19.71
N LEU B 49 5.00 -14.17 18.68
CA LEU B 49 4.05 -13.27 18.05
C LEU B 49 3.38 -13.84 16.80
N LEU B 50 3.83 -14.97 16.26
CA LEU B 50 3.26 -15.49 15.02
C LEU B 50 2.50 -16.77 15.31
N GLU B 51 1.20 -16.75 14.99
CA GLU B 51 0.31 -17.91 15.17
C GLU B 51 0.51 -18.93 14.08
N ASP B 52 1.10 -20.07 14.41
CA ASP B 52 1.20 -21.14 13.45
C ASP B 52 0.02 -22.10 13.51
N LYS B 53 -0.87 -21.93 14.50
CA LYS B 53 -1.92 -22.89 14.79
C LYS B 53 -3.30 -22.25 14.76
N HIS B 54 -4.28 -22.97 14.24
CA HIS B 54 -5.64 -22.47 14.17
C HIS B 54 -6.62 -23.55 14.59
N ASN B 55 -7.83 -23.12 14.94
CA ASN B 55 -8.82 -23.96 15.60
C ASN B 55 -9.61 -24.86 14.66
N GLY B 56 -9.35 -24.80 13.35
CA GLY B 56 -9.87 -25.81 12.45
C GLY B 56 -11.37 -25.78 12.22
N LYS B 57 -12.06 -24.69 12.53
CA LYS B 57 -13.51 -24.66 12.47
C LYS B 57 -13.98 -23.36 11.79
N LEU B 58 -15.21 -23.37 11.30
CA LEU B 58 -15.90 -22.15 10.90
C LEU B 58 -16.89 -21.83 12.01
N CYS B 59 -16.88 -20.58 12.47
CA CYS B 59 -17.30 -20.30 13.84
C CYS B 59 -18.20 -19.09 13.90
N LYS B 60 -18.91 -18.98 15.01
CA LYS B 60 -19.73 -17.80 15.28
C LYS B 60 -18.84 -16.59 15.46
N LEU B 61 -19.18 -15.49 14.79
CA LEU B 61 -18.34 -14.31 14.71
C LEU B 61 -19.14 -13.07 15.04
N ARG B 62 -18.53 -12.17 15.81
CA ARG B 62 -19.10 -10.85 16.04
C ARG B 62 -20.52 -10.93 16.58
N GLY B 63 -20.80 -11.99 17.34
CA GLY B 63 -22.09 -12.23 17.94
C GLY B 63 -23.12 -12.95 17.09
N VAL B 64 -22.79 -13.34 15.86
CA VAL B 64 -23.79 -13.92 14.97
C VAL B 64 -23.16 -15.06 14.18
N ALA B 65 -23.98 -16.01 13.80
CA ALA B 65 -23.48 -17.12 13.02
C ALA B 65 -23.31 -16.75 11.55
N PRO B 66 -22.42 -17.43 10.84
CA PRO B 66 -22.34 -17.26 9.40
C PRO B 66 -23.49 -17.90 8.66
N LEU B 67 -23.74 -17.40 7.47
CA LEU B 67 -24.54 -18.11 6.50
C LEU B 67 -23.69 -19.20 5.86
N HIS B 68 -24.13 -20.44 5.95
CA HIS B 68 -23.44 -21.57 5.34
C HIS B 68 -24.32 -22.18 4.26
N LEU B 69 -23.84 -22.16 3.03
CA LEU B 69 -24.65 -22.49 1.87
C LEU B 69 -24.47 -23.92 1.40
N GLY B 70 -23.62 -24.69 2.05
CA GLY B 70 -23.44 -26.09 1.70
C GLY B 70 -23.20 -26.30 0.21
N LYS B 71 -23.91 -27.28 -0.35
CA LYS B 71 -23.72 -27.68 -1.74
C LYS B 71 -24.02 -26.61 -2.78
N CYS B 72 -24.59 -25.46 -2.41
CA CYS B 72 -25.07 -24.52 -3.42
C CYS B 72 -24.52 -23.12 -3.18
N ASN B 73 -24.15 -22.45 -4.27
CA ASN B 73 -23.52 -21.15 -4.26
C ASN B 73 -24.54 -20.01 -4.23
N ILE B 74 -24.05 -18.79 -4.00
CA ILE B 74 -24.91 -17.61 -3.94
C ILE B 74 -25.77 -17.44 -5.19
N ALA B 75 -25.26 -17.80 -6.35
CA ALA B 75 -26.09 -17.71 -7.55
C ALA B 75 -27.13 -18.80 -7.65
N GLY B 76 -27.12 -19.77 -6.75
CA GLY B 76 -28.23 -20.70 -6.57
C GLY B 76 -29.07 -20.44 -5.35
N TRP B 77 -28.47 -19.94 -4.29
CA TRP B 77 -29.25 -19.60 -3.10
C TRP B 77 -30.21 -18.46 -3.37
N ILE B 78 -29.74 -17.34 -3.91
CA ILE B 78 -30.64 -16.22 -4.10
C ILE B 78 -31.72 -16.58 -5.11
N LEU B 79 -31.40 -17.37 -6.12
CA LEU B 79 -32.44 -17.90 -6.98
C LEU B 79 -33.24 -19.01 -6.31
N GLY B 80 -32.74 -19.58 -5.22
CA GLY B 80 -33.42 -20.70 -4.58
C GLY B 80 -33.42 -21.89 -5.51
N ASN B 81 -32.25 -22.44 -5.77
CA ASN B 81 -32.17 -23.64 -6.59
C ASN B 81 -32.93 -24.79 -5.90
N PRO B 82 -33.68 -25.59 -6.66
CA PRO B 82 -34.32 -26.78 -6.07
C PRO B 82 -33.42 -27.64 -5.19
N GLU B 83 -32.15 -27.80 -5.53
CA GLU B 83 -31.20 -28.62 -4.81
C GLU B 83 -30.61 -27.92 -3.59
N CYS B 84 -31.10 -26.74 -3.23
CA CYS B 84 -30.70 -26.06 -2.00
C CYS B 84 -31.94 -25.54 -1.30
N GLU B 85 -32.13 -25.99 -0.05
CA GLU B 85 -33.33 -25.66 0.71
C GLU B 85 -32.92 -25.51 2.17
N SER B 86 -32.97 -24.29 2.69
CA SER B 86 -32.77 -24.09 4.12
C SER B 86 -33.31 -22.74 4.53
N LEU B 87 -33.54 -22.58 5.83
CA LEU B 87 -33.82 -21.26 6.36
C LEU B 87 -32.54 -20.45 6.27
N SER B 88 -32.64 -19.13 6.29
CA SER B 88 -31.41 -18.37 6.35
C SER B 88 -30.68 -18.80 7.61
N THR B 89 -29.42 -19.21 7.47
CA THR B 89 -28.68 -19.75 8.61
C THR B 89 -28.81 -18.88 9.84
N ALA B 90 -28.92 -17.58 9.66
CA ALA B 90 -29.16 -16.67 10.77
C ALA B 90 -29.82 -15.41 10.24
N ARG B 91 -30.84 -14.94 10.94
CA ARG B 91 -31.53 -13.73 10.50
C ARG B 91 -30.56 -12.55 10.52
N SER B 92 -29.35 -12.79 11.01
CA SER B 92 -28.23 -11.85 10.92
C SER B 92 -27.00 -12.72 10.78
N TRP B 93 -26.10 -12.38 9.86
CA TRP B 93 -24.93 -13.21 9.64
C TRP B 93 -23.73 -12.34 9.30
N SER B 94 -22.56 -12.82 9.66
CA SER B 94 -21.33 -12.04 9.51
C SER B 94 -20.44 -12.47 8.36
N TYR B 95 -20.75 -13.56 7.66
CA TYR B 95 -20.08 -13.87 6.40
C TYR B 95 -20.87 -14.94 5.66
N ILE B 96 -20.52 -15.15 4.40
CA ILE B 96 -21.05 -16.25 3.61
C ILE B 96 -19.94 -17.28 3.44
N VAL B 97 -20.29 -18.54 3.64
CA VAL B 97 -19.40 -19.67 3.40
C VAL B 97 -20.00 -20.52 2.30
N GLU B 98 -19.20 -20.86 1.31
CA GLU B 98 -19.55 -21.88 0.35
C GLU B 98 -18.60 -23.04 0.55
N THR B 99 -19.10 -24.25 0.43
CA THR B 99 -18.22 -25.40 0.52
C THR B 99 -17.33 -25.48 -0.71
N SER B 100 -16.20 -26.17 -0.56
CA SER B 100 -15.21 -26.23 -1.63
C SER B 100 -15.75 -26.88 -2.90
N ASN B 101 -16.57 -27.91 -2.77
CA ASN B 101 -17.58 -28.23 -3.78
C ASN B 101 -18.80 -27.32 -3.65
N SER B 102 -19.08 -26.54 -4.70
CA SER B 102 -20.29 -25.72 -4.82
C SER B 102 -20.76 -25.73 -6.27
N ASP B 103 -20.92 -26.93 -6.82
CA ASP B 103 -21.21 -27.05 -8.24
C ASP B 103 -22.61 -26.55 -8.60
N ASN B 104 -23.57 -26.63 -7.68
CA ASN B 104 -24.89 -26.10 -7.96
C ASN B 104 -24.93 -24.59 -7.92
N GLY B 105 -25.74 -24.02 -8.81
CA GLY B 105 -25.72 -22.61 -9.09
C GLY B 105 -26.79 -22.25 -10.11
N THR B 106 -26.42 -21.45 -11.10
CA THR B 106 -27.35 -21.03 -12.13
C THR B 106 -27.55 -22.18 -13.11
N CYS B 107 -28.30 -23.18 -12.63
CA CYS B 107 -28.43 -24.45 -13.31
C CYS B 107 -29.08 -24.30 -14.69
N TYR B 108 -29.71 -23.16 -14.96
CA TYR B 108 -30.04 -22.77 -16.32
C TYR B 108 -29.05 -21.73 -16.81
N PRO B 109 -28.31 -21.96 -17.89
CA PRO B 109 -27.04 -21.25 -18.09
C PRO B 109 -27.22 -19.81 -18.55
N GLY B 110 -26.21 -19.00 -18.24
CA GLY B 110 -26.15 -17.61 -18.66
C GLY B 110 -25.58 -16.72 -17.56
N ASP B 111 -25.06 -15.58 -17.99
CA ASP B 111 -24.26 -14.76 -17.09
C ASP B 111 -25.13 -14.01 -16.09
N PHE B 112 -24.78 -14.14 -14.81
CA PHE B 112 -25.40 -13.36 -13.75
C PHE B 112 -24.71 -11.99 -13.71
N ILE B 113 -25.44 -10.95 -14.11
CA ILE B 113 -24.86 -9.66 -14.46
C ILE B 113 -24.51 -8.85 -13.22
N ASN B 114 -23.31 -8.29 -13.18
CA ASN B 114 -22.78 -7.69 -11.95
C ASN B 114 -22.78 -8.66 -10.80
N TYR B 115 -22.66 -9.94 -11.10
CA TYR B 115 -22.73 -10.98 -10.08
C TYR B 115 -21.70 -10.80 -8.97
N GLU B 116 -20.47 -10.41 -9.32
CA GLU B 116 -19.49 -10.10 -8.28
C GLU B 116 -19.85 -8.89 -7.42
N GLU B 117 -20.79 -8.05 -7.83
CA GLU B 117 -21.27 -6.95 -7.00
C GLU B 117 -22.37 -7.36 -6.06
N LEU B 118 -23.33 -8.16 -6.54
CA LEU B 118 -24.29 -8.76 -5.63
C LEU B 118 -23.58 -9.55 -4.55
N ARG B 119 -22.59 -10.35 -4.94
CA ARG B 119 -21.79 -11.12 -4.00
C ARG B 119 -21.09 -10.27 -2.95
N GLU B 120 -20.87 -8.98 -3.20
CA GLU B 120 -20.34 -8.09 -2.17
C GLU B 120 -21.43 -7.56 -1.23
N GLN B 121 -22.53 -7.06 -1.78
CA GLN B 121 -23.56 -6.46 -0.95
C GLN B 121 -24.20 -7.46 -0.02
N LEU B 122 -24.40 -8.70 -0.48
CA LEU B 122 -24.93 -9.76 0.36
C LEU B 122 -23.99 -10.22 1.45
N SER B 123 -22.70 -9.90 1.40
CA SER B 123 -21.76 -10.68 2.21
C SER B 123 -22.09 -10.58 3.68
N SER B 124 -22.66 -9.48 4.13
CA SER B 124 -23.13 -9.33 5.50
C SER B 124 -24.44 -8.58 5.49
N VAL B 125 -25.43 -9.06 6.24
CA VAL B 125 -26.70 -8.35 6.39
C VAL B 125 -27.12 -8.38 7.85
N SER B 126 -27.62 -7.26 8.32
CA SER B 126 -28.12 -7.13 9.69
C SER B 126 -29.59 -7.49 9.82
N SER B 127 -30.25 -7.82 8.71
CA SER B 127 -31.53 -8.50 8.70
C SER B 127 -31.72 -9.07 7.30
N PHE B 128 -32.55 -10.10 7.20
CA PHE B 128 -32.99 -10.54 5.88
C PHE B 128 -34.25 -11.36 6.04
N GLU B 129 -35.25 -11.08 5.21
CA GLU B 129 -36.53 -11.79 5.29
C GLU B 129 -37.04 -11.96 3.87
N ARG B 130 -37.05 -13.19 3.38
CA ARG B 130 -37.68 -13.43 2.09
C ARG B 130 -39.18 -13.23 2.20
N PHE B 131 -39.72 -12.34 1.39
CA PHE B 131 -41.11 -11.95 1.47
C PHE B 131 -41.71 -11.77 0.09
N GLU B 132 -42.92 -12.31 -0.08
CA GLU B 132 -43.51 -12.65 -1.38
C GLU B 132 -44.19 -11.45 -2.02
N ILE B 133 -43.40 -10.41 -2.27
CA ILE B 133 -43.91 -9.11 -2.68
C ILE B 133 -44.83 -9.19 -3.90
N PHE B 134 -44.66 -10.19 -4.76
CA PHE B 134 -45.57 -10.44 -5.88
C PHE B 134 -46.12 -11.86 -5.78
N PRO B 135 -47.08 -12.08 -4.87
CA PRO B 135 -47.39 -13.44 -4.44
C PRO B 135 -47.97 -14.27 -5.57
N LYS B 136 -47.63 -15.55 -5.54
CA LYS B 136 -48.01 -16.44 -6.64
C LYS B 136 -49.52 -16.52 -6.80
N THR B 137 -50.28 -16.28 -5.73
CA THR B 137 -51.74 -16.23 -5.81
C THR B 137 -52.27 -14.99 -6.53
N SER B 138 -52.62 -15.19 -7.80
CA SER B 138 -53.38 -14.25 -8.63
C SER B 138 -52.74 -12.87 -8.79
N SER B 139 -51.46 -12.71 -8.48
CA SER B 139 -50.79 -11.51 -8.98
C SER B 139 -50.61 -11.56 -10.49
N TRP B 140 -50.81 -12.71 -11.12
CA TRP B 140 -50.49 -12.91 -12.53
C TRP B 140 -51.71 -13.48 -13.26
N PRO B 141 -52.85 -12.77 -13.22
CA PRO B 141 -53.97 -13.16 -14.08
C PRO B 141 -53.58 -13.22 -15.55
N ASN B 142 -54.38 -13.98 -16.31
CA ASN B 142 -54.25 -14.06 -17.77
C ASN B 142 -52.90 -14.63 -18.21
N HIS B 143 -52.11 -15.17 -17.29
CA HIS B 143 -50.77 -15.65 -17.61
C HIS B 143 -50.54 -16.97 -16.91
N ASP B 144 -49.53 -17.69 -17.39
CA ASP B 144 -49.10 -18.91 -16.74
C ASP B 144 -48.16 -18.61 -15.58
N SER B 145 -48.23 -19.46 -14.55
CA SER B 145 -47.17 -19.50 -13.55
C SER B 145 -46.97 -20.90 -12.98
N ASP B 146 -47.62 -21.93 -13.54
CA ASP B 146 -47.48 -23.31 -13.15
C ASP B 146 -46.44 -24.06 -13.96
N ASN B 147 -46.46 -23.91 -15.28
CA ASN B 147 -45.75 -24.78 -16.20
C ASN B 147 -44.45 -24.19 -16.73
N GLY B 148 -44.00 -23.07 -16.17
CA GLY B 148 -42.67 -22.57 -16.45
C GLY B 148 -41.63 -23.40 -15.74
N VAL B 149 -41.33 -24.58 -16.28
CA VAL B 149 -40.42 -25.54 -15.65
C VAL B 149 -39.54 -26.16 -16.72
N THR B 150 -38.41 -26.71 -16.29
CA THR B 150 -37.39 -27.18 -17.20
C THR B 150 -36.67 -28.39 -16.61
N ALA B 151 -36.11 -29.20 -17.51
CA ALA B 151 -35.23 -30.31 -17.16
C ALA B 151 -33.84 -29.88 -16.71
N ALA B 152 -33.45 -28.63 -16.93
CA ALA B 152 -32.11 -28.19 -16.58
C ALA B 152 -31.89 -28.07 -15.08
N CYS B 153 -32.95 -28.06 -14.27
CA CYS B 153 -32.84 -27.93 -12.81
C CYS B 153 -33.73 -28.95 -12.13
N PRO B 154 -33.54 -30.24 -12.41
CA PRO B 154 -34.58 -31.23 -12.17
C PRO B 154 -34.75 -31.62 -10.70
N HIS B 155 -35.95 -32.08 -10.38
CA HIS B 155 -36.27 -32.69 -9.11
C HIS B 155 -37.32 -33.77 -9.32
N ALA B 156 -37.23 -34.83 -8.51
CA ALA B 156 -38.08 -36.01 -8.63
C ALA B 156 -38.05 -36.63 -10.04
N GLY B 157 -37.08 -36.27 -10.86
CA GLY B 157 -37.10 -36.64 -12.26
C GLY B 157 -38.09 -35.90 -13.11
N ALA B 158 -38.84 -34.97 -12.54
CA ALA B 158 -39.78 -34.13 -13.27
C ALA B 158 -39.09 -32.82 -13.66
N LYS B 159 -39.77 -32.08 -14.54
CA LYS B 159 -39.39 -30.69 -14.76
C LYS B 159 -39.62 -29.90 -13.47
N SER B 160 -38.73 -28.96 -13.20
CA SER B 160 -38.87 -28.08 -12.04
C SER B 160 -38.24 -26.74 -12.37
N PHE B 161 -38.14 -25.86 -11.38
CA PHE B 161 -37.68 -24.51 -11.67
C PHE B 161 -37.20 -23.82 -10.41
N TYR B 162 -36.57 -22.66 -10.60
CA TYR B 162 -36.24 -21.77 -9.50
C TYR B 162 -37.47 -21.46 -8.66
N LYS B 163 -37.25 -21.31 -7.35
CA LYS B 163 -38.34 -21.09 -6.43
C LYS B 163 -38.61 -19.62 -6.15
N ASN B 164 -37.57 -18.79 -6.23
CA ASN B 164 -37.68 -17.37 -5.92
C ASN B 164 -38.09 -16.51 -7.11
N LEU B 165 -38.04 -17.06 -8.32
CA LEU B 165 -38.43 -16.36 -9.53
C LEU B 165 -39.52 -17.16 -10.21
N ILE B 166 -40.45 -16.49 -10.89
CA ILE B 166 -41.46 -17.17 -11.67
C ILE B 166 -41.19 -16.93 -13.15
N TRP B 167 -41.02 -18.02 -13.90
CA TRP B 167 -40.95 -17.98 -15.36
C TRP B 167 -42.34 -17.96 -15.94
N LEU B 168 -42.79 -16.78 -16.36
CA LEU B 168 -44.07 -16.61 -17.02
C LEU B 168 -44.06 -17.05 -18.48
N VAL B 169 -45.22 -17.48 -18.96
CA VAL B 169 -45.41 -17.97 -20.32
C VAL B 169 -46.80 -17.55 -20.75
N LYS B 170 -47.03 -17.49 -22.07
CA LYS B 170 -48.36 -17.16 -22.56
C LYS B 170 -49.40 -18.10 -21.95
N LYS B 171 -50.61 -17.58 -21.75
CA LYS B 171 -51.78 -18.40 -21.49
C LYS B 171 -52.66 -18.38 -22.73
N GLY B 172 -53.05 -19.55 -23.20
CA GLY B 172 -53.81 -19.63 -24.43
C GLY B 172 -53.00 -19.25 -25.64
N LYS B 173 -53.37 -18.12 -26.27
CA LYS B 173 -52.76 -17.68 -27.51
C LYS B 173 -52.46 -16.19 -27.48
N SER B 174 -52.18 -15.64 -26.30
CA SER B 174 -51.95 -14.21 -26.15
C SER B 174 -50.98 -13.99 -25.00
N TYR B 175 -50.33 -12.83 -25.02
CA TYR B 175 -49.44 -12.43 -23.93
C TYR B 175 -49.72 -10.98 -23.56
N PRO B 176 -50.66 -10.74 -22.63
CA PRO B 176 -50.90 -9.37 -22.16
C PRO B 176 -49.69 -8.77 -21.47
N LYS B 177 -49.36 -7.54 -21.85
CA LYS B 177 -48.19 -6.86 -21.32
C LYS B 177 -48.28 -6.68 -19.81
N ILE B 178 -47.23 -7.07 -19.11
CA ILE B 178 -47.19 -6.86 -17.67
C ILE B 178 -47.15 -5.36 -17.39
N ASN B 179 -47.69 -4.98 -16.23
CA ASN B 179 -47.61 -3.59 -15.76
C ASN B 179 -47.34 -3.52 -14.27
N GLN B 180 -46.70 -4.56 -13.74
CA GLN B 180 -46.55 -4.71 -12.30
C GLN B 180 -45.84 -3.54 -11.67
N THR B 181 -46.24 -3.18 -10.46
CA THR B 181 -45.67 -2.06 -9.73
C THR B 181 -45.54 -2.49 -8.28
N TYR B 182 -44.49 -2.02 -7.62
CA TYR B 182 -44.44 -2.11 -6.16
C TYR B 182 -43.91 -0.81 -5.58
N ILE B 183 -44.46 -0.42 -4.44
CA ILE B 183 -44.00 0.77 -3.73
C ILE B 183 -43.45 0.35 -2.37
N ASN B 184 -42.21 0.75 -2.11
CA ASN B 184 -41.44 0.28 -0.95
C ASN B 184 -41.95 0.91 0.33
N ASP B 185 -43.02 0.35 0.87
CA ASP B 185 -43.63 0.84 2.10
C ASP B 185 -43.07 0.18 3.35
N LYS B 186 -42.22 -0.84 3.22
CA LYS B 186 -41.67 -1.57 4.36
C LYS B 186 -40.51 -0.88 5.06
N GLY B 187 -40.17 0.35 4.71
CA GLY B 187 -39.21 1.11 5.51
C GLY B 187 -37.81 0.56 5.54
N LYS B 188 -37.38 -0.11 4.47
CA LYS B 188 -36.13 -0.85 4.42
C LYS B 188 -35.53 -0.66 3.03
N GLU B 189 -34.25 -0.97 2.88
CA GLU B 189 -33.77 -1.32 1.56
C GLU B 189 -34.49 -2.58 1.12
N VAL B 190 -34.96 -2.60 -0.12
CA VAL B 190 -35.58 -3.80 -0.67
C VAL B 190 -34.78 -4.25 -1.88
N LEU B 191 -34.17 -5.43 -1.76
CA LEU B 191 -33.50 -6.07 -2.89
C LEU B 191 -34.55 -6.69 -3.79
N VAL B 192 -34.41 -6.50 -5.08
CA VAL B 192 -35.27 -7.13 -6.07
C VAL B 192 -34.40 -7.78 -7.13
N LEU B 193 -34.90 -8.87 -7.70
CA LEU B 193 -34.19 -9.55 -8.78
C LEU B 193 -35.18 -9.93 -9.86
N TRP B 194 -34.66 -10.21 -11.04
CA TRP B 194 -35.47 -10.79 -12.09
C TRP B 194 -34.54 -11.48 -13.07
N GLY B 195 -35.13 -12.26 -13.99
CA GLY B 195 -34.41 -12.80 -15.12
C GLY B 195 -34.98 -12.35 -16.45
N ILE B 196 -34.20 -12.57 -17.50
CA ILE B 196 -34.63 -12.37 -18.88
C ILE B 196 -34.23 -13.60 -19.69
N HIS B 197 -35.12 -14.06 -20.56
CA HIS B 197 -34.88 -15.28 -21.33
C HIS B 197 -34.52 -14.94 -22.77
N HIS B 198 -33.48 -15.60 -23.30
CA HIS B 198 -33.05 -15.50 -24.68
C HIS B 198 -33.30 -16.84 -25.36
N PRO B 199 -34.48 -17.06 -25.94
CA PRO B 199 -34.72 -18.30 -26.68
C PRO B 199 -33.71 -18.52 -27.78
N PRO B 200 -33.38 -19.78 -28.08
CA PRO B 200 -32.34 -20.05 -29.08
C PRO B 200 -32.79 -19.84 -30.51
N THR B 201 -34.09 -19.81 -30.78
CA THR B 201 -34.57 -19.71 -32.14
C THR B 201 -35.85 -18.90 -32.15
N ILE B 202 -36.15 -18.33 -33.31
CA ILE B 202 -37.42 -17.64 -33.49
C ILE B 202 -38.59 -18.59 -33.24
N ALA B 203 -38.45 -19.85 -33.65
CA ALA B 203 -39.53 -20.80 -33.44
C ALA B 203 -39.84 -21.00 -31.96
N ASP B 204 -38.82 -21.02 -31.12
CA ASP B 204 -39.05 -21.11 -29.68
C ASP B 204 -39.62 -19.82 -29.09
N GLN B 205 -39.15 -18.67 -29.56
CA GLN B 205 -39.69 -17.39 -29.13
C GLN B 205 -41.17 -17.26 -29.46
N GLN B 206 -41.55 -17.47 -30.73
CA GLN B 206 -42.95 -17.34 -31.12
C GLN B 206 -43.86 -18.33 -30.41
N SER B 207 -43.37 -19.54 -30.16
CA SER B 207 -44.21 -20.53 -29.48
C SER B 207 -44.48 -20.17 -28.03
N LEU B 208 -43.48 -19.69 -27.29
CA LEU B 208 -43.72 -19.37 -25.88
C LEU B 208 -44.30 -17.98 -25.65
N TYR B 209 -43.91 -16.98 -26.43
CA TYR B 209 -44.21 -15.60 -26.11
C TYR B 209 -45.03 -14.88 -27.15
N GLN B 210 -45.36 -15.53 -28.26
CA GLN B 210 -46.29 -15.02 -29.27
C GLN B 210 -45.84 -13.70 -29.87
N ASN B 211 -44.61 -13.27 -29.64
CA ASN B 211 -44.18 -11.93 -30.01
C ASN B 211 -42.70 -11.94 -30.36
N ALA B 212 -42.38 -11.51 -31.58
CA ALA B 212 -40.99 -11.32 -31.98
C ALA B 212 -40.41 -10.02 -31.45
N ASP B 213 -41.26 -9.01 -31.21
CA ASP B 213 -40.83 -7.69 -30.78
C ASP B 213 -40.53 -7.64 -29.29
N ALA B 214 -40.33 -8.78 -28.64
CA ALA B 214 -40.30 -8.83 -27.20
C ALA B 214 -39.27 -7.88 -26.64
N TYR B 215 -39.63 -7.21 -25.54
CA TYR B 215 -38.68 -6.40 -24.82
C TYR B 215 -39.13 -6.30 -23.38
N VAL B 216 -38.22 -5.85 -22.53
CA VAL B 216 -38.53 -5.54 -21.16
C VAL B 216 -38.08 -4.14 -20.88
N PHE B 217 -38.80 -3.47 -20.00
CA PHE B 217 -38.32 -2.23 -19.40
C PHE B 217 -38.42 -2.36 -17.90
N VAL B 218 -37.51 -1.72 -17.21
CA VAL B 218 -37.57 -1.62 -15.76
C VAL B 218 -37.34 -0.16 -15.39
N GLY B 219 -38.16 0.36 -14.50
CA GLY B 219 -38.06 1.76 -14.12
C GLY B 219 -37.96 1.93 -12.62
N THR B 220 -37.24 2.99 -12.24
CA THR B 220 -36.95 3.33 -10.86
C THR B 220 -36.56 4.80 -10.88
N SER B 221 -36.39 5.41 -9.70
CA SER B 221 -35.81 6.75 -9.67
C SER B 221 -34.32 6.75 -9.98
N ARG B 222 -33.54 5.98 -9.23
CA ARG B 222 -32.10 5.90 -9.39
C ARG B 222 -31.65 5.10 -10.59
N TYR B 223 -32.56 4.47 -11.31
CA TYR B 223 -32.19 3.43 -12.25
C TYR B 223 -33.25 3.34 -13.32
N SER B 224 -32.84 3.01 -14.53
CA SER B 224 -33.79 2.61 -15.54
C SER B 224 -33.01 2.02 -16.69
N LYS B 225 -33.54 0.96 -17.29
CA LYS B 225 -32.79 0.27 -18.32
C LYS B 225 -33.77 -0.49 -19.19
N LYS B 226 -33.33 -0.81 -20.40
CA LYS B 226 -34.10 -1.58 -21.36
C LYS B 226 -33.33 -2.82 -21.79
N PHE B 227 -34.06 -3.88 -22.12
CA PHE B 227 -33.46 -5.17 -22.48
C PHE B 227 -34.19 -5.75 -23.68
N LYS B 228 -33.50 -6.59 -24.45
CA LYS B 228 -34.11 -7.22 -25.62
C LYS B 228 -33.50 -8.60 -25.81
N PRO B 229 -34.20 -9.48 -26.53
CA PRO B 229 -33.69 -10.84 -26.75
C PRO B 229 -32.63 -10.89 -27.82
N GLU B 230 -31.76 -11.88 -27.71
CA GLU B 230 -30.68 -12.11 -28.67
C GLU B 230 -30.81 -13.52 -29.24
N ILE B 231 -31.84 -13.73 -30.06
CA ILE B 231 -32.21 -15.05 -30.56
C ILE B 231 -31.15 -15.61 -31.50
N ALA B 232 -30.36 -16.57 -31.02
CA ALA B 232 -29.35 -17.20 -31.85
C ALA B 232 -28.89 -18.51 -31.22
N THR B 233 -28.64 -19.51 -32.05
CA THR B 233 -28.15 -20.81 -31.60
C THR B 233 -26.78 -20.73 -30.95
N ARG B 234 -26.56 -21.58 -29.97
CA ARG B 234 -25.39 -21.51 -29.10
C ARG B 234 -24.94 -22.93 -28.79
N PRO B 235 -23.69 -23.10 -28.36
CA PRO B 235 -23.24 -24.43 -27.93
C PRO B 235 -23.95 -24.92 -26.68
N LYS B 236 -24.23 -26.22 -26.65
CA LYS B 236 -24.98 -26.82 -25.55
C LYS B 236 -24.22 -26.70 -24.23
N VAL B 237 -24.92 -26.27 -23.19
CA VAL B 237 -24.46 -26.41 -21.81
C VAL B 237 -25.64 -26.94 -21.00
N ARG B 238 -25.39 -27.98 -20.20
CA ARG B 238 -26.48 -28.70 -19.52
C ARG B 238 -27.59 -29.07 -20.50
N ASP B 239 -27.21 -29.26 -21.76
CA ASP B 239 -28.13 -29.34 -22.88
C ASP B 239 -29.26 -28.34 -22.79
N ARG B 240 -28.90 -27.06 -22.64
CA ARG B 240 -29.81 -25.96 -22.94
C ARG B 240 -29.16 -25.07 -23.98
N GLU B 241 -29.96 -24.60 -24.92
CA GLU B 241 -29.44 -23.84 -26.05
C GLU B 241 -29.82 -22.35 -26.05
N GLY B 242 -31.01 -21.99 -25.59
CA GLY B 242 -31.26 -20.63 -25.15
C GLY B 242 -30.66 -20.36 -23.77
N ARG B 243 -30.55 -19.10 -23.39
CA ARG B 243 -29.87 -18.77 -22.15
C ARG B 243 -30.54 -17.61 -21.45
N MET B 244 -30.24 -17.47 -20.16
CA MET B 244 -30.99 -16.64 -19.24
C MET B 244 -30.07 -15.64 -18.57
N ASN B 245 -30.44 -14.36 -18.62
CA ASN B 245 -29.68 -13.29 -17.99
C ASN B 245 -30.36 -12.86 -16.70
N TYR B 246 -29.60 -12.82 -15.61
CA TYR B 246 -30.11 -12.49 -14.30
C TYR B 246 -29.60 -11.14 -13.86
N TYR B 247 -30.51 -10.29 -13.40
CA TYR B 247 -30.26 -8.90 -13.11
C TYR B 247 -30.87 -8.60 -11.75
N TRP B 248 -30.52 -7.46 -11.19
CA TRP B 248 -30.94 -7.17 -9.83
C TRP B 248 -30.98 -5.67 -9.64
N THR B 249 -31.60 -5.24 -8.54
CA THR B 249 -31.85 -3.83 -8.30
C THR B 249 -32.05 -3.62 -6.82
N LEU B 250 -31.82 -2.39 -6.36
CA LEU B 250 -31.90 -2.05 -4.94
C LEU B 250 -32.78 -0.81 -4.79
N VAL B 251 -34.06 -0.97 -4.44
CA VAL B 251 -34.99 0.17 -4.36
C VAL B 251 -34.95 0.77 -2.97
N GLU B 252 -34.74 2.08 -2.91
CA GLU B 252 -34.60 2.79 -1.66
C GLU B 252 -35.95 3.04 -0.99
N PRO B 253 -35.96 3.28 0.32
CA PRO B 253 -37.20 3.54 1.03
C PRO B 253 -38.06 4.61 0.37
N GLY B 254 -39.34 4.31 0.19
CA GLY B 254 -40.28 5.20 -0.46
C GLY B 254 -40.18 5.24 -1.96
N ASP B 255 -39.15 4.63 -2.53
CA ASP B 255 -39.00 4.57 -3.97
C ASP B 255 -40.01 3.57 -4.55
N LYS B 256 -40.15 3.60 -5.87
CA LYS B 256 -41.06 2.74 -6.60
C LYS B 256 -40.26 1.97 -7.64
N ILE B 257 -40.68 0.74 -7.90
CA ILE B 257 -40.12 -0.08 -8.97
C ILE B 257 -41.25 -0.52 -9.88
N THR B 258 -41.02 -0.45 -11.17
CA THR B 258 -42.03 -0.77 -12.15
C THR B 258 -41.45 -1.71 -13.21
N PHE B 259 -42.17 -2.77 -13.50
CA PHE B 259 -41.80 -3.66 -14.59
C PHE B 259 -42.80 -3.45 -15.70
N GLU B 260 -42.32 -3.44 -16.93
CA GLU B 260 -43.15 -3.68 -18.07
C GLU B 260 -42.54 -4.80 -18.90
N ALA B 261 -43.37 -5.63 -19.49
CA ALA B 261 -42.86 -6.54 -20.49
C ALA B 261 -43.92 -6.79 -21.53
N THR B 262 -43.51 -6.83 -22.78
CA THR B 262 -44.33 -7.36 -23.86
C THR B 262 -43.75 -8.67 -24.34
N GLY B 263 -43.04 -9.34 -23.44
CA GLY B 263 -42.41 -10.59 -23.77
C GLY B 263 -41.52 -11.10 -22.67
N ASN B 264 -40.35 -11.55 -23.05
CA ASN B 264 -39.51 -12.38 -22.21
C ASN B 264 -39.43 -11.79 -20.82
N LEU B 265 -39.81 -12.58 -19.82
CA LEU B 265 -39.56 -12.20 -18.44
C LEU B 265 -39.42 -13.45 -17.61
N VAL B 266 -38.66 -13.33 -16.54
CA VAL B 266 -38.68 -14.28 -15.44
C VAL B 266 -38.92 -13.44 -14.21
N ALA B 267 -40.19 -13.10 -13.96
CA ALA B 267 -40.49 -12.02 -13.04
C ALA B 267 -40.27 -12.47 -11.60
N PRO B 268 -39.98 -11.53 -10.71
CA PRO B 268 -39.87 -11.88 -9.30
C PRO B 268 -41.20 -12.31 -8.72
N ARG B 269 -41.13 -13.19 -7.74
CA ARG B 269 -42.24 -13.55 -6.86
C ARG B 269 -41.90 -13.30 -5.40
N TYR B 270 -40.70 -13.64 -4.96
CA TYR B 270 -40.15 -13.15 -3.71
C TYR B 270 -39.19 -12.01 -4.00
N ALA B 271 -39.42 -10.88 -3.37
CA ALA B 271 -38.35 -9.90 -3.16
C ALA B 271 -37.71 -10.20 -1.82
N PHE B 272 -36.76 -9.38 -1.39
CA PHE B 272 -36.10 -9.62 -0.13
C PHE B 272 -35.92 -8.32 0.64
N THR B 273 -36.41 -8.28 1.88
CA THR B 273 -36.10 -7.15 2.74
C THR B 273 -34.65 -7.24 3.20
N MET B 274 -33.99 -6.09 3.31
CA MET B 274 -32.57 -6.07 3.58
C MET B 274 -32.20 -4.85 4.42
N GLU B 275 -31.09 -4.98 5.14
CA GLU B 275 -30.27 -3.85 5.56
C GLU B 275 -28.84 -4.31 5.63
N ARG B 276 -27.91 -3.39 5.45
CA ARG B 276 -26.50 -3.76 5.31
C ARG B 276 -25.64 -2.89 6.21
N ASP B 277 -24.71 -3.53 6.91
CA ASP B 277 -23.59 -2.85 7.55
C ASP B 277 -22.44 -2.73 6.55
N ALA B 278 -21.27 -2.28 7.03
CA ALA B 278 -20.11 -2.16 6.17
C ALA B 278 -19.73 -3.50 5.53
N GLY B 279 -19.80 -4.59 6.28
CA GLY B 279 -19.74 -5.93 5.72
C GLY B 279 -18.33 -6.48 5.53
N SER B 280 -18.29 -7.76 5.14
CA SER B 280 -17.08 -8.53 4.95
C SER B 280 -17.42 -9.75 4.10
N GLY B 281 -16.50 -10.13 3.23
CA GLY B 281 -16.82 -11.00 2.10
C GLY B 281 -17.01 -12.47 2.37
N ILE B 282 -16.80 -13.25 1.30
CA ILE B 282 -16.99 -14.70 1.22
C ILE B 282 -15.75 -15.48 1.69
N ILE B 283 -15.98 -16.72 2.15
CA ILE B 283 -14.96 -17.74 2.37
C ILE B 283 -15.43 -19.02 1.71
N ILE B 284 -14.50 -19.80 1.16
CA ILE B 284 -14.84 -21.04 0.44
C ILE B 284 -14.02 -22.22 0.98
N SER B 285 -14.64 -23.09 1.79
CA SER B 285 -13.94 -24.25 2.34
C SER B 285 -14.94 -25.24 2.94
N ASP B 286 -14.46 -26.47 3.17
CA ASP B 286 -15.25 -27.59 3.71
C ASP B 286 -15.28 -27.70 5.23
N THR B 287 -14.51 -26.88 5.94
CA THR B 287 -14.46 -26.98 7.39
C THR B 287 -15.86 -26.91 8.00
N PRO B 288 -16.18 -27.75 8.99
CA PRO B 288 -17.54 -27.77 9.55
C PRO B 288 -17.79 -26.60 10.49
N VAL B 289 -19.07 -26.35 10.76
CA VAL B 289 -19.51 -25.19 11.53
C VAL B 289 -19.75 -25.59 12.98
N HIS B 290 -19.21 -24.80 13.91
CA HIS B 290 -19.35 -25.06 15.35
C HIS B 290 -19.62 -23.75 16.08
N ASP B 291 -20.16 -23.90 17.29
CA ASP B 291 -20.81 -22.78 17.98
C ASP B 291 -19.85 -21.71 18.49
N CYS B 292 -18.58 -22.02 18.74
CA CYS B 292 -17.80 -21.12 19.57
C CYS B 292 -17.62 -19.77 18.91
N ASN B 293 -17.57 -18.73 19.76
CA ASN B 293 -17.47 -17.35 19.30
C ASN B 293 -16.06 -17.02 18.80
N THR B 294 -15.99 -16.01 17.93
CA THR B 294 -14.81 -15.74 17.13
C THR B 294 -14.72 -14.25 16.88
N THR B 295 -13.48 -13.77 16.63
CA THR B 295 -13.24 -12.44 16.11
C THR B 295 -12.47 -12.40 14.81
N CYS B 296 -11.68 -13.44 14.50
CA CYS B 296 -10.76 -13.45 13.37
C CYS B 296 -10.97 -14.76 12.64
N GLN B 297 -10.92 -14.74 11.32
CA GLN B 297 -11.32 -15.91 10.55
C GLN B 297 -10.32 -16.14 9.44
N THR B 298 -10.19 -17.38 9.00
CA THR B 298 -9.42 -17.73 7.82
C THR B 298 -10.16 -18.85 7.10
N PRO B 299 -9.85 -19.10 5.83
CA PRO B 299 -10.50 -20.20 5.13
C PRO B 299 -10.26 -21.55 5.79
N GLU B 300 -9.08 -21.76 6.36
CA GLU B 300 -8.78 -23.04 6.99
C GLU B 300 -9.53 -23.20 8.31
N GLY B 301 -9.42 -22.21 9.19
CA GLY B 301 -10.06 -22.33 10.48
C GLY B 301 -9.97 -21.04 11.27
N ALA B 302 -10.86 -20.91 12.23
CA ALA B 302 -10.93 -19.71 13.03
C ALA B 302 -9.66 -19.56 13.85
N ILE B 303 -9.49 -18.36 14.38
CA ILE B 303 -8.38 -18.02 15.26
C ILE B 303 -8.97 -17.26 16.44
N ASN B 304 -8.45 -17.51 17.63
CA ASN B 304 -8.64 -16.59 18.74
C ASN B 304 -7.28 -16.17 19.28
N THR B 305 -7.06 -14.87 19.38
CA THR B 305 -5.72 -14.36 19.50
C THR B 305 -5.72 -12.94 20.04
N SER B 306 -4.55 -12.52 20.50
CA SER B 306 -4.22 -11.13 20.71
C SER B 306 -2.76 -10.93 20.32
N LEU B 307 -2.43 -11.31 19.10
CA LEU B 307 -1.09 -11.18 18.56
C LEU B 307 -1.14 -10.42 17.25
N PRO B 308 -0.04 -9.76 16.86
CA PRO B 308 -0.10 -8.86 15.70
C PRO B 308 -0.05 -9.59 14.36
N PHE B 309 0.65 -10.71 14.29
CA PHE B 309 0.99 -11.29 13.00
C PHE B 309 0.51 -12.72 12.96
N GLN B 310 0.15 -13.17 11.77
CA GLN B 310 -0.26 -14.54 11.53
C GLN B 310 0.23 -14.94 10.14
N ASN B 311 0.48 -16.24 9.95
CA ASN B 311 0.96 -16.73 8.66
C ASN B 311 0.16 -17.92 8.13
N VAL B 312 -0.99 -18.23 8.73
CA VAL B 312 -1.70 -19.45 8.39
C VAL B 312 -2.41 -19.29 7.05
N HIS B 313 -2.95 -18.10 6.76
CA HIS B 313 -3.52 -17.90 5.44
C HIS B 313 -3.64 -16.41 5.17
N PRO B 314 -3.38 -15.95 3.94
CA PRO B 314 -3.52 -14.52 3.65
C PRO B 314 -4.95 -14.02 3.54
N ILE B 315 -5.93 -14.85 3.25
CA ILE B 315 -7.31 -14.42 3.25
C ILE B 315 -7.80 -14.36 4.69
N THR B 316 -8.65 -13.39 4.99
CA THR B 316 -9.08 -13.14 6.36
C THR B 316 -10.41 -12.40 6.35
N ILE B 317 -11.10 -12.49 7.48
CA ILE B 317 -12.29 -11.70 7.78
C ILE B 317 -12.14 -11.24 9.22
N GLY B 318 -12.79 -10.15 9.57
CA GLY B 318 -12.80 -9.71 10.94
C GLY B 318 -11.60 -8.81 11.25
N LYS B 319 -11.29 -8.71 12.55
CA LYS B 319 -10.13 -7.93 12.98
C LYS B 319 -8.86 -8.73 12.70
N CYS B 320 -8.43 -8.68 11.45
CA CYS B 320 -7.31 -9.49 10.99
C CYS B 320 -6.05 -9.18 11.78
N PRO B 321 -5.31 -10.18 12.23
CA PRO B 321 -3.87 -10.01 12.40
C PRO B 321 -3.24 -9.94 11.01
N LYS B 322 -2.15 -9.19 10.88
CA LYS B 322 -1.55 -9.00 9.57
C LYS B 322 -0.70 -10.19 9.14
N TYR B 323 -0.87 -10.61 7.88
CA TYR B 323 -0.19 -11.78 7.35
C TYR B 323 1.28 -11.51 7.09
N VAL B 324 2.11 -12.53 7.33
CA VAL B 324 3.52 -12.48 6.98
C VAL B 324 3.94 -13.86 6.47
N LYS B 325 5.00 -13.88 5.68
CA LYS B 325 5.62 -15.10 5.19
C LYS B 325 6.65 -15.68 6.15
N SER B 326 6.92 -15.02 7.26
CA SER B 326 7.96 -15.49 8.18
C SER B 326 7.51 -16.72 8.94
N THR B 327 8.43 -17.25 9.77
CA THR B 327 8.20 -18.48 10.50
C THR B 327 8.59 -18.44 11.98
N LYS B 328 9.38 -17.49 12.42
CA LYS B 328 9.91 -17.54 13.79
C LYS B 328 10.05 -16.15 14.38
N LEU B 329 8.98 -15.36 14.33
CA LEU B 329 8.92 -14.07 15.01
C LEU B 329 8.80 -14.31 16.51
N ARG B 330 9.92 -14.59 17.16
CA ARG B 330 9.96 -14.70 18.60
C ARG B 330 10.70 -13.51 19.20
N LEU B 331 10.02 -12.76 20.04
CA LEU B 331 10.68 -11.79 20.91
C LEU B 331 11.27 -12.50 22.11
N ALA B 332 12.48 -12.11 22.48
CA ALA B 332 12.99 -12.47 23.79
C ALA B 332 12.21 -11.78 24.90
N THR B 333 12.16 -12.45 26.06
CA THR B 333 11.85 -11.81 27.33
C THR B 333 12.88 -12.19 28.37
N GLY B 334 13.18 -13.48 28.44
CA GLY B 334 14.31 -14.01 29.18
C GLY B 334 15.66 -13.65 28.59
N LEU B 335 16.69 -14.23 29.20
CA LEU B 335 18.08 -13.88 28.97
C LEU B 335 18.74 -14.88 28.02
N ARG B 336 19.96 -14.58 27.63
CA ARG B 336 20.83 -15.54 26.93
C ARG B 336 21.03 -16.78 27.78
N ASN B 337 20.63 -17.93 27.25
CA ASN B 337 20.60 -19.17 28.02
C ASN B 337 21.93 -19.91 27.90
N VAL B 338 22.74 -19.86 28.95
CA VAL B 338 24.00 -20.60 28.96
C VAL B 338 24.20 -21.25 30.33
N PRO B 339 23.99 -22.56 30.48
CA PRO B 339 24.33 -23.20 31.75
C PRO B 339 25.80 -23.54 31.86
N SER B 340 26.53 -23.53 30.75
CA SER B 340 27.97 -23.75 30.75
C SER B 340 28.37 -24.94 31.62
N ALA B 351 30.61 -19.24 40.17
CA ALA B 351 31.18 -18.20 39.32
C ALA B 351 30.07 -17.34 38.72
N GLY B 352 30.45 -16.17 38.21
CA GLY B 352 29.50 -15.13 37.85
C GLY B 352 29.07 -15.17 36.40
N PHE B 353 28.27 -14.17 36.04
CA PHE B 353 27.64 -14.07 34.73
C PHE B 353 28.62 -14.15 33.58
N ILE B 354 29.90 -13.83 33.82
CA ILE B 354 30.87 -13.89 32.74
C ILE B 354 31.24 -15.31 32.40
N GLU B 355 31.07 -16.24 33.33
CA GLU B 355 31.10 -17.66 32.99
C GLU B 355 29.75 -18.15 32.51
N GLY B 356 28.67 -17.76 33.16
CA GLY B 356 27.35 -18.20 32.77
C GLY B 356 26.35 -18.00 33.88
N GLY B 357 25.12 -18.49 33.63
CA GLY B 357 24.05 -18.42 34.59
C GLY B 357 23.97 -19.63 35.50
N TRP B 358 22.98 -19.58 36.40
CA TRP B 358 22.75 -20.63 37.38
C TRP B 358 21.39 -21.27 37.14
N THR B 359 21.38 -22.59 36.97
CA THR B 359 20.12 -23.32 37.04
C THR B 359 19.74 -23.62 38.48
N GLY B 360 20.66 -23.41 39.42
CA GLY B 360 20.38 -23.44 40.84
C GLY B 360 19.53 -22.30 41.35
N MET B 361 19.00 -21.46 40.47
CA MET B 361 18.13 -20.36 40.88
C MET B 361 16.82 -20.42 40.12
N VAL B 362 15.74 -20.00 40.80
CA VAL B 362 14.39 -20.18 40.31
C VAL B 362 13.52 -18.97 40.65
N ASP B 363 12.42 -18.84 39.91
CA ASP B 363 11.37 -17.86 40.18
C ASP B 363 11.91 -16.43 40.25
N GLY B 364 12.69 -16.07 39.25
CA GLY B 364 13.24 -14.73 39.18
C GLY B 364 14.19 -14.63 38.01
N TRP B 365 14.87 -13.49 37.91
CA TRP B 365 15.87 -13.34 36.86
C TRP B 365 17.26 -13.07 37.42
N TYR B 366 17.57 -11.80 37.70
CA TYR B 366 18.87 -11.46 38.23
C TYR B 366 18.90 -11.78 39.71
N GLY B 367 20.07 -12.14 40.22
CA GLY B 367 20.10 -12.50 41.62
C GLY B 367 21.50 -12.70 42.15
N TYR B 368 21.55 -13.05 43.43
CA TYR B 368 22.78 -13.19 44.19
C TYR B 368 22.94 -14.60 44.73
N HIS B 369 24.16 -15.11 44.65
CA HIS B 369 24.60 -16.20 45.51
C HIS B 369 25.50 -15.63 46.59
N HIS B 370 25.20 -15.98 47.82
CA HIS B 370 25.93 -15.45 48.95
C HIS B 370 26.24 -16.56 49.93
N GLN B 371 27.18 -16.26 50.81
CA GLN B 371 27.62 -17.17 51.85
C GLN B 371 27.48 -16.50 53.21
N ASN B 372 27.27 -17.31 54.23
CA ASN B 372 27.29 -16.86 55.62
C ASN B 372 27.47 -18.09 56.49
N GLU B 373 27.30 -17.93 57.80
CA GLU B 373 27.51 -19.08 58.69
C GLU B 373 26.60 -20.24 58.32
N GLN B 374 25.43 -19.96 57.76
CA GLN B 374 24.56 -20.99 57.21
C GLN B 374 24.59 -21.04 55.70
N GLY B 375 24.53 -19.89 55.02
CA GLY B 375 25.07 -19.74 53.68
C GLY B 375 24.39 -20.53 52.58
N SER B 376 25.14 -20.69 51.49
CA SER B 376 24.71 -21.41 50.29
C SER B 376 23.40 -20.87 49.71
N GLY B 377 23.10 -19.61 49.98
CA GLY B 377 21.85 -19.04 49.49
C GLY B 377 21.95 -18.69 48.01
N TYR B 378 21.00 -19.19 47.23
CA TYR B 378 20.73 -18.68 45.89
C TYR B 378 19.36 -18.03 45.93
N ALA B 379 19.30 -16.73 45.64
CA ALA B 379 18.05 -16.00 45.75
C ALA B 379 17.96 -14.93 44.68
N ALA B 380 16.79 -14.80 44.08
CA ALA B 380 16.54 -13.72 43.14
C ALA B 380 16.43 -12.39 43.88
N ASP B 381 16.86 -11.32 43.22
CA ASP B 381 16.67 -9.95 43.69
C ASP B 381 15.31 -9.48 43.19
N LEU B 382 14.30 -9.50 44.07
CA LEU B 382 12.94 -9.26 43.61
C LEU B 382 12.68 -7.82 43.21
N LYS B 383 13.26 -6.84 43.90
CA LYS B 383 13.01 -5.45 43.49
C LYS B 383 13.59 -5.13 42.11
N SER B 384 14.81 -5.60 41.82
CA SER B 384 15.38 -5.39 40.49
C SER B 384 14.67 -6.21 39.44
N THR B 385 14.40 -7.48 39.72
CA THR B 385 13.69 -8.31 38.76
C THR B 385 12.31 -7.73 38.46
N GLN B 386 11.60 -7.29 39.49
CA GLN B 386 10.27 -6.72 39.29
C GLN B 386 10.34 -5.44 38.49
N ASN B 387 11.33 -4.59 38.80
CA ASN B 387 11.59 -3.40 38.00
C ASN B 387 11.84 -3.74 36.53
N ALA B 388 12.63 -4.77 36.27
CA ALA B 388 12.88 -5.18 34.90
C ALA B 388 11.61 -5.67 34.23
N ILE B 389 10.94 -6.65 34.82
CA ILE B 389 9.78 -7.25 34.18
C ILE B 389 8.65 -6.27 34.03
N ASP B 390 8.59 -5.21 34.84
CA ASP B 390 7.64 -4.14 34.55
C ASP B 390 7.89 -3.55 33.17
N LYS B 391 9.12 -3.16 32.89
CA LYS B 391 9.47 -2.56 31.61
C LYS B 391 9.45 -3.55 30.45
N ILE B 392 9.91 -4.79 30.69
CA ILE B 392 9.83 -5.82 29.65
C ILE B 392 8.40 -6.18 29.29
N THR B 393 7.50 -6.23 30.27
CA THR B 393 6.10 -6.47 29.94
C THR B 393 5.53 -5.33 29.09
N ASN B 394 5.84 -4.10 29.45
CA ASN B 394 5.42 -2.96 28.64
C ASN B 394 6.05 -3.00 27.24
N LYS B 395 7.28 -3.50 27.13
CA LYS B 395 7.91 -3.59 25.81
C LYS B 395 7.14 -4.51 24.87
N VAL B 396 7.07 -5.80 25.21
CA VAL B 396 6.40 -6.74 24.31
C VAL B 396 4.94 -6.39 24.15
N ASN B 397 4.34 -5.76 25.16
CA ASN B 397 2.96 -5.28 25.02
C ASN B 397 2.85 -4.11 24.04
N SER B 398 3.80 -3.17 24.04
CA SER B 398 3.73 -2.06 23.10
C SER B 398 3.77 -2.51 21.65
N VAL B 399 4.46 -3.60 21.37
CA VAL B 399 4.48 -4.18 20.04
C VAL B 399 3.11 -4.69 19.59
N ILE B 400 2.19 -4.97 20.52
CA ILE B 400 0.91 -5.57 20.20
C ILE B 400 -0.24 -4.59 20.35
N GLU B 401 -0.21 -3.79 21.42
CA GLU B 401 -1.28 -2.84 21.74
C GLU B 401 -1.41 -1.71 20.71
N LYS B 402 -0.30 -1.28 20.12
CA LYS B 402 -0.30 -0.22 19.13
C LYS B 402 -0.54 -0.70 17.71
N MET B 403 -1.02 -1.93 17.52
CA MET B 403 -1.15 -2.45 16.17
C MET B 403 -2.23 -1.75 15.36
N ASN B 404 -3.27 -1.22 16.00
CA ASN B 404 -4.40 -0.61 15.28
C ASN B 404 -5.07 -1.54 14.26
N THR B 405 -5.48 -2.73 14.71
CA THR B 405 -6.27 -3.62 13.86
C THR B 405 -7.67 -3.06 13.66
N GLN B 406 -8.21 -3.24 12.46
CA GLN B 406 -9.57 -2.76 12.17
C GLN B 406 -10.24 -3.62 11.11
N PHE B 407 -11.57 -3.65 11.16
CA PHE B 407 -12.39 -4.65 10.48
C PHE B 407 -12.29 -4.55 8.97
N THR B 408 -11.96 -5.67 8.33
CA THR B 408 -11.60 -5.71 6.91
C THR B 408 -12.02 -7.07 6.35
N ALA B 409 -11.97 -7.19 5.03
CA ALA B 409 -12.12 -8.48 4.37
C ALA B 409 -11.18 -8.54 3.18
N VAL B 410 -10.11 -9.31 3.31
CA VAL B 410 -8.93 -9.10 2.49
C VAL B 410 -9.07 -9.70 1.10
N GLY B 411 -9.69 -10.87 0.97
CA GLY B 411 -9.90 -11.44 -0.36
C GLY B 411 -11.04 -10.77 -1.09
N LYS B 412 -10.84 -10.58 -2.39
CA LYS B 412 -11.81 -9.89 -3.23
C LYS B 412 -11.88 -10.58 -4.58
N GLU B 413 -12.98 -10.33 -5.28
CA GLU B 413 -13.40 -11.16 -6.39
C GLU B 413 -13.47 -10.39 -7.70
N PHE B 414 -12.84 -10.93 -8.75
CA PHE B 414 -12.73 -10.29 -10.04
C PHE B 414 -12.96 -11.34 -11.11
N ASN B 415 -13.65 -10.95 -12.18
CA ASN B 415 -14.16 -11.90 -13.15
C ASN B 415 -13.18 -12.17 -14.30
N HIS B 416 -13.71 -12.79 -15.36
CA HIS B 416 -12.97 -13.09 -16.58
C HIS B 416 -12.14 -11.94 -17.14
N LEU B 417 -12.73 -10.76 -17.30
CA LEU B 417 -12.10 -9.64 -17.99
C LEU B 417 -11.91 -8.41 -17.10
N GLU B 418 -11.44 -8.62 -15.87
CA GLU B 418 -11.02 -7.53 -15.00
C GLU B 418 -9.57 -7.66 -14.58
N LYS B 419 -8.79 -8.39 -15.36
CA LYS B 419 -7.45 -8.83 -14.96
C LYS B 419 -6.50 -7.70 -14.61
N ARG B 420 -6.64 -6.52 -15.21
CA ARG B 420 -5.81 -5.40 -14.76
C ARG B 420 -6.09 -5.03 -13.32
N ILE B 421 -7.37 -5.02 -12.92
CA ILE B 421 -7.72 -4.70 -11.54
C ILE B 421 -7.41 -5.86 -10.61
N GLU B 422 -7.63 -7.09 -11.06
CA GLU B 422 -7.24 -8.27 -10.30
C GLU B 422 -5.74 -8.30 -10.01
N ASN B 423 -4.91 -7.95 -10.99
CA ASN B 423 -3.48 -7.86 -10.72
C ASN B 423 -3.13 -6.66 -9.88
N LEU B 424 -3.84 -5.54 -10.03
CA LEU B 424 -3.64 -4.39 -9.15
C LEU B 424 -3.91 -4.76 -7.70
N ASN B 425 -5.00 -5.46 -7.45
CA ASN B 425 -5.25 -6.02 -6.13
C ASN B 425 -4.05 -6.84 -5.66
N LYS B 426 -3.58 -7.75 -6.52
CA LYS B 426 -2.43 -8.59 -6.19
C LYS B 426 -1.17 -7.77 -5.89
N LYS B 427 -0.97 -6.64 -6.58
CA LYS B 427 0.15 -5.77 -6.24
C LYS B 427 0.00 -5.13 -4.87
N VAL B 428 -1.22 -4.76 -4.50
CA VAL B 428 -1.46 -4.23 -3.16
C VAL B 428 -1.20 -5.30 -2.12
N ASP B 429 -1.72 -6.49 -2.35
CA ASP B 429 -1.65 -7.58 -1.38
C ASP B 429 -0.22 -7.98 -1.11
N ASP B 430 0.58 -8.16 -2.16
CA ASP B 430 1.98 -8.51 -1.96
C ASP B 430 2.84 -7.32 -1.58
N GLY B 431 2.38 -6.08 -1.82
CA GLY B 431 3.09 -4.94 -1.29
C GLY B 431 3.04 -4.86 0.23
N PHE B 432 1.84 -4.97 0.78
CA PHE B 432 1.68 -5.02 2.23
C PHE B 432 2.31 -6.27 2.82
N LEU B 433 2.31 -7.39 2.10
CA LEU B 433 3.07 -8.54 2.56
C LEU B 433 4.56 -8.23 2.62
N ASP B 434 5.13 -7.75 1.52
CA ASP B 434 6.57 -7.46 1.47
C ASP B 434 6.98 -6.43 2.50
N ILE B 435 6.17 -5.40 2.71
CA ILE B 435 6.43 -4.42 3.75
C ILE B 435 6.40 -5.07 5.12
N TRP B 436 5.36 -5.86 5.40
CA TRP B 436 5.16 -6.42 6.74
C TRP B 436 6.19 -7.48 7.12
N THR B 437 6.59 -8.35 6.20
CA THR B 437 7.68 -9.26 6.57
C THR B 437 8.99 -8.52 6.78
N TYR B 438 9.32 -7.55 5.94
CA TYR B 438 10.55 -6.80 6.13
C TYR B 438 10.51 -5.96 7.39
N ASN B 439 9.39 -5.28 7.64
CA ASN B 439 9.18 -4.56 8.90
C ASN B 439 9.26 -5.50 10.10
N ALA B 440 8.47 -6.56 10.09
CA ALA B 440 8.40 -7.46 11.23
C ALA B 440 9.73 -8.15 11.50
N GLU B 441 10.37 -8.71 10.47
CA GLU B 441 11.59 -9.48 10.70
C GLU B 441 12.75 -8.59 11.13
N LEU B 442 12.84 -7.38 10.58
CA LEU B 442 13.80 -6.42 11.11
C LEU B 442 13.37 -5.87 12.45
N LEU B 443 12.06 -5.77 12.69
CA LEU B 443 11.58 -5.25 13.96
C LEU B 443 11.98 -6.14 15.13
N VAL B 444 11.70 -7.43 15.04
CA VAL B 444 12.06 -8.37 16.09
C VAL B 444 13.56 -8.49 16.21
N LEU B 445 14.29 -8.39 15.10
CA LEU B 445 15.75 -8.41 15.16
C LEU B 445 16.31 -7.23 15.94
N LEU B 446 15.81 -6.04 15.65
CA LEU B 446 16.30 -4.86 16.38
C LEU B 446 15.94 -4.90 17.86
N GLU B 447 14.70 -5.29 18.19
CA GLU B 447 14.31 -5.36 19.59
C GLU B 447 14.87 -6.58 20.33
N ASN B 448 15.17 -7.68 19.65
CA ASN B 448 15.96 -8.73 20.29
C ASN B 448 17.39 -8.30 20.52
N GLU B 449 17.99 -7.60 19.56
CA GLU B 449 19.32 -7.06 19.74
C GLU B 449 19.34 -6.09 20.92
N ARG B 450 18.29 -5.28 21.04
CA ARG B 450 18.15 -4.39 22.18
C ARG B 450 18.03 -5.15 23.49
N THR B 451 16.99 -5.99 23.63
CA THR B 451 16.72 -6.62 24.92
C THR B 451 17.85 -7.51 25.38
N LEU B 452 18.48 -8.25 24.48
CA LEU B 452 19.50 -9.21 24.90
C LEU B 452 20.81 -8.55 25.28
N ASP B 453 20.96 -7.25 25.03
CA ASP B 453 21.97 -6.45 25.70
C ASP B 453 21.37 -5.59 26.80
N TYR B 454 20.07 -5.34 26.75
CA TYR B 454 19.35 -4.70 27.84
C TYR B 454 19.52 -5.49 29.14
N HIS B 455 19.44 -6.80 29.07
CA HIS B 455 19.71 -7.63 30.22
C HIS B 455 21.14 -7.44 30.71
N ASP B 456 22.12 -7.58 29.82
CA ASP B 456 23.51 -7.44 30.22
C ASP B 456 23.79 -6.06 30.81
N SER B 457 23.16 -5.02 30.28
CA SER B 457 23.33 -3.69 30.86
C SER B 457 22.66 -3.55 32.23
N ASN B 458 21.48 -4.15 32.42
CA ASN B 458 20.87 -4.15 33.74
C ASN B 458 21.66 -4.93 34.77
N VAL B 459 22.19 -6.09 34.38
CA VAL B 459 23.05 -6.87 35.27
C VAL B 459 24.33 -6.11 35.61
N LYS B 460 24.96 -5.54 34.60
CA LYS B 460 26.15 -4.74 34.82
C LYS B 460 25.88 -3.57 35.74
N ASN B 461 24.77 -2.86 35.49
CA ASN B 461 24.38 -1.76 36.37
C ASN B 461 24.11 -2.22 37.79
N LEU B 462 23.53 -3.41 37.95
CA LEU B 462 23.38 -3.98 39.28
C LEU B 462 24.73 -4.32 39.92
N TYR B 463 25.69 -4.81 39.14
CA TYR B 463 27.03 -5.00 39.67
C TYR B 463 27.63 -3.67 40.11
N GLU B 464 27.56 -2.66 39.25
CA GLU B 464 28.02 -1.32 39.62
C GLU B 464 27.31 -0.82 40.88
N LYS B 465 26.02 -1.08 40.99
CA LYS B 465 25.27 -0.71 42.18
C LYS B 465 25.75 -1.42 43.43
N VAL B 466 26.42 -2.56 43.28
CA VAL B 466 27.14 -3.14 44.40
C VAL B 466 28.51 -2.51 44.60
N ARG B 467 29.18 -2.10 43.51
CA ARG B 467 30.40 -1.32 43.66
C ARG B 467 30.17 -0.04 44.45
N ASN B 468 28.98 0.53 44.39
CA ASN B 468 28.67 1.73 45.17
C ASN B 468 28.74 1.51 46.68
N GLN B 469 28.74 0.26 47.15
CA GLN B 469 29.32 -0.01 48.47
C GLN B 469 30.77 -0.47 48.35
N LEU B 470 30.98 -1.56 47.62
CA LEU B 470 32.28 -2.22 47.50
C LEU B 470 33.18 -1.49 46.50
N LYS B 471 33.52 -0.25 46.86
CA LYS B 471 34.38 0.57 46.01
C LYS B 471 35.82 0.10 46.07
N ASN B 472 36.31 -0.24 47.27
CA ASN B 472 37.65 -0.79 47.46
C ASN B 472 37.68 -2.07 48.29
N ASN B 473 36.65 -2.35 49.09
CA ASN B 473 36.74 -3.33 50.15
C ASN B 473 36.39 -4.75 49.70
N ALA B 474 36.45 -5.03 48.40
CA ALA B 474 36.37 -6.41 47.92
C ALA B 474 37.24 -6.59 46.68
N LYS B 475 37.77 -7.80 46.54
CA LYS B 475 38.50 -8.22 45.35
C LYS B 475 37.49 -8.66 44.28
N GLU B 476 37.37 -7.90 43.21
CA GLU B 476 36.70 -8.40 42.02
C GLU B 476 37.55 -9.44 41.32
N ILE B 477 36.88 -10.42 40.74
CA ILE B 477 37.52 -11.42 39.89
C ILE B 477 36.83 -11.43 38.54
N GLY B 478 37.60 -11.74 37.50
CA GLY B 478 37.13 -11.67 36.13
C GLY B 478 35.97 -12.59 35.79
N ASN B 479 35.55 -13.46 36.71
CA ASN B 479 34.32 -14.22 36.50
C ASN B 479 33.05 -13.38 36.67
N GLY B 480 33.15 -12.17 37.19
CA GLY B 480 31.96 -11.41 37.51
C GLY B 480 31.48 -11.73 38.91
N CYS B 481 32.38 -11.65 39.88
CA CYS B 481 32.07 -12.02 41.25
C CYS B 481 33.01 -11.30 42.20
N PHE B 482 32.64 -11.34 43.49
CA PHE B 482 33.42 -10.75 44.58
C PHE B 482 33.98 -11.80 45.51
N GLU B 483 35.14 -11.50 46.07
CA GLU B 483 35.58 -12.01 47.36
C GLU B 483 35.53 -10.87 48.37
N PHE B 484 34.76 -11.04 49.44
CA PHE B 484 34.75 -10.05 50.51
C PHE B 484 35.95 -10.27 51.43
N TYR B 485 36.63 -9.18 51.78
CA TYR B 485 37.92 -9.28 52.46
C TYR B 485 37.85 -9.67 53.93
N HIS B 486 36.68 -9.77 54.55
CA HIS B 486 36.65 -10.31 55.91
C HIS B 486 35.36 -11.06 56.18
N LYS B 487 35.40 -11.88 57.23
CA LYS B 487 34.27 -12.74 57.58
C LYS B 487 33.07 -11.94 58.08
N CYS B 488 31.89 -12.39 57.68
CA CYS B 488 30.66 -11.74 58.10
C CYS B 488 29.51 -12.74 58.08
N ASP B 489 28.49 -12.44 58.89
CA ASP B 489 27.25 -13.20 58.92
C ASP B 489 26.35 -12.80 57.74
N ASN B 490 25.10 -13.28 57.77
CA ASN B 490 24.06 -12.81 56.85
C ASN B 490 23.87 -11.31 56.86
N THR B 491 24.34 -10.61 57.91
CA THR B 491 24.34 -9.15 57.91
C THR B 491 25.15 -8.56 56.77
N CYS B 492 26.05 -9.33 56.15
CA CYS B 492 26.64 -8.93 54.88
C CYS B 492 25.57 -8.76 53.79
N MET B 493 24.74 -9.78 53.58
CA MET B 493 23.68 -9.64 52.59
C MET B 493 22.64 -8.63 53.04
N GLU B 494 22.47 -8.44 54.33
CA GLU B 494 21.65 -7.32 54.79
C GLU B 494 22.22 -5.99 54.33
N SER B 495 23.55 -5.83 54.42
CA SER B 495 24.19 -4.60 53.96
C SER B 495 24.04 -4.39 52.46
N VAL B 496 24.06 -5.46 51.67
CA VAL B 496 23.85 -5.33 50.24
C VAL B 496 22.39 -5.02 49.91
N LYS B 497 21.46 -5.82 50.42
CA LYS B 497 20.08 -5.64 50.01
C LYS B 497 19.56 -4.27 50.39
N ASN B 498 20.01 -3.72 51.52
CA ASN B 498 19.62 -2.38 51.96
C ASN B 498 20.76 -1.38 51.85
N GLY B 499 21.78 -1.69 51.04
CA GLY B 499 22.73 -0.70 50.60
C GLY B 499 23.50 0.03 51.68
N THR B 500 23.47 -0.46 52.92
CA THR B 500 24.01 0.25 54.08
C THR B 500 25.22 -0.53 54.59
N TYR B 501 26.38 0.12 54.62
CA TYR B 501 27.65 -0.60 54.56
C TYR B 501 28.70 -0.11 55.55
N ASP B 502 28.67 1.14 55.99
CA ASP B 502 29.52 1.62 57.09
C ASP B 502 30.99 1.28 56.85
N TYR B 503 31.41 1.46 55.61
CA TYR B 503 32.65 0.91 55.06
C TYR B 503 33.85 0.86 56.01
N PRO B 504 34.26 2.00 56.59
CA PRO B 504 35.64 2.08 57.14
C PRO B 504 35.96 1.14 58.29
N LYS B 505 34.99 0.80 59.14
CA LYS B 505 35.21 -0.24 60.14
C LYS B 505 35.65 -1.55 59.51
N TYR B 506 34.95 -1.96 58.46
CA TYR B 506 35.17 -3.24 57.80
C TYR B 506 36.49 -3.32 57.05
N SER B 507 37.09 -2.19 56.70
CA SER B 507 38.46 -2.21 56.18
C SER B 507 39.45 -2.69 57.23
N GLU B 508 39.17 -2.46 58.51
CA GLU B 508 40.11 -2.85 59.56
C GLU B 508 40.15 -4.36 59.73
N GLU B 509 39.02 -5.04 59.54
CA GLU B 509 39.06 -6.50 59.48
C GLU B 509 39.69 -6.97 58.17
N ALA B 510 39.36 -6.29 57.07
CA ALA B 510 39.97 -6.60 55.78
C ALA B 510 41.47 -6.32 55.76
N LYS B 511 41.97 -5.53 56.73
CA LYS B 511 43.28 -4.91 56.62
C LYS B 511 44.37 -5.88 56.16
N LEU B 512 44.60 -6.97 56.90
CA LEU B 512 45.69 -7.88 56.56
C LEU B 512 45.48 -8.59 55.23
N ASN B 513 44.23 -8.89 54.88
CA ASN B 513 43.95 -9.57 53.62
C ASN B 513 44.06 -8.64 52.42
N ARG B 514 43.84 -7.33 52.62
CA ARG B 514 44.24 -6.36 51.62
C ARG B 514 45.75 -6.16 51.60
N GLU B 515 46.38 -6.19 52.78
CA GLU B 515 47.84 -6.08 52.86
C GLU B 515 48.49 -7.40 52.45
N ASP C 18 58.17 0.23 27.30
CA ASP C 18 57.62 1.00 26.15
C ASP C 18 56.09 0.99 26.13
N THR C 19 55.51 1.69 25.17
CA THR C 19 54.07 1.77 25.07
C THR C 19 53.47 0.54 24.40
N LEU C 20 52.23 0.25 24.77
CA LEU C 20 51.31 -0.54 23.97
C LEU C 20 50.11 0.34 23.65
N CYS C 21 49.79 0.44 22.37
CA CYS C 21 48.76 1.36 21.89
C CYS C 21 47.69 0.58 21.13
N ILE C 22 46.47 1.07 21.23
CA ILE C 22 45.30 0.35 20.74
C ILE C 22 44.44 1.31 19.94
N GLY C 23 43.92 0.82 18.83
CA GLY C 23 43.08 1.64 17.97
C GLY C 23 42.73 0.86 16.73
N TYR C 24 42.60 1.58 15.62
CA TYR C 24 42.02 0.94 14.45
C TYR C 24 42.62 1.44 13.16
N HIS C 25 42.59 0.54 12.18
CA HIS C 25 43.01 0.82 10.81
C HIS C 25 42.25 2.00 10.24
N ALA C 26 43.00 2.99 9.74
CA ALA C 26 42.45 4.11 8.99
C ALA C 26 43.06 4.15 7.60
N ASN C 27 42.27 4.58 6.61
CA ASN C 27 42.43 4.17 5.23
C ASN C 27 42.35 5.39 4.32
N ASN C 28 42.96 5.29 3.14
CA ASN C 28 43.05 6.45 2.25
C ASN C 28 41.75 6.77 1.51
N SER C 29 40.76 5.89 1.55
CA SER C 29 39.54 6.15 0.80
C SER C 29 38.71 7.28 1.39
N THR C 30 37.88 7.89 0.54
CA THR C 30 36.99 8.99 0.91
C THR C 30 35.52 8.61 0.77
N ASP C 31 35.16 7.39 1.15
CA ASP C 31 33.77 6.93 1.10
C ASP C 31 33.02 7.55 2.27
N THR C 32 31.83 8.09 2.01
CA THR C 32 31.05 8.77 3.04
C THR C 32 29.70 8.10 3.27
N VAL C 33 29.25 8.17 4.52
CA VAL C 33 27.96 7.68 4.96
C VAL C 33 27.32 8.77 5.82
N ASP C 34 26.03 8.99 5.63
CA ASP C 34 25.26 9.82 6.56
C ASP C 34 24.82 9.04 7.79
N THR C 35 24.86 9.70 8.93
CA THR C 35 24.36 9.15 10.19
C THR C 35 23.39 10.16 10.78
N VAL C 36 22.38 9.66 11.48
CA VAL C 36 21.34 10.55 11.98
C VAL C 36 21.91 11.61 12.92
N LEU C 37 22.98 11.29 13.65
CA LEU C 37 23.64 12.29 14.48
C LEU C 37 24.57 13.22 13.73
N GLU C 38 25.12 12.81 12.59
CA GLU C 38 26.21 13.56 11.98
C GLU C 38 26.19 13.32 10.48
N LYS C 39 26.02 14.37 9.72
CA LYS C 39 26.08 14.29 8.27
C LYS C 39 27.49 14.14 7.71
N ASN C 40 27.54 13.53 6.53
CA ASN C 40 28.65 13.62 5.58
C ASN C 40 29.95 13.06 6.11
N VAL C 41 29.89 12.20 7.12
CA VAL C 41 31.09 11.62 7.72
C VAL C 41 31.66 10.51 6.84
N THR C 42 32.98 10.36 6.89
CA THR C 42 33.73 9.35 6.14
C THR C 42 33.93 8.07 6.92
N VAL C 43 33.80 6.92 6.24
CA VAL C 43 34.04 5.61 6.84
C VAL C 43 34.97 4.81 5.93
N THR C 44 35.78 3.96 6.54
CA THR C 44 36.86 3.29 5.83
C THR C 44 36.37 2.28 4.80
N HIS C 45 35.18 1.73 4.99
CA HIS C 45 34.63 0.81 4.00
C HIS C 45 33.12 0.81 4.14
N SER C 46 32.43 0.63 3.03
CA SER C 46 30.97 0.68 3.06
C SER C 46 30.40 -0.24 1.99
N VAL C 47 29.16 -0.66 2.22
CA VAL C 47 28.41 -1.48 1.29
C VAL C 47 27.29 -0.62 0.72
N ASN C 48 27.37 -0.32 -0.56
CA ASN C 48 26.33 0.41 -1.25
C ASN C 48 25.18 -0.54 -1.56
N LEU C 49 24.00 -0.20 -1.04
CA LEU C 49 22.76 -0.94 -1.29
C LEU C 49 21.94 -0.42 -2.45
N LEU C 50 22.26 0.73 -3.04
CA LEU C 50 21.43 1.32 -4.07
C LEU C 50 22.17 1.28 -5.40
N GLU C 51 21.56 0.61 -6.39
CA GLU C 51 22.11 0.51 -7.74
C GLU C 51 21.88 1.79 -8.51
N ASP C 52 22.96 2.52 -8.82
CA ASP C 52 22.84 3.66 -9.71
C ASP C 52 23.15 3.32 -11.15
N LYS C 53 23.63 2.11 -11.43
CA LYS C 53 24.13 1.73 -12.74
C LYS C 53 23.39 0.52 -13.28
N HIS C 54 23.14 0.52 -14.59
CA HIS C 54 22.48 -0.59 -15.23
C HIS C 54 23.19 -0.96 -16.53
N ASN C 55 22.94 -2.18 -16.99
CA ASN C 55 23.68 -2.79 -18.10
C ASN C 55 23.23 -2.33 -19.47
N GLY C 56 22.26 -1.44 -19.56
CA GLY C 56 21.98 -0.76 -20.81
C GLY C 56 21.42 -1.61 -21.93
N LYS C 57 20.87 -2.78 -21.64
CA LYS C 57 20.44 -3.71 -22.68
C LYS C 57 19.05 -4.26 -22.34
N LEU C 58 18.39 -4.81 -23.35
CA LEU C 58 17.21 -5.64 -23.14
C LEU C 58 17.65 -7.08 -23.36
N CYS C 59 17.27 -7.96 -22.45
CA CYS C 59 18.09 -9.14 -22.20
C CYS C 59 17.22 -10.38 -22.03
N LYS C 60 17.86 -11.53 -22.21
CA LYS C 60 17.23 -12.81 -21.92
C LYS C 60 16.93 -12.91 -20.43
N LEU C 61 15.71 -13.33 -20.10
CA LEU C 61 15.20 -13.29 -18.73
C LEU C 61 14.55 -14.61 -18.39
N ARG C 62 14.81 -15.09 -17.17
CA ARG C 62 14.10 -16.24 -16.63
C ARG C 62 14.20 -17.43 -17.57
N GLY C 63 15.33 -17.55 -18.26
CA GLY C 63 15.59 -18.63 -19.18
C GLY C 63 15.00 -18.51 -20.56
N VAL C 64 14.36 -17.39 -20.90
CA VAL C 64 13.72 -17.26 -22.21
C VAL C 64 13.94 -15.86 -22.74
N ALA C 65 13.95 -15.73 -24.04
CA ALA C 65 14.15 -14.43 -24.63
C ALA C 65 12.84 -13.64 -24.71
N PRO C 66 12.91 -12.32 -24.67
CA PRO C 66 11.71 -11.51 -24.84
C PRO C 66 11.23 -11.49 -26.27
N LEU C 67 9.96 -11.17 -26.42
CA LEU C 67 9.40 -10.82 -27.72
C LEU C 67 9.70 -9.35 -28.00
N HIS C 68 10.40 -9.08 -29.10
CA HIS C 68 10.71 -7.72 -29.49
C HIS C 68 9.97 -7.39 -30.78
N LEU C 69 9.08 -6.43 -30.72
CA LEU C 69 8.15 -6.15 -31.80
C LEU C 69 8.63 -5.08 -32.76
N GLY C 70 9.82 -4.52 -32.53
CA GLY C 70 10.35 -3.55 -33.47
C GLY C 70 9.39 -2.42 -33.77
N LYS C 71 9.31 -2.07 -35.07
CA LYS C 71 8.53 -0.95 -35.53
C LYS C 71 7.03 -1.07 -35.31
N CYS C 72 6.51 -2.20 -34.84
CA CYS C 72 5.06 -2.39 -34.81
C CYS C 72 4.58 -2.86 -33.45
N ASN C 73 3.45 -2.30 -33.02
CA ASN C 73 2.86 -2.55 -31.71
C ASN C 73 2.01 -3.83 -31.70
N ILE C 74 1.62 -4.24 -30.49
CA ILE C 74 0.81 -5.45 -30.30
C ILE C 74 -0.46 -5.45 -31.13
N ALA C 75 -1.11 -4.29 -31.24
CA ALA C 75 -2.32 -4.23 -32.06
C ALA C 75 -2.04 -4.40 -33.54
N GLY C 76 -0.78 -4.30 -33.97
CA GLY C 76 -0.40 -4.70 -35.31
C GLY C 76 0.22 -6.08 -35.42
N TRP C 77 0.97 -6.51 -34.41
CA TRP C 77 1.54 -7.85 -34.44
C TRP C 77 0.45 -8.91 -34.44
N ILE C 78 -0.50 -8.84 -33.50
CA ILE C 78 -1.51 -9.88 -33.44
C ILE C 78 -2.36 -9.88 -34.69
N LEU C 79 -2.65 -8.71 -35.23
CA LEU C 79 -3.30 -8.66 -36.54
C LEU C 79 -2.33 -9.02 -37.68
N GLY C 80 -1.03 -8.97 -37.43
CA GLY C 80 -0.06 -9.19 -38.49
C GLY C 80 -0.12 -8.06 -39.49
N ASN C 81 0.29 -6.86 -39.08
CA ASN C 81 0.33 -5.75 -40.01
C ASN C 81 1.31 -6.05 -41.13
N PRO C 82 0.98 -5.72 -42.39
CA PRO C 82 1.96 -5.86 -43.47
C PRO C 82 3.35 -5.32 -43.18
N GLU C 83 3.46 -4.19 -42.48
CA GLU C 83 4.72 -3.55 -42.16
C GLU C 83 5.42 -4.18 -40.96
N CYS C 84 4.94 -5.31 -40.49
CA CYS C 84 5.63 -6.09 -39.46
C CYS C 84 5.60 -7.55 -39.84
N GLU C 85 6.78 -8.17 -39.96
CA GLU C 85 6.90 -9.54 -40.42
C GLU C 85 8.08 -10.17 -39.69
N SER C 86 7.80 -11.10 -38.79
CA SER C 86 8.87 -11.87 -38.17
C SER C 86 8.28 -13.11 -37.53
N LEU C 87 9.15 -14.08 -37.25
CA LEU C 87 8.73 -15.20 -36.44
C LEU C 87 8.53 -14.70 -35.03
N SER C 88 7.79 -15.45 -34.23
CA SER C 88 7.72 -15.06 -32.83
C SER C 88 9.14 -15.08 -32.30
N THR C 89 9.59 -13.95 -31.71
CA THR C 89 10.98 -13.87 -31.27
C THR C 89 11.40 -15.10 -30.47
N ALA C 90 10.46 -15.71 -29.76
CA ALA C 90 10.75 -16.94 -29.03
C ALA C 90 9.45 -17.74 -28.89
N ARG C 91 9.56 -19.05 -28.99
CA ARG C 91 8.37 -19.86 -28.80
C ARG C 91 7.87 -19.74 -27.36
N SER C 92 8.66 -19.11 -26.50
CA SER C 92 8.30 -18.79 -25.13
C SER C 92 9.02 -17.50 -24.81
N TRP C 93 8.33 -16.56 -24.16
CA TRP C 93 8.93 -15.28 -23.88
C TRP C 93 8.49 -14.77 -22.52
N SER C 94 9.35 -13.98 -21.89
CA SER C 94 9.08 -13.45 -20.56
C SER C 94 8.58 -12.01 -20.54
N TYR C 95 8.59 -11.30 -21.67
CA TYR C 95 7.93 -9.99 -21.73
C TYR C 95 7.77 -9.56 -23.17
N ILE C 96 6.98 -8.52 -23.39
CA ILE C 96 6.86 -7.87 -24.69
C ILE C 96 7.59 -6.54 -24.61
N VAL C 97 8.33 -6.23 -25.66
CA VAL C 97 9.00 -4.95 -25.84
C VAL C 97 8.48 -4.30 -27.10
N GLU C 98 8.10 -3.04 -27.02
CA GLU C 98 7.85 -2.22 -28.19
C GLU C 98 8.89 -1.13 -28.22
N THR C 99 9.36 -0.80 -29.41
CA THR C 99 10.30 0.30 -29.52
C THR C 99 9.58 1.63 -29.25
N SER C 100 10.36 2.62 -28.88
CA SER C 100 9.79 3.90 -28.44
C SER C 100 9.01 4.58 -29.56
N ASN C 101 9.50 4.51 -30.79
CA ASN C 101 8.64 4.57 -31.97
C ASN C 101 7.93 3.24 -32.22
N SER C 102 6.59 3.26 -32.19
CA SER C 102 5.76 2.10 -32.55
C SER C 102 4.50 2.60 -33.26
N ASP C 103 4.70 3.38 -34.31
CA ASP C 103 3.58 4.06 -34.94
C ASP C 103 2.66 3.10 -35.70
N ASN C 104 3.19 2.00 -36.23
CA ASN C 104 2.34 1.04 -36.92
C ASN C 104 1.52 0.20 -35.95
N GLY C 105 0.31 -0.13 -36.38
CA GLY C 105 -0.69 -0.74 -35.53
C GLY C 105 -1.98 -1.01 -36.28
N THR C 106 -3.10 -0.57 -35.71
CA THR C 106 -4.40 -0.77 -36.31
C THR C 106 -4.59 0.23 -37.44
N CYS C 107 -3.83 -0.01 -38.51
CA CYS C 107 -3.72 0.92 -39.63
C CYS C 107 -5.04 1.12 -40.36
N TYR C 108 -6.04 0.28 -40.11
CA TYR C 108 -7.43 0.61 -40.42
C TYR C 108 -8.15 1.02 -39.15
N PRO C 109 -8.62 2.25 -39.01
CA PRO C 109 -8.84 2.83 -37.68
C PRO C 109 -10.09 2.31 -36.98
N GLY C 110 -10.04 2.36 -35.66
CA GLY C 110 -11.16 1.97 -34.82
C GLY C 110 -10.67 1.28 -33.55
N ASP C 111 -11.52 1.30 -32.54
CA ASP C 111 -11.08 0.91 -31.20
C ASP C 111 -10.90 -0.59 -31.09
N PHE C 112 -9.76 -1.00 -30.55
CA PHE C 112 -9.51 -2.40 -30.22
C PHE C 112 -10.07 -2.65 -28.82
N ILE C 113 -11.12 -3.47 -28.75
CA ILE C 113 -12.01 -3.50 -27.59
C ILE C 113 -11.45 -4.39 -26.50
N ASN C 114 -11.41 -3.88 -25.27
CA ASN C 114 -10.68 -4.51 -24.18
C ASN C 114 -9.21 -4.68 -24.53
N TYR C 115 -8.69 -3.81 -25.37
CA TYR C 115 -7.32 -3.92 -25.85
C TYR C 115 -6.30 -3.93 -24.72
N GLU C 116 -6.51 -3.14 -23.66
CA GLU C 116 -5.61 -3.24 -22.51
C GLU C 116 -5.70 -4.57 -21.77
N GLU C 117 -6.76 -5.36 -21.95
CA GLU C 117 -6.80 -6.71 -21.39
C GLU C 117 -6.06 -7.71 -22.25
N LEU C 118 -6.22 -7.65 -23.56
CA LEU C 118 -5.41 -8.48 -24.43
C LEU C 118 -3.93 -8.22 -24.21
N ARG C 119 -3.54 -6.95 -24.13
CA ARG C 119 -2.17 -6.58 -23.83
C ARG C 119 -1.66 -7.14 -22.50
N GLU C 120 -2.54 -7.46 -21.55
CA GLU C 120 -2.12 -8.13 -20.33
C GLU C 120 -1.96 -9.65 -20.50
N GLN C 121 -2.96 -10.31 -21.06
CA GLN C 121 -2.91 -11.76 -21.16
C GLN C 121 -1.75 -12.22 -22.05
N LEU C 122 -1.46 -11.48 -23.11
CA LEU C 122 -0.34 -11.79 -23.99
C LEU C 122 1.03 -11.54 -23.37
N SER C 123 1.13 -10.84 -22.25
CA SER C 123 2.44 -10.30 -21.91
C SER C 123 3.46 -11.41 -21.70
N SER C 124 3.02 -12.61 -21.35
CA SER C 124 3.90 -13.76 -21.20
C SER C 124 3.17 -15.00 -21.67
N VAL C 125 3.87 -15.90 -22.36
CA VAL C 125 3.30 -17.16 -22.77
C VAL C 125 4.34 -18.26 -22.58
N SER C 126 3.89 -19.40 -22.07
CA SER C 126 4.70 -20.60 -21.97
C SER C 126 4.69 -21.44 -23.24
N SER C 127 3.87 -21.06 -24.22
CA SER C 127 3.91 -21.57 -25.59
C SER C 127 2.97 -20.71 -26.40
N PHE C 128 3.34 -20.42 -27.63
CA PHE C 128 2.41 -19.81 -28.56
C PHE C 128 2.71 -20.30 -29.97
N GLU C 129 1.68 -20.58 -30.76
CA GLU C 129 1.88 -21.10 -32.11
C GLU C 129 0.74 -20.58 -32.97
N ARG C 130 1.06 -19.81 -34.01
CA ARG C 130 0.02 -19.42 -34.95
C ARG C 130 -0.38 -20.61 -35.81
N PHE C 131 -1.68 -20.89 -35.85
CA PHE C 131 -2.19 -22.04 -36.57
C PHE C 131 -3.52 -21.71 -37.25
N GLU C 132 -3.64 -22.15 -38.50
CA GLU C 132 -4.61 -21.65 -39.47
C GLU C 132 -5.98 -22.32 -39.32
N ILE C 133 -6.56 -22.19 -38.14
CA ILE C 133 -7.74 -22.95 -37.76
C ILE C 133 -8.88 -22.83 -38.76
N PHE C 134 -8.95 -21.74 -39.52
CA PHE C 134 -9.90 -21.60 -40.62
C PHE C 134 -9.15 -21.33 -41.92
N PRO C 135 -8.59 -22.37 -42.54
CA PRO C 135 -7.56 -22.16 -43.55
C PRO C 135 -8.12 -21.49 -44.78
N LYS C 136 -7.28 -20.65 -45.38
CA LYS C 136 -7.70 -19.86 -46.52
C LYS C 136 -8.15 -20.71 -47.71
N THR C 137 -7.70 -21.96 -47.80
CA THR C 137 -8.15 -22.90 -48.83
C THR C 137 -9.56 -23.41 -48.59
N SER C 138 -10.53 -22.81 -49.29
CA SER C 138 -11.90 -23.28 -49.44
C SER C 138 -12.66 -23.44 -48.12
N SER C 139 -12.21 -22.85 -47.02
CA SER C 139 -13.13 -22.73 -45.91
C SER C 139 -14.24 -21.73 -46.19
N TRP C 140 -14.15 -20.97 -47.28
CA TRP C 140 -15.06 -19.86 -47.56
C TRP C 140 -15.65 -20.00 -48.96
N PRO C 141 -16.28 -21.12 -49.27
CA PRO C 141 -17.03 -21.21 -50.54
C PRO C 141 -18.05 -20.09 -50.67
N ASN C 142 -18.39 -19.77 -51.92
CA ASN C 142 -19.44 -18.80 -52.24
C ASN C 142 -19.12 -17.39 -51.73
N HIS C 143 -17.89 -17.13 -51.31
CA HIS C 143 -17.53 -15.85 -50.74
C HIS C 143 -16.17 -15.43 -51.28
N ASP C 144 -15.89 -14.14 -51.15
CA ASP C 144 -14.56 -13.63 -51.47
C ASP C 144 -13.60 -13.85 -50.32
N SER C 145 -12.33 -13.99 -50.66
CA SER C 145 -11.27 -13.90 -49.65
C SER C 145 -9.97 -13.36 -50.23
N ASP C 146 -9.96 -12.92 -51.48
CA ASP C 146 -8.79 -12.34 -52.15
C ASP C 146 -8.78 -10.82 -52.11
N ASN C 147 -9.91 -10.19 -52.46
CA ASN C 147 -9.97 -8.77 -52.73
C ASN C 147 -10.41 -7.93 -51.53
N GLY C 148 -10.48 -8.52 -50.34
CA GLY C 148 -10.66 -7.75 -49.13
C GLY C 148 -9.40 -7.01 -48.77
N VAL C 149 -9.09 -5.94 -49.51
CA VAL C 149 -7.86 -5.18 -49.35
C VAL C 149 -8.15 -3.70 -49.59
N THR C 150 -7.31 -2.85 -49.02
CA THR C 150 -7.50 -1.42 -49.17
C THR C 150 -6.17 -0.69 -48.95
N ALA C 151 -6.16 0.59 -49.33
CA ALA C 151 -4.98 1.44 -49.28
C ALA C 151 -4.55 1.84 -47.89
N ALA C 152 -5.35 1.61 -46.86
CA ALA C 152 -5.02 2.09 -45.53
C ALA C 152 -3.85 1.34 -44.90
N CYS C 153 -3.46 0.18 -45.44
CA CYS C 153 -2.36 -0.62 -44.91
C CYS C 153 -1.47 -1.10 -46.05
N PRO C 154 -0.90 -0.18 -46.82
CA PRO C 154 -0.43 -0.50 -48.17
C PRO C 154 0.90 -1.24 -48.19
N HIS C 155 1.10 -1.98 -49.29
CA HIS C 155 2.38 -2.55 -49.65
C HIS C 155 2.54 -2.50 -51.16
N ALA C 156 3.78 -2.32 -51.60
CA ALA C 156 4.13 -2.17 -53.02
C ALA C 156 3.32 -1.07 -53.72
N GLY C 157 2.67 -0.19 -52.96
CA GLY C 157 1.73 0.75 -53.54
C GLY C 157 0.41 0.17 -53.96
N ALA C 158 0.21 -1.13 -53.77
CA ALA C 158 -1.05 -1.80 -54.06
C ALA C 158 -1.95 -1.76 -52.82
N LYS C 159 -3.21 -2.14 -53.03
CA LYS C 159 -4.07 -2.46 -51.91
C LYS C 159 -3.50 -3.66 -51.16
N SER C 160 -3.74 -3.71 -49.85
CA SER C 160 -3.25 -4.81 -49.02
C SER C 160 -4.13 -4.89 -47.79
N PHE C 161 -3.85 -5.87 -46.92
CA PHE C 161 -4.69 -6.06 -45.75
C PHE C 161 -3.95 -6.85 -44.68
N TYR C 162 -4.56 -6.92 -43.50
CA TYR C 162 -4.05 -7.77 -42.43
C TYR C 162 -3.88 -9.20 -42.90
N LYS C 163 -2.90 -9.88 -42.30
CA LYS C 163 -2.56 -11.23 -42.70
C LYS C 163 -3.25 -12.28 -41.87
N ASN C 164 -3.51 -11.99 -40.61
CA ASN C 164 -4.09 -12.93 -39.65
C ASN C 164 -5.62 -12.95 -39.68
N LEU C 165 -6.25 -11.97 -40.32
CA LEU C 165 -7.69 -11.87 -40.43
C LEU C 165 -8.04 -11.84 -41.91
N ILE C 166 -9.22 -12.33 -42.27
CA ILE C 166 -9.71 -12.25 -43.64
C ILE C 166 -10.93 -11.34 -43.66
N TRP C 167 -10.86 -10.26 -44.42
CA TRP C 167 -12.01 -9.41 -44.71
C TRP C 167 -12.81 -10.02 -45.85
N LEU C 168 -13.93 -10.65 -45.50
CA LEU C 168 -14.85 -11.23 -46.47
C LEU C 168 -15.74 -10.18 -47.13
N VAL C 169 -16.17 -10.48 -48.35
CA VAL C 169 -17.00 -9.60 -49.17
C VAL C 169 -17.92 -10.49 -50.00
N LYS C 170 -19.04 -9.94 -50.44
CA LYS C 170 -19.94 -10.71 -51.27
C LYS C 170 -19.20 -11.26 -52.47
N LYS C 171 -19.63 -12.44 -52.94
CA LYS C 171 -19.26 -12.95 -54.25
C LYS C 171 -20.46 -12.85 -55.17
N GLY C 172 -20.27 -12.27 -56.34
CA GLY C 172 -21.38 -12.05 -57.25
C GLY C 172 -22.34 -11.00 -56.73
N LYS C 173 -23.57 -11.44 -56.40
CA LYS C 173 -24.64 -10.53 -56.02
C LYS C 173 -25.40 -11.06 -54.80
N SER C 174 -24.73 -11.82 -53.93
CA SER C 174 -25.36 -12.41 -52.77
C SER C 174 -24.32 -12.56 -51.68
N TYR C 175 -24.81 -12.69 -50.44
CA TYR C 175 -23.93 -12.93 -49.29
C TYR C 175 -24.53 -14.03 -48.43
N PRO C 176 -24.18 -15.29 -48.70
CA PRO C 176 -24.63 -16.39 -47.84
C PRO C 176 -24.14 -16.27 -46.39
N LYS C 177 -25.06 -16.49 -45.46
CA LYS C 177 -24.73 -16.36 -44.05
C LYS C 177 -23.67 -17.36 -43.62
N ILE C 178 -22.62 -16.86 -42.97
CA ILE C 178 -21.59 -17.74 -42.46
C ILE C 178 -22.20 -18.60 -41.36
N ASN C 179 -21.64 -19.81 -41.19
CA ASN C 179 -22.06 -20.70 -40.11
C ASN C 179 -20.86 -21.42 -39.50
N GLN C 180 -19.71 -20.78 -39.58
CA GLN C 180 -18.44 -21.42 -39.23
C GLN C 180 -18.44 -21.91 -37.79
N THR C 181 -17.76 -23.01 -37.54
CA THR C 181 -17.67 -23.62 -36.23
C THR C 181 -16.25 -24.13 -36.05
N TYR C 182 -15.74 -24.05 -34.83
CA TYR C 182 -14.54 -24.79 -34.49
C TYR C 182 -14.69 -25.42 -33.12
N ILE C 183 -14.14 -26.62 -32.94
CA ILE C 183 -14.18 -27.33 -31.67
C ILE C 183 -12.76 -27.55 -31.18
N ASN C 184 -12.48 -27.07 -29.97
CA ASN C 184 -11.12 -27.00 -29.44
C ASN C 184 -10.61 -28.38 -29.06
N ASP C 185 -10.10 -29.09 -30.05
CA ASP C 185 -9.56 -30.43 -29.84
C ASP C 185 -8.05 -30.43 -29.56
N LYS C 186 -7.38 -29.29 -29.67
CA LYS C 186 -5.93 -29.19 -29.50
C LYS C 186 -5.47 -29.16 -28.05
N GLY C 187 -6.36 -29.32 -27.07
CA GLY C 187 -5.93 -29.49 -25.70
C GLY C 187 -5.24 -28.30 -25.06
N LYS C 188 -5.59 -27.09 -25.48
CA LYS C 188 -4.91 -25.86 -25.08
C LYS C 188 -5.96 -24.79 -24.89
N GLU C 189 -5.61 -23.71 -24.21
CA GLU C 189 -6.35 -22.47 -24.43
C GLU C 189 -6.16 -22.05 -25.87
N VAL C 190 -7.25 -21.67 -26.54
CA VAL C 190 -7.15 -21.20 -27.92
C VAL C 190 -7.65 -19.77 -27.97
N LEU C 191 -6.75 -18.85 -28.30
CA LEU C 191 -7.10 -17.45 -28.52
C LEU C 191 -7.68 -17.31 -29.92
N VAL C 192 -8.81 -16.62 -30.01
CA VAL C 192 -9.43 -16.33 -31.29
C VAL C 192 -9.69 -14.83 -31.35
N LEU C 193 -9.64 -14.29 -32.56
CA LEU C 193 -9.93 -12.88 -32.77
C LEU C 193 -10.81 -12.73 -34.00
N TRP C 194 -11.46 -11.57 -34.10
CA TRP C 194 -12.16 -11.22 -35.32
C TRP C 194 -12.31 -9.71 -35.35
N GLY C 195 -12.69 -9.19 -36.53
CA GLY C 195 -13.09 -7.80 -36.66
C GLY C 195 -14.53 -7.66 -37.08
N ILE C 196 -15.05 -6.44 -36.94
CA ILE C 196 -16.35 -6.05 -37.47
C ILE C 196 -16.20 -4.72 -38.20
N HIS C 197 -16.83 -4.60 -39.37
CA HIS C 197 -16.70 -3.40 -40.18
C HIS C 197 -17.94 -2.53 -40.06
N HIS C 198 -17.73 -1.22 -39.89
CA HIS C 198 -18.79 -0.21 -39.87
C HIS C 198 -18.64 0.67 -41.10
N PRO C 199 -19.28 0.32 -42.22
CA PRO C 199 -19.26 1.19 -43.39
C PRO C 199 -19.71 2.61 -43.08
N PRO C 200 -19.15 3.61 -43.75
CA PRO C 200 -19.51 5.00 -43.44
C PRO C 200 -20.87 5.40 -43.94
N THR C 201 -21.41 4.73 -44.95
CA THR C 201 -22.69 5.12 -45.52
C THR C 201 -23.42 3.88 -45.96
N ILE C 202 -24.74 4.02 -46.11
CA ILE C 202 -25.54 2.92 -46.61
C ILE C 202 -25.09 2.49 -47.99
N ALA C 203 -24.66 3.44 -48.83
CA ALA C 203 -24.23 3.10 -50.17
C ALA C 203 -23.03 2.16 -50.16
N ASP C 204 -22.11 2.34 -49.22
CA ASP C 204 -20.99 1.43 -49.08
C ASP C 204 -21.41 0.07 -48.50
N GLN C 205 -22.33 0.09 -47.53
CA GLN C 205 -22.85 -1.14 -46.96
C GLN C 205 -23.55 -2.01 -48.00
N GLN C 206 -24.52 -1.44 -48.72
CA GLN C 206 -25.25 -2.21 -49.72
C GLN C 206 -24.35 -2.73 -50.84
N SER C 207 -23.35 -1.95 -51.24
CA SER C 207 -22.46 -2.41 -52.30
C SER C 207 -21.59 -3.59 -51.87
N LEU C 208 -21.04 -3.58 -50.66
CA LEU C 208 -20.17 -4.69 -50.26
C LEU C 208 -20.91 -5.88 -49.69
N TYR C 209 -22.02 -5.68 -48.97
CA TYR C 209 -22.61 -6.74 -48.18
C TYR C 209 -24.05 -7.05 -48.55
N GLN C 210 -24.63 -6.32 -49.49
CA GLN C 210 -25.94 -6.61 -50.06
C GLN C 210 -27.06 -6.63 -49.02
N ASN C 211 -26.80 -6.15 -47.80
CA ASN C 211 -27.74 -6.34 -46.70
C ASN C 211 -27.65 -5.17 -45.74
N ALA C 212 -28.78 -4.49 -45.54
CA ALA C 212 -28.87 -3.43 -44.54
C ALA C 212 -29.04 -3.99 -43.12
N ASP C 213 -29.63 -5.18 -42.99
CA ASP C 213 -29.90 -5.81 -41.70
C ASP C 213 -28.68 -6.47 -41.09
N ALA C 214 -27.49 -6.12 -41.56
CA ALA C 214 -26.30 -6.88 -41.21
C ALA C 214 -26.14 -7.00 -39.71
N TYR C 215 -25.75 -8.19 -39.26
CA TYR C 215 -25.39 -8.39 -37.87
C TYR C 215 -24.43 -9.55 -37.78
N VAL C 216 -23.76 -9.64 -36.65
CA VAL C 216 -22.93 -10.78 -36.31
C VAL C 216 -23.37 -11.32 -34.98
N PHE C 217 -23.26 -12.63 -34.83
CA PHE C 217 -23.39 -13.27 -33.54
C PHE C 217 -22.17 -14.12 -33.29
N VAL C 218 -21.79 -14.24 -32.04
CA VAL C 218 -20.72 -15.15 -31.64
C VAL C 218 -21.23 -15.94 -30.45
N GLY C 219 -21.03 -17.25 -30.48
CA GLY C 219 -21.52 -18.13 -29.43
C GLY C 219 -20.41 -18.97 -28.83
N THR C 220 -20.53 -19.21 -27.53
CA THR C 220 -19.55 -19.94 -26.73
C THR C 220 -20.30 -20.39 -25.49
N SER C 221 -19.67 -21.25 -24.68
CA SER C 221 -20.27 -21.58 -23.38
C SER C 221 -20.15 -20.42 -22.40
N ARG C 222 -18.94 -19.92 -22.18
CA ARG C 222 -18.65 -18.86 -21.23
C ARG C 222 -19.05 -17.48 -21.73
N TYR C 223 -19.46 -17.35 -22.98
CA TYR C 223 -19.53 -16.06 -23.63
C TYR C 223 -20.58 -16.12 -24.71
N SER C 224 -21.31 -15.03 -24.90
CA SER C 224 -21.99 -14.82 -26.16
C SER C 224 -22.35 -13.36 -26.27
N LYS C 225 -22.47 -12.87 -27.49
CA LYS C 225 -22.69 -11.45 -27.67
C LYS C 225 -23.20 -11.22 -29.07
N LYS C 226 -23.77 -10.04 -29.29
CA LYS C 226 -24.27 -9.64 -30.60
C LYS C 226 -23.69 -8.28 -30.98
N PHE C 227 -23.48 -8.09 -32.28
CA PHE C 227 -22.85 -6.88 -32.80
C PHE C 227 -23.62 -6.39 -34.03
N LYS C 228 -23.63 -5.09 -34.25
CA LYS C 228 -24.35 -4.50 -35.37
C LYS C 228 -23.62 -3.28 -35.91
N PRO C 229 -23.88 -2.91 -37.15
CA PRO C 229 -23.19 -1.78 -37.76
C PRO C 229 -23.74 -0.45 -37.31
N GLU C 230 -22.88 0.57 -37.34
CA GLU C 230 -23.25 1.93 -36.99
C GLU C 230 -22.94 2.85 -38.18
N ILE C 231 -23.75 2.76 -39.21
CA ILE C 231 -23.51 3.43 -40.49
C ILE C 231 -23.67 4.94 -40.33
N ALA C 232 -22.55 5.66 -40.24
CA ALA C 232 -22.59 7.12 -40.17
C ALA C 232 -21.23 7.69 -40.52
N THR C 233 -21.25 8.84 -41.22
CA THR C 233 -20.03 9.53 -41.60
C THR C 233 -19.24 10.03 -40.40
N ARG C 234 -17.92 10.05 -40.55
CA ARG C 234 -16.99 10.28 -39.46
C ARG C 234 -15.82 11.10 -40.00
N PRO C 235 -15.08 11.79 -39.12
CA PRO C 235 -13.90 12.52 -39.58
C PRO C 235 -12.81 11.60 -40.09
N LYS C 236 -12.09 12.06 -41.12
CA LYS C 236 -11.09 11.24 -41.77
C LYS C 236 -9.93 10.93 -40.82
N VAL C 237 -9.53 9.66 -40.76
CA VAL C 237 -8.24 9.25 -40.21
C VAL C 237 -7.61 8.28 -41.19
N ARG C 238 -6.35 8.51 -41.53
CA ARG C 238 -5.69 7.77 -42.62
C ARG C 238 -6.54 7.79 -43.89
N ASP C 239 -7.38 8.82 -44.00
CA ASP C 239 -8.45 8.89 -44.99
C ASP C 239 -9.22 7.58 -45.12
N ARG C 240 -9.63 7.02 -44.00
CA ARG C 240 -10.69 6.04 -43.95
C ARG C 240 -11.86 6.63 -43.17
N GLU C 241 -13.06 6.55 -43.76
CA GLU C 241 -14.25 7.14 -43.16
C GLU C 241 -15.15 6.14 -42.45
N GLY C 242 -15.27 4.91 -42.95
CA GLY C 242 -15.75 3.81 -42.12
C GLY C 242 -14.68 3.27 -41.18
N ARG C 243 -15.09 2.51 -40.17
CA ARG C 243 -14.14 2.11 -39.14
C ARG C 243 -14.43 0.69 -38.66
N MET C 244 -13.43 0.10 -38.01
CA MET C 244 -13.38 -1.33 -37.76
C MET C 244 -13.17 -1.61 -36.28
N ASN C 245 -14.02 -2.46 -35.70
CA ASN C 245 -13.94 -2.86 -34.31
C ASN C 245 -13.34 -4.26 -34.17
N TYR C 246 -12.33 -4.39 -33.33
CA TYR C 246 -11.61 -5.64 -33.15
C TYR C 246 -11.88 -6.23 -31.77
N TYR C 247 -12.27 -7.51 -31.76
CA TYR C 247 -12.76 -8.21 -30.59
C TYR C 247 -12.02 -9.53 -30.50
N TRP C 248 -12.12 -10.20 -29.35
CA TRP C 248 -11.31 -11.39 -29.12
C TRP C 248 -12.00 -12.28 -28.10
N THR C 249 -11.51 -13.52 -27.98
CA THR C 249 -12.13 -14.53 -27.13
C THR C 249 -11.10 -15.59 -26.79
N LEU C 250 -11.24 -16.19 -25.61
CA LEU C 250 -10.58 -17.45 -25.27
C LEU C 250 -11.61 -18.57 -25.22
N VAL C 251 -11.40 -19.63 -26.01
CA VAL C 251 -12.21 -20.84 -25.91
C VAL C 251 -11.44 -21.86 -25.08
N GLU C 252 -12.10 -22.41 -24.08
CA GLU C 252 -11.44 -23.33 -23.18
C GLU C 252 -11.39 -24.74 -23.76
N PRO C 253 -10.51 -25.58 -23.25
CA PRO C 253 -10.40 -26.95 -23.75
C PRO C 253 -11.74 -27.67 -23.85
N GLY C 254 -11.99 -28.26 -25.02
CA GLY C 254 -13.24 -28.94 -25.28
C GLY C 254 -14.42 -28.05 -25.57
N ASP C 255 -14.28 -26.74 -25.38
CA ASP C 255 -15.33 -25.80 -25.68
C ASP C 255 -15.45 -25.63 -27.19
N LYS C 256 -16.55 -25.01 -27.60
CA LYS C 256 -16.86 -24.76 -29.00
C LYS C 256 -17.07 -23.27 -29.19
N ILE C 257 -16.66 -22.76 -30.34
CA ILE C 257 -16.93 -21.39 -30.75
C ILE C 257 -17.67 -21.42 -32.07
N THR C 258 -18.67 -20.57 -32.20
CA THR C 258 -19.49 -20.53 -33.39
C THR C 258 -19.66 -19.10 -33.86
N PHE C 259 -19.41 -18.87 -35.13
CA PHE C 259 -19.68 -17.58 -35.75
C PHE C 259 -20.91 -17.73 -36.61
N GLU C 260 -21.81 -16.76 -36.53
CA GLU C 260 -22.79 -16.53 -37.56
C GLU C 260 -22.63 -15.11 -38.05
N ALA C 261 -22.84 -14.90 -39.34
CA ALA C 261 -22.96 -13.54 -39.82
C ALA C 261 -23.90 -13.51 -41.01
N THR C 262 -24.74 -12.50 -41.05
CA THR C 262 -25.50 -12.18 -42.25
C THR C 262 -24.96 -10.88 -42.85
N GLY C 263 -23.73 -10.56 -42.54
CA GLY C 263 -23.13 -9.36 -43.05
C GLY C 263 -21.74 -9.12 -42.50
N ASN C 264 -21.52 -7.89 -42.06
CA ASN C 264 -20.19 -7.39 -41.78
C ASN C 264 -19.42 -8.40 -40.97
N LEU C 265 -18.30 -8.85 -41.50
CA LEU C 265 -17.38 -9.66 -40.72
C LEU C 265 -15.97 -9.43 -41.24
N VAL C 266 -15.02 -9.56 -40.34
CA VAL C 266 -13.62 -9.73 -40.71
C VAL C 266 -13.18 -11.01 -40.02
N ALA C 267 -13.49 -12.15 -40.62
CA ALA C 267 -13.45 -13.41 -39.90
C ALA C 267 -12.01 -13.86 -39.67
N PRO C 268 -11.78 -14.63 -38.63
CA PRO C 268 -10.44 -15.19 -38.41
C PRO C 268 -10.08 -16.19 -39.50
N ARG C 269 -8.78 -16.26 -39.79
CA ARG C 269 -8.16 -17.31 -40.58
C ARG C 269 -7.06 -18.03 -39.82
N TYR C 270 -6.22 -17.29 -39.11
CA TYR C 270 -5.34 -17.86 -38.10
C TYR C 270 -5.98 -17.61 -36.74
N ALA C 271 -6.18 -18.68 -35.98
CA ALA C 271 -6.31 -18.56 -34.55
C ALA C 271 -4.93 -18.77 -33.94
N PHE C 272 -4.84 -18.78 -32.62
CA PHE C 272 -3.54 -18.94 -31.97
C PHE C 272 -3.63 -19.90 -30.81
N THR C 273 -2.81 -20.94 -30.79
CA THR C 273 -2.69 -21.76 -29.61
C THR C 273 -1.91 -21.03 -28.53
N MET C 274 -2.33 -21.20 -27.28
CA MET C 274 -1.74 -20.45 -26.18
C MET C 274 -1.72 -21.28 -24.91
N GLU C 275 -0.78 -20.97 -24.03
CA GLU C 275 -0.89 -21.24 -22.62
C GLU C 275 -0.20 -20.10 -21.88
N ARG C 276 -0.68 -19.79 -20.67
CA ARG C 276 -0.22 -18.62 -19.94
C ARG C 276 0.19 -19.00 -18.54
N ASP C 277 1.35 -18.49 -18.12
CA ASP C 277 1.72 -18.46 -16.72
C ASP C 277 1.15 -17.20 -16.08
N ALA C 278 1.57 -16.91 -14.84
CA ALA C 278 1.12 -15.70 -14.16
C ALA C 278 1.48 -14.44 -14.95
N GLY C 279 2.68 -14.38 -15.51
CA GLY C 279 3.06 -13.38 -16.48
C GLY C 279 3.52 -12.05 -15.88
N SER C 280 3.99 -11.19 -16.79
CA SER C 280 4.54 -9.88 -16.48
C SER C 280 4.48 -9.04 -17.74
N GLY C 281 4.32 -7.73 -17.57
CA GLY C 281 3.82 -6.87 -18.62
C GLY C 281 4.79 -6.39 -19.68
N ILE C 282 4.46 -5.24 -20.28
CA ILE C 282 5.14 -4.60 -21.39
C ILE C 282 6.25 -3.65 -20.92
N ILE C 283 7.27 -3.46 -21.78
CA ILE C 283 8.26 -2.38 -21.67
C ILE C 283 8.30 -1.68 -23.02
N ILE C 284 8.52 -0.37 -23.01
CA ILE C 284 8.59 0.42 -24.25
C ILE C 284 9.88 1.25 -24.29
N SER C 285 10.85 0.83 -25.11
CA SER C 285 12.12 1.56 -25.25
C SER C 285 12.89 1.06 -26.46
N ASP C 286 13.90 1.86 -26.86
CA ASP C 286 14.75 1.61 -28.03
C ASP C 286 16.01 0.79 -27.75
N THR C 287 16.29 0.45 -26.50
CA THR C 287 17.52 -0.27 -26.17
C THR C 287 17.62 -1.57 -26.98
N PRO C 288 18.79 -1.91 -27.51
CA PRO C 288 18.92 -3.12 -28.33
C PRO C 288 18.92 -4.39 -27.50
N VAL C 289 18.71 -5.51 -28.19
CA VAL C 289 18.54 -6.81 -27.54
C VAL C 289 19.84 -7.59 -27.60
N HIS C 290 20.25 -8.16 -26.47
CA HIS C 290 21.49 -8.92 -26.36
C HIS C 290 21.27 -10.17 -25.51
N ASP C 291 22.17 -11.14 -25.71
CA ASP C 291 21.92 -12.51 -25.28
C ASP C 291 21.93 -12.73 -23.77
N CYS C 292 22.66 -11.92 -23.00
CA CYS C 292 22.99 -12.36 -21.65
C CYS C 292 21.76 -12.50 -20.77
N ASN C 293 21.83 -13.46 -19.85
CA ASN C 293 20.71 -13.81 -18.99
C ASN C 293 20.49 -12.75 -17.90
N THR C 294 19.26 -12.72 -17.39
CA THR C 294 18.76 -11.63 -16.57
C THR C 294 17.75 -12.16 -15.58
N THR C 295 17.60 -11.44 -14.47
CA THR C 295 16.49 -11.66 -13.53
C THR C 295 15.63 -10.43 -13.29
N CYS C 296 16.17 -9.23 -13.46
CA CYS C 296 15.52 -7.98 -13.09
C CYS C 296 15.64 -7.03 -14.26
N GLN C 297 14.58 -6.31 -14.58
CA GLN C 297 14.55 -5.54 -15.82
C GLN C 297 14.06 -4.13 -15.52
N THR C 298 14.44 -3.17 -16.35
CA THR C 298 13.88 -1.83 -16.33
C THR C 298 13.75 -1.36 -17.76
N PRO C 299 12.96 -0.32 -18.02
CA PRO C 299 12.86 0.19 -19.39
C PRO C 299 14.19 0.65 -19.96
N GLU C 300 15.05 1.24 -19.14
CA GLU C 300 16.33 1.73 -19.63
C GLU C 300 17.28 0.58 -19.92
N GLY C 301 17.47 -0.33 -18.97
CA GLY C 301 18.42 -1.40 -19.17
C GLY C 301 18.32 -2.43 -18.08
N ALA C 302 18.74 -3.64 -18.41
CA ALA C 302 18.69 -4.73 -17.46
C ALA C 302 19.59 -4.47 -16.27
N ILE C 303 19.37 -5.26 -15.23
CA ILE C 303 20.14 -5.21 -13.99
C ILE C 303 20.48 -6.64 -13.62
N ASN C 304 21.70 -6.86 -13.14
CA ASN C 304 21.99 -8.05 -12.35
C ASN C 304 22.50 -7.63 -10.99
N THR C 305 21.87 -8.16 -9.95
CA THR C 305 22.01 -7.58 -8.61
C THR C 305 21.65 -8.59 -7.55
N SER C 306 22.10 -8.30 -6.34
CA SER C 306 21.61 -8.92 -5.12
C SER C 306 21.48 -7.83 -4.06
N LEU C 307 20.90 -6.70 -4.44
CA LEU C 307 20.70 -5.56 -3.56
C LEU C 307 19.21 -5.27 -3.43
N PRO C 308 18.79 -4.73 -2.28
CA PRO C 308 17.35 -4.58 -2.02
C PRO C 308 16.71 -3.36 -2.68
N PHE C 309 17.47 -2.32 -2.94
CA PHE C 309 16.88 -1.07 -3.40
C PHE C 309 17.52 -0.65 -4.71
N GLN C 310 16.76 0.03 -5.54
CA GLN C 310 17.25 0.56 -6.80
C GLN C 310 16.52 1.86 -7.08
N ASN C 311 17.16 2.78 -7.80
CA ASN C 311 16.55 4.07 -8.12
C ASN C 311 16.58 4.41 -9.59
N VAL C 312 16.93 3.48 -10.47
CA VAL C 312 17.16 3.82 -11.86
C VAL C 312 15.85 3.99 -12.62
N HIS C 313 14.82 3.22 -12.27
CA HIS C 313 13.53 3.47 -12.90
C HIS C 313 12.45 2.79 -12.07
N PRO C 314 11.30 3.42 -11.87
CA PRO C 314 10.22 2.77 -11.10
C PRO C 314 9.49 1.66 -11.84
N ILE C 315 9.49 1.63 -13.15
CA ILE C 315 8.90 0.50 -13.87
C ILE C 315 9.89 -0.65 -13.85
N THR C 316 9.38 -1.87 -13.74
CA THR C 316 10.22 -3.04 -13.51
C THR C 316 9.47 -4.29 -13.95
N ILE C 317 10.24 -5.35 -14.19
CA ILE C 317 9.72 -6.68 -14.42
C ILE C 317 10.63 -7.65 -13.67
N GLY C 318 10.10 -8.79 -13.30
CA GLY C 318 10.91 -9.80 -12.65
C GLY C 318 10.98 -9.61 -11.15
N LYS C 319 12.01 -10.20 -10.55
CA LYS C 319 12.23 -10.05 -9.11
C LYS C 319 12.79 -8.66 -8.83
N CYS C 320 11.90 -7.70 -8.81
CA CYS C 320 12.27 -6.30 -8.67
C CYS C 320 13.02 -6.06 -7.36
N PRO C 321 14.12 -5.33 -7.38
CA PRO C 321 14.49 -4.56 -6.20
C PRO C 321 13.50 -3.40 -6.05
N LYS C 322 13.25 -2.97 -4.82
CA LYS C 322 12.24 -1.93 -4.60
C LYS C 322 12.79 -0.54 -4.89
N TYR C 323 11.98 0.26 -5.58
CA TYR C 323 12.37 1.60 -6.00
C TYR C 323 12.37 2.59 -4.85
N VAL C 324 13.33 3.52 -4.86
CA VAL C 324 13.37 4.63 -3.92
C VAL C 324 13.86 5.87 -4.66
N LYS C 325 13.50 7.02 -4.11
CA LYS C 325 13.98 8.31 -4.62
C LYS C 325 15.32 8.73 -4.03
N SER C 326 15.92 7.92 -3.17
CA SER C 326 17.15 8.29 -2.51
C SER C 326 18.36 8.20 -3.44
N THR C 327 19.52 8.63 -2.93
CA THR C 327 20.74 8.66 -3.71
C THR C 327 21.96 8.07 -3.03
N LYS C 328 21.96 7.86 -1.72
CA LYS C 328 23.18 7.45 -1.02
C LYS C 328 22.85 6.52 0.15
N LEU C 329 22.14 5.44 -0.14
CA LEU C 329 21.95 4.37 0.84
C LEU C 329 23.25 3.60 0.95
N ARG C 330 24.17 4.11 1.73
CA ARG C 330 25.40 3.38 2.05
C ARG C 330 25.38 2.96 3.50
N LEU C 331 25.46 1.66 3.75
CA LEU C 331 25.75 1.15 5.07
C LEU C 331 27.24 1.21 5.33
N ALA C 332 27.62 1.63 6.53
CA ALA C 332 28.97 1.38 6.99
C ALA C 332 29.24 -0.10 7.18
N THR C 333 30.49 -0.47 6.96
CA THR C 333 31.09 -1.69 7.49
C THR C 333 32.39 -1.41 8.21
N GLY C 334 33.26 -0.59 7.63
CA GLY C 334 34.42 -0.03 8.29
C GLY C 334 34.09 0.99 9.37
N LEU C 335 35.14 1.63 9.85
CA LEU C 335 35.10 2.51 11.00
C LEU C 335 35.10 3.97 10.56
N ARG C 336 34.93 4.86 11.53
CA ARG C 336 35.14 6.29 11.32
C ARG C 336 36.56 6.57 10.84
N ASN C 337 36.69 7.14 9.66
CA ASN C 337 37.99 7.30 9.01
C ASN C 337 38.61 8.62 9.42
N VAL C 338 39.61 8.57 10.29
CA VAL C 338 40.32 9.78 10.71
C VAL C 338 41.82 9.48 10.79
N PRO C 339 42.62 9.88 9.81
CA PRO C 339 44.07 9.71 9.95
C PRO C 339 44.72 10.79 10.77
N SER C 340 44.03 11.90 11.00
CA SER C 340 44.52 12.96 11.88
C SER C 340 45.98 13.29 11.64
N ALA C 351 50.04 7.19 19.07
CA ALA C 351 48.99 7.51 20.03
C ALA C 351 47.74 6.69 19.74
N GLY C 352 46.81 6.68 20.70
CA GLY C 352 45.68 5.78 20.68
C GLY C 352 44.49 6.29 19.89
N PHE C 353 43.46 5.44 19.85
CA PHE C 353 42.26 5.68 19.05
C PHE C 353 41.60 7.01 19.34
N ILE C 354 41.84 7.59 20.52
CA ILE C 354 41.20 8.87 20.84
C ILE C 354 41.81 9.99 20.02
N GLU C 355 43.06 9.82 19.59
CA GLU C 355 43.62 10.74 18.61
C GLU C 355 43.16 10.39 17.21
N GLY C 356 43.12 9.11 16.88
CA GLY C 356 42.76 8.68 15.55
C GLY C 356 43.27 7.28 15.27
N GLY C 357 43.05 6.86 14.02
CA GLY C 357 43.52 5.56 13.58
C GLY C 357 44.91 5.57 12.98
N TRP C 358 45.36 4.39 12.57
CA TRP C 358 46.66 4.18 11.99
C TRP C 358 46.52 3.78 10.53
N THR C 359 47.16 4.52 9.63
CA THR C 359 47.33 4.02 8.27
C THR C 359 48.55 3.14 8.14
N GLY C 360 49.38 3.08 9.17
CA GLY C 360 50.44 2.11 9.30
C GLY C 360 50.00 0.68 9.54
N MET C 361 48.70 0.41 9.55
CA MET C 361 48.19 -0.94 9.73
C MET C 361 47.30 -1.34 8.57
N VAL C 362 47.33 -2.63 8.24
CA VAL C 362 46.70 -3.16 7.04
C VAL C 362 46.09 -4.53 7.29
N ASP C 363 45.14 -4.89 6.42
CA ASP C 363 44.54 -6.22 6.38
C ASP C 363 43.94 -6.63 7.73
N GLY C 364 43.14 -5.73 8.30
CA GLY C 364 42.48 -5.99 9.56
C GLY C 364 41.73 -4.76 10.01
N TRP C 365 41.18 -4.83 11.23
CA TRP C 365 40.50 -3.66 11.78
C TRP C 365 41.13 -3.20 13.08
N TYR C 366 40.71 -3.79 14.19
CA TYR C 366 41.22 -3.41 15.49
C TYR C 366 42.59 -4.06 15.68
N GLY C 367 43.47 -3.40 16.40
CA GLY C 367 44.79 -3.97 16.54
C GLY C 367 45.67 -3.25 17.52
N TYR C 368 46.87 -3.79 17.67
CA TYR C 368 47.87 -3.36 18.64
C TYR C 368 49.13 -2.85 17.98
N HIS C 369 49.65 -1.75 18.48
CA HIS C 369 51.04 -1.38 18.27
C HIS C 369 51.81 -1.66 19.54
N HIS C 370 52.93 -2.34 19.40
CA HIS C 370 53.73 -2.73 20.54
C HIS C 370 55.20 -2.53 20.24
N GLN C 371 55.98 -2.53 21.31
CA GLN C 371 57.42 -2.38 21.26
C GLN C 371 58.07 -3.56 21.97
N ASN C 372 59.27 -3.89 21.54
CA ASN C 372 60.09 -4.90 22.20
C ASN C 372 61.52 -4.68 21.72
N GLU C 373 62.43 -5.61 22.06
CA GLU C 373 63.82 -5.41 21.66
C GLU C 373 63.96 -5.26 20.15
N GLN C 374 63.03 -5.82 19.39
CA GLN C 374 62.97 -5.62 17.95
C GLN C 374 61.81 -4.73 17.53
N GLY C 375 60.61 -4.95 18.09
CA GLY C 375 59.62 -3.89 18.23
C GLY C 375 59.01 -3.34 16.96
N SER C 376 58.41 -2.16 17.12
CA SER C 376 57.73 -1.40 16.07
C SER C 376 56.66 -2.21 15.35
N GLY C 377 56.07 -3.19 16.04
CA GLY C 377 55.05 -4.01 15.43
C GLY C 377 53.73 -3.28 15.34
N TYR C 378 53.14 -3.25 14.16
CA TYR C 378 51.74 -2.92 13.97
C TYR C 378 51.06 -4.18 13.44
N ALA C 379 50.10 -4.71 14.20
CA ALA C 379 49.46 -5.95 13.82
C ALA C 379 47.99 -5.95 14.20
N ALA C 380 47.14 -6.44 13.30
CA ALA C 380 45.73 -6.61 13.63
C ALA C 380 45.55 -7.76 14.62
N ASP C 381 44.55 -7.62 15.48
CA ASP C 381 44.09 -8.71 16.35
C ASP C 381 43.10 -9.56 15.55
N LEU C 382 43.55 -10.70 15.05
CA LEU C 382 42.72 -11.45 14.11
C LEU C 382 41.52 -12.13 14.75
N LYS C 383 41.64 -12.62 15.99
CA LYS C 383 40.46 -13.23 16.61
C LYS C 383 39.35 -12.22 16.87
N SER C 384 39.69 -11.02 17.34
CA SER C 384 38.67 -9.99 17.53
C SER C 384 38.14 -9.45 16.21
N THR C 385 39.03 -9.16 15.27
CA THR C 385 38.59 -8.69 13.97
C THR C 385 37.69 -9.70 13.29
N GLN C 386 38.07 -10.98 13.34
CA GLN C 386 37.27 -12.03 12.73
C GLN C 386 35.92 -12.17 13.42
N ASN C 387 35.92 -12.11 14.74
CA ASN C 387 34.67 -12.08 15.49
C ASN C 387 33.77 -10.92 15.09
N ALA C 388 34.34 -9.73 14.93
CA ALA C 388 33.56 -8.58 14.51
C ALA C 388 33.00 -8.78 13.10
N ILE C 389 33.85 -9.11 12.14
CA ILE C 389 33.40 -9.22 10.76
C ILE C 389 32.43 -10.36 10.59
N ASP C 390 32.46 -11.37 11.45
CA ASP C 390 31.39 -12.36 11.44
C ASP C 390 30.04 -11.70 11.64
N LYS C 391 29.91 -10.90 12.69
CA LYS C 391 28.65 -10.25 13.01
C LYS C 391 28.30 -9.11 12.04
N ILE C 392 29.29 -8.33 11.61
CA ILE C 392 29.05 -7.29 10.61
C ILE C 392 28.60 -7.86 9.27
N THR C 393 29.18 -8.98 8.84
CA THR C 393 28.70 -9.61 7.61
C THR C 393 27.26 -10.07 7.75
N ASN C 394 26.93 -10.69 8.87
CA ASN C 394 25.53 -11.08 9.11
C ASN C 394 24.62 -9.87 9.18
N LYS C 395 25.10 -8.75 9.71
CA LYS C 395 24.26 -7.54 9.76
C LYS C 395 23.87 -7.08 8.37
N VAL C 396 24.84 -6.67 7.55
CA VAL C 396 24.50 -6.15 6.23
C VAL C 396 23.81 -7.20 5.39
N ASN C 397 24.13 -8.48 5.61
CA ASN C 397 23.41 -9.54 4.91
C ASN C 397 21.95 -9.66 5.34
N SER C 398 21.66 -9.52 6.63
CA SER C 398 20.26 -9.59 7.07
C SER C 398 19.39 -8.54 6.41
N VAL C 399 19.95 -7.36 6.15
CA VAL C 399 19.23 -6.30 5.45
C VAL C 399 18.87 -6.68 4.03
N ILE C 400 19.61 -7.59 3.42
CA ILE C 400 19.38 -7.99 2.02
C ILE C 400 18.61 -9.29 1.91
N GLU C 401 18.96 -10.27 2.74
CA GLU C 401 18.41 -11.62 2.66
C GLU C 401 16.93 -11.69 3.04
N LYS C 402 16.51 -10.89 4.00
CA LYS C 402 15.12 -10.87 4.45
C LYS C 402 14.21 -10.01 3.58
N MET C 403 14.64 -9.59 2.39
CA MET C 403 13.83 -8.66 1.62
C MET C 403 12.53 -9.28 1.11
N ASN C 404 12.49 -10.58 0.85
CA ASN C 404 11.29 -11.23 0.29
C ASN C 404 10.84 -10.62 -1.05
N THR C 405 11.77 -10.51 -2.00
CA THR C 405 11.41 -10.08 -3.34
C THR C 405 10.60 -11.17 -4.06
N GLN C 406 9.62 -10.77 -4.85
CA GLN C 406 8.80 -11.74 -5.57
C GLN C 406 8.26 -11.16 -6.86
N PHE C 407 7.99 -12.07 -7.81
CA PHE C 407 7.79 -11.74 -9.22
C PHE C 407 6.57 -10.86 -9.47
N THR C 408 6.78 -9.73 -10.13
CA THR C 408 5.80 -8.66 -10.23
C THR C 408 6.02 -7.93 -11.55
N ALA C 409 5.08 -7.09 -11.92
CA ALA C 409 5.26 -6.16 -13.04
C ALA C 409 4.58 -4.85 -12.69
N VAL C 410 5.39 -3.85 -12.33
CA VAL C 410 4.88 -2.69 -11.60
C VAL C 410 4.09 -1.74 -12.49
N GLY C 411 4.51 -1.53 -13.73
CA GLY C 411 3.78 -0.63 -14.61
C GLY C 411 2.54 -1.29 -15.19
N LYS C 412 1.45 -0.52 -15.26
CA LYS C 412 0.17 -1.03 -15.70
C LYS C 412 -0.52 0.03 -16.54
N GLU C 413 -1.50 -0.42 -17.32
CA GLU C 413 -2.02 0.35 -18.44
C GLU C 413 -3.50 0.65 -18.30
N PHE C 414 -3.87 1.91 -18.44
CA PHE C 414 -5.24 2.37 -18.29
C PHE C 414 -5.54 3.35 -19.41
N ASN C 415 -6.75 3.30 -19.94
CA ASN C 415 -7.08 3.99 -21.18
C ASN C 415 -7.62 5.40 -20.95
N HIS C 416 -8.20 5.96 -22.00
CA HIS C 416 -8.81 7.29 -22.00
C HIS C 416 -9.71 7.58 -20.80
N LEU C 417 -10.64 6.69 -20.48
CA LEU C 417 -11.68 6.92 -19.48
C LEU C 417 -11.62 5.96 -18.29
N GLU C 418 -10.43 5.66 -17.81
CA GLU C 418 -10.25 4.87 -16.59
C GLU C 418 -9.52 5.65 -15.51
N LYS C 419 -9.53 6.98 -15.59
CA LYS C 419 -8.60 7.82 -14.85
C LYS C 419 -8.77 7.75 -13.33
N ARG C 420 -9.94 7.40 -12.82
CA ARG C 420 -10.03 7.15 -11.39
C ARG C 420 -9.16 5.98 -10.97
N ILE C 421 -9.12 4.92 -11.77
CA ILE C 421 -8.29 3.76 -11.48
C ILE C 421 -6.83 4.04 -11.78
N GLU C 422 -6.56 4.76 -12.85
CA GLU C 422 -5.19 5.19 -13.15
C GLU C 422 -4.60 6.01 -12.03
N ASN C 423 -5.35 6.95 -11.46
CA ASN C 423 -4.86 7.69 -10.31
C ASN C 423 -4.78 6.84 -9.06
N LEU C 424 -5.71 5.90 -8.87
CA LEU C 424 -5.63 4.97 -7.76
C LEU C 424 -4.35 4.15 -7.81
N ASN C 425 -4.04 3.62 -8.98
CA ASN C 425 -2.74 2.99 -9.19
C ASN C 425 -1.61 3.91 -8.78
N LYS C 426 -1.64 5.15 -9.26
CA LYS C 426 -0.62 6.13 -8.91
C LYS C 426 -0.53 6.38 -7.41
N LYS C 427 -1.66 6.35 -6.69
CA LYS C 427 -1.61 6.48 -5.24
C LYS C 427 -0.94 5.27 -4.57
N VAL C 428 -1.17 4.07 -5.10
CA VAL C 428 -0.48 2.90 -4.57
C VAL C 428 1.02 3.00 -4.85
N ASP C 429 1.38 3.39 -6.07
CA ASP C 429 2.77 3.42 -6.48
C ASP C 429 3.57 4.42 -5.66
N ASP C 430 3.06 5.64 -5.50
CA ASP C 430 3.74 6.63 -4.68
C ASP C 430 3.58 6.38 -3.18
N GLY C 431 2.59 5.61 -2.77
CA GLY C 431 2.53 5.20 -1.37
C GLY C 431 3.68 4.28 -0.98
N PHE C 432 3.88 3.22 -1.77
CA PHE C 432 5.02 2.33 -1.56
C PHE C 432 6.34 3.04 -1.78
N LEU C 433 6.39 4.02 -2.69
CA LEU C 433 7.58 4.84 -2.79
C LEU C 433 7.83 5.64 -1.52
N ASP C 434 6.83 6.39 -1.08
CA ASP C 434 6.98 7.22 0.12
C ASP C 434 7.33 6.41 1.35
N ILE C 435 6.74 5.23 1.47
CA ILE C 435 7.08 4.31 2.56
C ILE C 435 8.52 3.84 2.44
N TRP C 436 8.92 3.37 1.27
CA TRP C 436 10.23 2.75 1.11
C TRP C 436 11.38 3.72 1.22
N THR C 437 11.24 4.96 0.73
CA THR C 437 12.32 5.91 0.99
C THR C 437 12.38 6.31 2.45
N TYR C 438 11.24 6.57 3.09
CA TYR C 438 11.28 6.94 4.50
C TYR C 438 11.77 5.79 5.37
N ASN C 439 11.33 4.57 5.07
CA ASN C 439 11.85 3.37 5.73
C ASN C 439 13.34 3.21 5.48
N ALA C 440 13.74 3.19 4.22
CA ALA C 440 15.13 2.93 3.87
C ALA C 440 16.06 3.99 4.41
N GLU C 441 15.73 5.27 4.24
CA GLU C 441 16.65 6.33 4.64
C GLU C 441 16.77 6.42 6.16
N LEU C 442 15.68 6.22 6.88
CA LEU C 442 15.79 6.11 8.33
C LEU C 442 16.41 4.78 8.73
N LEU C 443 16.20 3.72 7.95
CA LEU C 443 16.78 2.42 8.28
C LEU C 443 18.30 2.45 8.29
N VAL C 444 18.90 2.95 7.21
CA VAL C 444 20.35 3.04 7.13
C VAL C 444 20.89 4.02 8.14
N LEU C 445 20.14 5.09 8.42
CA LEU C 445 20.56 6.04 9.45
C LEU C 445 20.63 5.39 10.82
N LEU C 446 19.62 4.62 11.19
CA LEU C 446 19.63 3.96 12.48
C LEU C 446 20.74 2.92 12.58
N GLU C 447 20.91 2.09 11.55
CA GLU C 447 21.97 1.08 11.57
C GLU C 447 23.37 1.64 11.37
N ASN C 448 23.53 2.77 10.69
CA ASN C 448 24.83 3.46 10.72
C ASN C 448 25.10 4.06 12.09
N GLU C 449 24.10 4.67 12.71
CA GLU C 449 24.24 5.17 14.06
C GLU C 449 24.62 4.05 15.02
N ARG C 450 24.03 2.87 14.82
CA ARG C 450 24.39 1.70 15.60
C ARG C 450 25.83 1.28 15.33
N THR C 451 26.16 0.93 14.09
CA THR C 451 27.45 0.31 13.80
C THR C 451 28.61 1.24 14.10
N LEU C 452 28.47 2.53 13.83
CA LEU C 452 29.59 3.44 14.03
C LEU C 452 29.85 3.74 15.49
N ASP C 453 28.95 3.36 16.38
CA ASP C 453 29.27 3.24 17.80
C ASP C 453 29.51 1.80 18.21
N TYR C 454 29.01 0.85 17.43
CA TYR C 454 29.34 -0.56 17.62
C TYR C 454 30.84 -0.78 17.56
N HIS C 455 31.51 -0.15 16.60
CA HIS C 455 32.95 -0.23 16.53
C HIS C 455 33.59 0.35 17.79
N ASP C 456 33.21 1.58 18.16
CA ASP C 456 33.80 2.20 19.34
C ASP C 456 33.55 1.39 20.61
N SER C 457 32.39 0.76 20.71
CA SER C 457 32.14 -0.10 21.88
C SER C 457 32.95 -1.40 21.84
N ASN C 458 33.14 -1.99 20.65
CA ASN C 458 34.03 -3.15 20.55
C ASN C 458 35.47 -2.82 20.86
N VAL C 459 35.96 -1.68 20.37
CA VAL C 459 37.32 -1.24 20.68
C VAL C 459 37.47 -0.97 22.17
N LYS C 460 36.50 -0.26 22.74
CA LYS C 460 36.52 -0.01 24.18
C LYS C 460 36.53 -1.29 24.97
N ASN C 461 35.65 -2.23 24.61
CA ASN C 461 35.63 -3.53 25.28
C ASN C 461 36.95 -4.28 25.12
N LEU C 462 37.59 -4.15 23.96
CA LEU C 462 38.94 -4.71 23.80
C LEU C 462 39.96 -4.01 24.69
N TYR C 463 39.84 -2.69 24.88
CA TYR C 463 40.68 -2.02 25.85
C TYR C 463 40.42 -2.54 27.26
N GLU C 464 39.15 -2.62 27.64
CA GLU C 464 38.80 -3.20 28.94
C GLU C 464 39.35 -4.61 29.09
N LYS C 465 39.30 -5.40 28.02
CA LYS C 465 39.85 -6.75 28.04
C LYS C 465 41.35 -6.76 28.25
N VAL C 466 42.03 -5.66 27.94
CA VAL C 466 43.42 -5.51 28.36
C VAL C 466 43.52 -5.03 29.81
N ARG C 467 42.59 -4.20 30.26
CA ARG C 467 42.53 -3.86 31.68
C ARG C 467 42.38 -5.10 32.56
N ASN C 468 41.75 -6.15 32.06
CA ASN C 468 41.61 -7.39 32.81
C ASN C 468 42.93 -8.10 33.07
N GLN C 469 44.02 -7.72 32.41
CA GLN C 469 45.35 -7.94 32.98
C GLN C 469 45.86 -6.70 33.70
N LEU C 470 45.95 -5.59 32.97
CA LEU C 470 46.55 -4.34 33.46
C LEU C 470 45.55 -3.58 34.34
N LYS C 471 45.21 -4.20 35.47
CA LYS C 471 44.28 -3.59 36.41
C LYS C 471 44.93 -2.43 37.16
N ASN C 472 46.20 -2.58 37.52
CA ASN C 472 46.97 -1.55 38.21
C ASN C 472 48.34 -1.30 37.62
N ASN C 473 48.88 -2.22 36.81
CA ASN C 473 50.31 -2.28 36.52
C ASN C 473 50.67 -1.57 35.22
N ALA C 474 49.84 -0.65 34.75
CA ALA C 474 50.25 0.23 33.66
C ALA C 474 49.60 1.59 33.82
N LYS C 475 50.33 2.62 33.35
CA LYS C 475 49.82 3.98 33.27
C LYS C 475 48.98 4.13 32.02
N GLU C 476 47.67 4.26 32.18
CA GLU C 476 46.84 4.73 31.07
C GLU C 476 47.09 6.20 30.82
N ILE C 477 47.01 6.58 29.54
CA ILE C 477 47.10 7.97 29.12
C ILE C 477 45.88 8.31 28.30
N GLY C 478 45.47 9.57 28.36
CA GLY C 478 44.24 10.03 27.74
C GLY C 478 44.15 9.90 26.23
N ASN C 479 45.22 9.46 25.57
CA ASN C 479 45.14 9.11 24.16
C ASN C 479 44.46 7.77 23.90
N GLY C 480 44.21 6.96 24.91
CA GLY C 480 43.76 5.62 24.69
C GLY C 480 44.94 4.69 24.45
N CYS C 481 45.88 4.68 25.39
CA CYS C 481 47.09 3.89 25.23
C CYS C 481 47.70 3.61 26.60
N PHE C 482 48.65 2.68 26.63
CA PHE C 482 49.38 2.29 27.83
C PHE C 482 50.85 2.64 27.74
N GLU C 483 51.41 2.99 28.90
CA GLU C 483 52.83 2.82 29.20
C GLU C 483 52.97 1.65 30.17
N PHE C 484 53.73 0.63 29.81
CA PHE C 484 54.01 -0.45 30.74
C PHE C 484 55.15 -0.06 31.67
N TYR C 485 54.99 -0.38 32.96
CA TYR C 485 55.90 0.13 33.98
C TYR C 485 57.25 -0.56 34.03
N HIS C 486 57.51 -1.63 33.27
CA HIS C 486 58.87 -2.15 33.25
C HIS C 486 59.18 -2.79 31.91
N LYS C 487 60.48 -2.93 31.65
CA LYS C 487 60.97 -3.46 30.38
C LYS C 487 60.63 -4.93 30.19
N CYS C 488 60.29 -5.29 28.96
CA CYS C 488 59.95 -6.66 28.63
C CYS C 488 60.23 -6.91 27.15
N ASP C 489 60.45 -8.18 26.83
CA ASP C 489 60.59 -8.64 25.45
C ASP C 489 59.22 -8.73 24.77
N ASN C 490 59.20 -9.34 23.59
CA ASN C 490 57.95 -9.72 22.93
C ASN C 490 57.05 -10.58 23.80
N THR C 491 57.59 -11.22 24.84
CA THR C 491 56.76 -11.93 25.80
C THR C 491 55.72 -11.04 26.47
N CYS C 492 55.89 -9.72 26.44
CA CYS C 492 54.81 -8.81 26.80
C CYS C 492 53.60 -8.99 25.89
N MET C 493 53.79 -8.92 24.58
CA MET C 493 52.68 -9.14 23.67
C MET C 493 52.20 -10.58 23.73
N GLU C 494 53.08 -11.53 24.03
CA GLU C 494 52.62 -12.89 24.28
C GLU C 494 51.64 -12.92 25.46
N SER C 495 51.96 -12.18 26.53
CA SER C 495 51.07 -12.12 27.69
C SER C 495 49.71 -11.50 27.37
N VAL C 496 49.68 -10.48 26.51
CA VAL C 496 48.42 -9.87 26.13
C VAL C 496 47.63 -10.78 25.19
N LYS C 497 48.26 -11.26 24.12
CA LYS C 497 47.50 -12.03 23.15
C LYS C 497 46.88 -13.26 23.77
N ASN C 498 47.55 -13.85 24.77
CA ASN C 498 47.03 -15.02 25.47
C ASN C 498 46.59 -14.69 26.91
N GLY C 499 46.38 -13.41 27.22
CA GLY C 499 45.71 -13.05 28.44
C GLY C 499 46.34 -13.54 29.73
N THR C 500 47.60 -13.97 29.69
CA THR C 500 48.25 -14.66 30.81
C THR C 500 49.41 -13.79 31.26
N TYR C 501 49.38 -13.33 32.51
CA TYR C 501 50.09 -12.12 32.88
C TYR C 501 50.86 -12.21 34.20
N ASP C 502 50.51 -13.11 35.11
CA ASP C 502 51.31 -13.38 36.31
C ASP C 502 51.65 -12.10 37.07
N TYR C 503 50.67 -11.22 37.18
CA TYR C 503 50.84 -9.84 37.62
C TYR C 503 51.88 -9.59 38.71
N PRO C 504 51.78 -10.25 39.87
CA PRO C 504 52.52 -9.76 41.05
C PRO C 504 54.04 -9.76 40.94
N LYS C 505 54.63 -10.70 40.19
CA LYS C 505 56.06 -10.60 39.92
C LYS C 505 56.43 -9.31 39.21
N TYR C 506 55.65 -8.95 38.19
CA TYR C 506 55.94 -7.81 37.33
C TYR C 506 55.75 -6.47 38.04
N SER C 507 54.95 -6.41 39.11
CA SER C 507 54.90 -5.22 39.94
C SER C 507 56.26 -4.90 40.56
N GLU C 508 57.08 -5.91 40.83
CA GLU C 508 58.35 -5.66 41.51
C GLU C 508 59.36 -4.97 40.60
N GLU C 509 59.35 -5.25 39.31
CA GLU C 509 60.14 -4.44 38.38
C GLU C 509 59.48 -3.08 38.15
N ALA C 510 58.15 -3.05 38.10
CA ALA C 510 57.43 -1.78 38.01
C ALA C 510 57.61 -0.92 39.25
N LYS C 511 58.05 -1.51 40.36
CA LYS C 511 57.94 -0.88 41.67
C LYS C 511 58.39 0.58 41.68
N LEU C 512 59.65 0.84 41.33
CA LEU C 512 60.18 2.20 41.41
C LEU C 512 59.50 3.17 40.46
N ASN C 513 59.09 2.69 39.29
CA ASN C 513 58.41 3.56 38.32
C ASN C 513 56.97 3.84 38.70
N ARG C 514 56.33 2.94 39.46
CA ARG C 514 55.09 3.29 40.13
C ARG C 514 55.34 4.21 41.33
N GLU C 515 56.44 3.98 42.06
CA GLU C 515 56.81 4.85 43.18
C GLU C 515 57.39 6.16 42.66
#